data_7RUH
# 
_entry.id   7RUH 
# 
_audit_conform.dict_name       mmcif_pdbx.dic 
_audit_conform.dict_version    5.398 
_audit_conform.dict_location   http://mmcif.pdb.org/dictionaries/ascii/mmcif_pdbx.dic 
# 
loop_
_database_2.database_id 
_database_2.database_code 
_database_2.pdbx_database_accession 
_database_2.pdbx_DOI 
PDB   7RUH         pdb_00007ruh 10.2210/pdb7ruh/pdb 
WWPDB D_1000258631 ?            ?                   
# 
loop_
_pdbx_audit_revision_history.ordinal 
_pdbx_audit_revision_history.data_content_type 
_pdbx_audit_revision_history.major_revision 
_pdbx_audit_revision_history.minor_revision 
_pdbx_audit_revision_history.revision_date 
1 'Structure model' 1 0 2022-08-24 
2 'Structure model' 1 1 2023-10-18 
3 'Structure model' 1 2 2024-11-06 
# 
_pdbx_audit_revision_details.ordinal             1 
_pdbx_audit_revision_details.revision_ordinal    1 
_pdbx_audit_revision_details.data_content_type   'Structure model' 
_pdbx_audit_revision_details.provider            repository 
_pdbx_audit_revision_details.type                'Initial release' 
_pdbx_audit_revision_details.description         ? 
_pdbx_audit_revision_details.details             ? 
# 
loop_
_pdbx_audit_revision_group.ordinal 
_pdbx_audit_revision_group.revision_ordinal 
_pdbx_audit_revision_group.data_content_type 
_pdbx_audit_revision_group.group 
1 2 'Structure model' 'Data collection'        
2 2 'Structure model' 'Refinement description' 
3 3 'Structure model' 'Structure summary'      
# 
loop_
_pdbx_audit_revision_category.ordinal 
_pdbx_audit_revision_category.revision_ordinal 
_pdbx_audit_revision_category.data_content_type 
_pdbx_audit_revision_category.category 
1 2 'Structure model' chem_comp_atom                
2 2 'Structure model' chem_comp_bond                
3 2 'Structure model' pdbx_initial_refinement_model 
4 3 'Structure model' pdbx_entry_details            
5 3 'Structure model' pdbx_modification_feature     
# 
_pdbx_audit_revision_item.ordinal             1 
_pdbx_audit_revision_item.revision_ordinal    3 
_pdbx_audit_revision_item.data_content_type   'Structure model' 
_pdbx_audit_revision_item.item                '_pdbx_entry_details.has_protein_modification' 
# 
_pdbx_database_status.status_code                     REL 
_pdbx_database_status.status_code_sf                  REL 
_pdbx_database_status.status_code_mr                  ? 
_pdbx_database_status.entry_id                        7RUH 
_pdbx_database_status.recvd_initial_deposition_date   2021-08-17 
_pdbx_database_status.SG_entry                        N 
_pdbx_database_status.deposit_site                    RCSB 
_pdbx_database_status.process_site                    RCSB 
_pdbx_database_status.status_code_cs                  ? 
_pdbx_database_status.status_code_nmr_data            ? 
_pdbx_database_status.methods_development_category    ? 
_pdbx_database_status.pdb_format_compatible           Y 
# 
loop_
_pdbx_database_related.db_name 
_pdbx_database_related.details 
_pdbx_database_related.db_id 
_pdbx_database_related.content_type 
PDB 'BD1 bound to analog' 7JKX unspecified 
PDB 'BD1 bound to analog' 7JKW unspecified 
PDB 'BD1 bound to analog' 7JKY unspecified 
PDB 'BD2 bound to analog' 7JKZ unspecified 
# 
loop_
_audit_author.name 
_audit_author.pdbx_ordinal 
_audit_author.identifier_ORCID 
'Ratia, K.M.'      1 0000-0002-4834-9207 
'Xiong, R.'        2 0000-0002-6350-9037 
'Li, Y.'           3 0000-0002-4780-6154 
'Shen, Z.'         4 ?                   
'Zhao, J.'         5 ?                   
'Huang, F.'        6 ?                   
'Dubrovyskyii, O.' 7 ?                   
'Thatcher, G.R.'   8 0000-0002-7757-1739 
# 
_citation.abstract                  ? 
_citation.abstract_id_CAS           ? 
_citation.book_id_ISBN              ? 
_citation.book_publisher            ? 
_citation.book_publisher_city       ? 
_citation.book_title                ? 
_citation.coordinate_linkage        ? 
_citation.country                   ? 
_citation.database_id_Medline       ? 
_citation.details                   ? 
_citation.id                        primary 
_citation.journal_abbrev            'To Be Published' 
_citation.journal_id_ASTM           ? 
_citation.journal_id_CSD            0353 
_citation.journal_id_ISSN           ? 
_citation.journal_full              ? 
_citation.journal_issue             ? 
_citation.journal_volume            ? 
_citation.language                  ? 
_citation.page_first                ? 
_citation.page_last                 ? 
_citation.title                     'Bromodomain-containing protein 4 (BRD4) bromodomain 2 (BD2) complexed with XR844' 
_citation.year                      ? 
_citation.database_id_CSD           ? 
_citation.pdbx_database_id_DOI      ? 
_citation.pdbx_database_id_PubMed   ? 
_citation.pdbx_database_id_patent   ? 
_citation.unpublished_flag          ? 
# 
loop_
_citation_author.citation_id 
_citation_author.name 
_citation_author.ordinal 
_citation_author.identifier_ORCID 
primary 'Xiong, R.'        1 0000-0002-6350-9037 
primary 'Ratia, K.M.'      2 0000-0002-4834-9207 
primary 'Li, Y.'           3 0000-0002-4780-6154 
primary 'Shen, Z.'         4 ?                   
primary 'Zhao, J.'         5 ?                   
primary 'Huang, F.'        6 ?                   
primary 'Dubrovyskyii, O.' 7 ?                   
primary 'Thatcher, G.R.'   8 0000-0002-7757-1739 
# 
loop_
_entity.id 
_entity.type 
_entity.src_method 
_entity.pdbx_description 
_entity.formula_weight 
_entity.pdbx_number_of_molecules 
_entity.pdbx_ec 
_entity.pdbx_mutation 
_entity.pdbx_fragment 
_entity.details 
1 polymer     man 'Bromodomain-containing protein 4' 15212.566 1  ? ? 'bromodomain 2 (UNP residues 333-460)' ? 
2 non-polymer syn 
;N-{1-[1,1-di(pyridin-2-yl)ethyl]-6-(5-{[(2-fluorophenyl)carbamoyl]amino}-1-methyl-6-oxo-1,6-dihydropyridin-3-yl)-1H-indol-4-yl}-2,2,2-trifluoroethane-1-sulfonamide
;
719.708   1  ? ? ?                                      ? 
3 water       nat water 18.015    63 ? ? ?                                      ? 
# 
_entity_name_com.entity_id   1 
_entity_name_com.name        'Protein HUNK1' 
# 
_entity_poly.entity_id                      1 
_entity_poly.type                           'polypeptide(L)' 
_entity_poly.nstd_linkage                   no 
_entity_poly.nstd_monomer                   yes 
_entity_poly.pdbx_seq_one_letter_code       
;SMKDVPDSQQHPAPEKSSKVSEQLK(CME)CSGILKEMFAKKHAAYAWPFYKPVDVEALGLHDY(CME)DIIKHPMDMST
IKSKLEAREYRDAQEFGADVRLMFSNCYKYNPPDHEVVAMARKLQDVFEMRFAKMPDE
;
_entity_poly.pdbx_seq_one_letter_code_can   
;SMKDVPDSQQHPAPEKSSKVSEQLKCCSGILKEMFAKKHAAYAWPFYKPVDVEALGLHDYCDIIKHPMDMSTIKSKLEAR
EYRDAQEFGADVRLMFSNCYKYNPPDHEVVAMARKLQDVFEMRFAKMPDE
;
_entity_poly.pdbx_strand_id                 A 
_entity_poly.pdbx_target_identifier         ? 
# 
loop_
_pdbx_entity_nonpoly.entity_id 
_pdbx_entity_nonpoly.name 
_pdbx_entity_nonpoly.comp_id 
2 
;N-{1-[1,1-di(pyridin-2-yl)ethyl]-6-(5-{[(2-fluorophenyl)carbamoyl]amino}-1-methyl-6-oxo-1,6-dihydropyridin-3-yl)-1H-indol-4-yl}-2,2,2-trifluoroethane-1-sulfonamide
;
7QZ 
3 water HOH 
# 
loop_
_entity_poly_seq.entity_id 
_entity_poly_seq.num 
_entity_poly_seq.mon_id 
_entity_poly_seq.hetero 
1 1   SER n 
1 2   MET n 
1 3   LYS n 
1 4   ASP n 
1 5   VAL n 
1 6   PRO n 
1 7   ASP n 
1 8   SER n 
1 9   GLN n 
1 10  GLN n 
1 11  HIS n 
1 12  PRO n 
1 13  ALA n 
1 14  PRO n 
1 15  GLU n 
1 16  LYS n 
1 17  SER n 
1 18  SER n 
1 19  LYS n 
1 20  VAL n 
1 21  SER n 
1 22  GLU n 
1 23  GLN n 
1 24  LEU n 
1 25  LYS n 
1 26  CME n 
1 27  CYS n 
1 28  SER n 
1 29  GLY n 
1 30  ILE n 
1 31  LEU n 
1 32  LYS n 
1 33  GLU n 
1 34  MET n 
1 35  PHE n 
1 36  ALA n 
1 37  LYS n 
1 38  LYS n 
1 39  HIS n 
1 40  ALA n 
1 41  ALA n 
1 42  TYR n 
1 43  ALA n 
1 44  TRP n 
1 45  PRO n 
1 46  PHE n 
1 47  TYR n 
1 48  LYS n 
1 49  PRO n 
1 50  VAL n 
1 51  ASP n 
1 52  VAL n 
1 53  GLU n 
1 54  ALA n 
1 55  LEU n 
1 56  GLY n 
1 57  LEU n 
1 58  HIS n 
1 59  ASP n 
1 60  TYR n 
1 61  CME n 
1 62  ASP n 
1 63  ILE n 
1 64  ILE n 
1 65  LYS n 
1 66  HIS n 
1 67  PRO n 
1 68  MET n 
1 69  ASP n 
1 70  MET n 
1 71  SER n 
1 72  THR n 
1 73  ILE n 
1 74  LYS n 
1 75  SER n 
1 76  LYS n 
1 77  LEU n 
1 78  GLU n 
1 79  ALA n 
1 80  ARG n 
1 81  GLU n 
1 82  TYR n 
1 83  ARG n 
1 84  ASP n 
1 85  ALA n 
1 86  GLN n 
1 87  GLU n 
1 88  PHE n 
1 89  GLY n 
1 90  ALA n 
1 91  ASP n 
1 92  VAL n 
1 93  ARG n 
1 94  LEU n 
1 95  MET n 
1 96  PHE n 
1 97  SER n 
1 98  ASN n 
1 99  CYS n 
1 100 TYR n 
1 101 LYS n 
1 102 TYR n 
1 103 ASN n 
1 104 PRO n 
1 105 PRO n 
1 106 ASP n 
1 107 HIS n 
1 108 GLU n 
1 109 VAL n 
1 110 VAL n 
1 111 ALA n 
1 112 MET n 
1 113 ALA n 
1 114 ARG n 
1 115 LYS n 
1 116 LEU n 
1 117 GLN n 
1 118 ASP n 
1 119 VAL n 
1 120 PHE n 
1 121 GLU n 
1 122 MET n 
1 123 ARG n 
1 124 PHE n 
1 125 ALA n 
1 126 LYS n 
1 127 MET n 
1 128 PRO n 
1 129 ASP n 
1 130 GLU n 
# 
_entity_src_gen.entity_id                          1 
_entity_src_gen.pdbx_src_id                        1 
_entity_src_gen.pdbx_alt_source_flag               sample 
_entity_src_gen.pdbx_seq_type                      'Biological sequence' 
_entity_src_gen.pdbx_beg_seq_num                   1 
_entity_src_gen.pdbx_end_seq_num                   130 
_entity_src_gen.gene_src_common_name               Human 
_entity_src_gen.gene_src_genus                     ? 
_entity_src_gen.pdbx_gene_src_gene                 'BRD4, HUNK1' 
_entity_src_gen.gene_src_species                   ? 
_entity_src_gen.gene_src_strain                    ? 
_entity_src_gen.gene_src_tissue                    ? 
_entity_src_gen.gene_src_tissue_fraction           ? 
_entity_src_gen.gene_src_details                   ? 
_entity_src_gen.pdbx_gene_src_fragment             ? 
_entity_src_gen.pdbx_gene_src_scientific_name      'Homo sapiens' 
_entity_src_gen.pdbx_gene_src_ncbi_taxonomy_id     9606 
_entity_src_gen.pdbx_gene_src_variant              ? 
_entity_src_gen.pdbx_gene_src_cell_line            ? 
_entity_src_gen.pdbx_gene_src_atcc                 ? 
_entity_src_gen.pdbx_gene_src_organ                ? 
_entity_src_gen.pdbx_gene_src_organelle            ? 
_entity_src_gen.pdbx_gene_src_cell                 ? 
_entity_src_gen.pdbx_gene_src_cellular_location    ? 
_entity_src_gen.host_org_common_name               ? 
_entity_src_gen.pdbx_host_org_scientific_name      'Escherichia coli' 
_entity_src_gen.pdbx_host_org_ncbi_taxonomy_id     562 
_entity_src_gen.host_org_genus                     ? 
_entity_src_gen.pdbx_host_org_gene                 ? 
_entity_src_gen.pdbx_host_org_organ                ? 
_entity_src_gen.host_org_species                   ? 
_entity_src_gen.pdbx_host_org_tissue               ? 
_entity_src_gen.pdbx_host_org_tissue_fraction      ? 
_entity_src_gen.pdbx_host_org_strain               ? 
_entity_src_gen.pdbx_host_org_variant              ? 
_entity_src_gen.pdbx_host_org_cell_line            ? 
_entity_src_gen.pdbx_host_org_atcc                 ? 
_entity_src_gen.pdbx_host_org_culture_collection   ? 
_entity_src_gen.pdbx_host_org_cell                 ? 
_entity_src_gen.pdbx_host_org_organelle            ? 
_entity_src_gen.pdbx_host_org_cellular_location    ? 
_entity_src_gen.pdbx_host_org_vector_type          ? 
_entity_src_gen.pdbx_host_org_vector               ? 
_entity_src_gen.host_org_details                   ? 
_entity_src_gen.expression_system_id               ? 
_entity_src_gen.plasmid_name                       ? 
_entity_src_gen.plasmid_details                    ? 
_entity_src_gen.pdbx_description                   ? 
# 
loop_
_chem_comp.id 
_chem_comp.type 
_chem_comp.mon_nstd_flag 
_chem_comp.name 
_chem_comp.pdbx_synonyms 
_chem_comp.formula 
_chem_comp.formula_weight 
7QZ non-polymer         . 
;N-{1-[1,1-di(pyridin-2-yl)ethyl]-6-(5-{[(2-fluorophenyl)carbamoyl]amino}-1-methyl-6-oxo-1,6-dihydropyridin-3-yl)-1H-indol-4-yl}-2,2,2-trifluoroethane-1-sulfonamide
;
? 'C35 H29 F4 N7 O4 S' 719.708 
ALA 'L-peptide linking' y ALANINE ? 'C3 H7 N O2'         89.093  
ARG 'L-peptide linking' y ARGININE ? 'C6 H15 N4 O2 1'     175.209 
ASN 'L-peptide linking' y ASPARAGINE ? 'C4 H8 N2 O3'        132.118 
ASP 'L-peptide linking' y 'ASPARTIC ACID' ? 'C4 H7 N O4'         133.103 
CME 'L-peptide linking' n 'S,S-(2-HYDROXYETHYL)THIOCYSTEINE' ? 'C5 H11 N O3 S2'     197.276 
CYS 'L-peptide linking' y CYSTEINE ? 'C3 H7 N O2 S'       121.158 
GLN 'L-peptide linking' y GLUTAMINE ? 'C5 H10 N2 O3'       146.144 
GLU 'L-peptide linking' y 'GLUTAMIC ACID' ? 'C5 H9 N O4'         147.129 
GLY 'peptide linking'   y GLYCINE ? 'C2 H5 N O2'         75.067  
HIS 'L-peptide linking' y HISTIDINE ? 'C6 H10 N3 O2 1'     156.162 
HOH non-polymer         . WATER ? 'H2 O'               18.015  
ILE 'L-peptide linking' y ISOLEUCINE ? 'C6 H13 N O2'        131.173 
LEU 'L-peptide linking' y LEUCINE ? 'C6 H13 N O2'        131.173 
LYS 'L-peptide linking' y LYSINE ? 'C6 H15 N2 O2 1'     147.195 
MET 'L-peptide linking' y METHIONINE ? 'C5 H11 N O2 S'      149.211 
PHE 'L-peptide linking' y PHENYLALANINE ? 'C9 H11 N O2'        165.189 
PRO 'L-peptide linking' y PROLINE ? 'C5 H9 N O2'         115.130 
SER 'L-peptide linking' y SERINE ? 'C3 H7 N O3'         105.093 
THR 'L-peptide linking' y THREONINE ? 'C4 H9 N O3'         119.119 
TRP 'L-peptide linking' y TRYPTOPHAN ? 'C11 H12 N2 O2'      204.225 
TYR 'L-peptide linking' y TYROSINE ? 'C9 H11 N O3'        181.189 
VAL 'L-peptide linking' y VALINE ? 'C5 H11 N O2'        117.146 
# 
loop_
_pdbx_poly_seq_scheme.asym_id 
_pdbx_poly_seq_scheme.entity_id 
_pdbx_poly_seq_scheme.seq_id 
_pdbx_poly_seq_scheme.mon_id 
_pdbx_poly_seq_scheme.ndb_seq_num 
_pdbx_poly_seq_scheme.pdb_seq_num 
_pdbx_poly_seq_scheme.auth_seq_num 
_pdbx_poly_seq_scheme.pdb_mon_id 
_pdbx_poly_seq_scheme.auth_mon_id 
_pdbx_poly_seq_scheme.pdb_strand_id 
_pdbx_poly_seq_scheme.pdb_ins_code 
_pdbx_poly_seq_scheme.hetero 
A 1 1   SER 1   331 ?   ?   ?   A . n 
A 1 2   MET 2   332 ?   ?   ?   A . n 
A 1 3   LYS 3   333 ?   ?   ?   A . n 
A 1 4   ASP 4   334 ?   ?   ?   A . n 
A 1 5   VAL 5   335 ?   ?   ?   A . n 
A 1 6   PRO 6   336 ?   ?   ?   A . n 
A 1 7   ASP 7   337 ?   ?   ?   A . n 
A 1 8   SER 8   338 ?   ?   ?   A . n 
A 1 9   GLN 9   339 ?   ?   ?   A . n 
A 1 10  GLN 10  340 ?   ?   ?   A . n 
A 1 11  HIS 11  341 ?   ?   ?   A . n 
A 1 12  PRO 12  342 ?   ?   ?   A . n 
A 1 13  ALA 13  343 ?   ?   ?   A . n 
A 1 14  PRO 14  344 ?   ?   ?   A . n 
A 1 15  GLU 15  345 ?   ?   ?   A . n 
A 1 16  LYS 16  346 ?   ?   ?   A . n 
A 1 17  SER 17  347 ?   ?   ?   A . n 
A 1 18  SER 18  348 348 SER SER A . n 
A 1 19  LYS 19  349 349 LYS LYS A . n 
A 1 20  VAL 20  350 350 VAL VAL A . n 
A 1 21  SER 21  351 351 SER SER A . n 
A 1 22  GLU 22  352 352 GLU GLU A . n 
A 1 23  GLN 23  353 353 GLN GLN A . n 
A 1 24  LEU 24  354 354 LEU LEU A . n 
A 1 25  LYS 25  355 355 LYS LYS A . n 
A 1 26  CME 26  356 356 CME CME A . n 
A 1 27  CYS 27  357 357 CYS CYS A . n 
A 1 28  SER 28  358 358 SER SER A . n 
A 1 29  GLY 29  359 359 GLY GLY A . n 
A 1 30  ILE 30  360 360 ILE ILE A . n 
A 1 31  LEU 31  361 361 LEU LEU A . n 
A 1 32  LYS 32  362 362 LYS LYS A . n 
A 1 33  GLU 33  363 363 GLU GLU A . n 
A 1 34  MET 34  364 364 MET MET A . n 
A 1 35  PHE 35  365 365 PHE PHE A . n 
A 1 36  ALA 36  366 366 ALA ALA A . n 
A 1 37  LYS 37  367 367 LYS LYS A . n 
A 1 38  LYS 38  368 368 LYS LYS A . n 
A 1 39  HIS 39  369 369 HIS HIS A . n 
A 1 40  ALA 40  370 370 ALA ALA A . n 
A 1 41  ALA 41  371 371 ALA ALA A . n 
A 1 42  TYR 42  372 372 TYR TYR A . n 
A 1 43  ALA 43  373 373 ALA ALA A . n 
A 1 44  TRP 44  374 374 TRP TRP A . n 
A 1 45  PRO 45  375 375 PRO PRO A . n 
A 1 46  PHE 46  376 376 PHE PHE A . n 
A 1 47  TYR 47  377 377 TYR TYR A . n 
A 1 48  LYS 48  378 378 LYS LYS A . n 
A 1 49  PRO 49  379 379 PRO PRO A . n 
A 1 50  VAL 50  380 380 VAL VAL A . n 
A 1 51  ASP 51  381 381 ASP ASP A . n 
A 1 52  VAL 52  382 382 VAL VAL A . n 
A 1 53  GLU 53  383 383 GLU GLU A . n 
A 1 54  ALA 54  384 384 ALA ALA A . n 
A 1 55  LEU 55  385 385 LEU LEU A . n 
A 1 56  GLY 56  386 386 GLY GLY A . n 
A 1 57  LEU 57  387 387 LEU LEU A . n 
A 1 58  HIS 58  388 388 HIS HIS A . n 
A 1 59  ASP 59  389 389 ASP ASP A . n 
A 1 60  TYR 60  390 390 TYR TYR A . n 
A 1 61  CME 61  391 391 CME CME A . n 
A 1 62  ASP 62  392 392 ASP ASP A . n 
A 1 63  ILE 63  393 393 ILE ILE A . n 
A 1 64  ILE 64  394 394 ILE ILE A . n 
A 1 65  LYS 65  395 395 LYS LYS A . n 
A 1 66  HIS 66  396 396 HIS HIS A . n 
A 1 67  PRO 67  397 397 PRO PRO A . n 
A 1 68  MET 68  398 398 MET MET A . n 
A 1 69  ASP 69  399 399 ASP ASP A . n 
A 1 70  MET 70  400 400 MET MET A . n 
A 1 71  SER 71  401 401 SER SER A . n 
A 1 72  THR 72  402 402 THR THR A . n 
A 1 73  ILE 73  403 403 ILE ILE A . n 
A 1 74  LYS 74  404 404 LYS LYS A . n 
A 1 75  SER 75  405 405 SER SER A . n 
A 1 76  LYS 76  406 406 LYS LYS A . n 
A 1 77  LEU 77  407 407 LEU LEU A . n 
A 1 78  GLU 78  408 408 GLU GLU A . n 
A 1 79  ALA 79  409 409 ALA ALA A . n 
A 1 80  ARG 80  410 410 ARG ARG A . n 
A 1 81  GLU 81  411 411 GLU GLU A . n 
A 1 82  TYR 82  412 412 TYR TYR A . n 
A 1 83  ARG 83  413 413 ARG ARG A . n 
A 1 84  ASP 84  414 414 ASP ASP A . n 
A 1 85  ALA 85  415 415 ALA ALA A . n 
A 1 86  GLN 86  416 416 GLN GLN A . n 
A 1 87  GLU 87  417 417 GLU GLU A . n 
A 1 88  PHE 88  418 418 PHE PHE A . n 
A 1 89  GLY 89  419 419 GLY GLY A . n 
A 1 90  ALA 90  420 420 ALA ALA A . n 
A 1 91  ASP 91  421 421 ASP ASP A . n 
A 1 92  VAL 92  422 422 VAL VAL A . n 
A 1 93  ARG 93  423 423 ARG ARG A . n 
A 1 94  LEU 94  424 424 LEU LEU A . n 
A 1 95  MET 95  425 425 MET MET A . n 
A 1 96  PHE 96  426 426 PHE PHE A . n 
A 1 97  SER 97  427 427 SER SER A . n 
A 1 98  ASN 98  428 428 ASN ASN A . n 
A 1 99  CYS 99  429 429 CYS CYS A . n 
A 1 100 TYR 100 430 430 TYR TYR A . n 
A 1 101 LYS 101 431 431 LYS LYS A . n 
A 1 102 TYR 102 432 432 TYR TYR A . n 
A 1 103 ASN 103 433 433 ASN ASN A . n 
A 1 104 PRO 104 434 434 PRO PRO A . n 
A 1 105 PRO 105 435 435 PRO PRO A . n 
A 1 106 ASP 106 436 436 ASP ASP A . n 
A 1 107 HIS 107 437 437 HIS HIS A . n 
A 1 108 GLU 108 438 438 GLU GLU A . n 
A 1 109 VAL 109 439 439 VAL VAL A . n 
A 1 110 VAL 110 440 440 VAL VAL A . n 
A 1 111 ALA 111 441 441 ALA ALA A . n 
A 1 112 MET 112 442 442 MET MET A . n 
A 1 113 ALA 113 443 443 ALA ALA A . n 
A 1 114 ARG 114 444 444 ARG ARG A . n 
A 1 115 LYS 115 445 445 LYS LYS A . n 
A 1 116 LEU 116 446 446 LEU LEU A . n 
A 1 117 GLN 117 447 447 GLN GLN A . n 
A 1 118 ASP 118 448 448 ASP ASP A . n 
A 1 119 VAL 119 449 449 VAL VAL A . n 
A 1 120 PHE 120 450 450 PHE PHE A . n 
A 1 121 GLU 121 451 451 GLU GLU A . n 
A 1 122 MET 122 452 452 MET MET A . n 
A 1 123 ARG 123 453 453 ARG ARG A . n 
A 1 124 PHE 124 454 454 PHE PHE A . n 
A 1 125 ALA 125 455 455 ALA ALA A . n 
A 1 126 LYS 126 456 456 LYS LYS A . n 
A 1 127 MET 127 457 457 MET MET A . n 
A 1 128 PRO 128 458 458 PRO PRO A . n 
A 1 129 ASP 129 459 459 ASP ASP A . n 
A 1 130 GLU 130 460 460 GLU GLU A . n 
# 
_pdbx_entity_instance_feature.ordinal        1 
_pdbx_entity_instance_feature.comp_id        7QZ 
_pdbx_entity_instance_feature.asym_id        ? 
_pdbx_entity_instance_feature.seq_num        ? 
_pdbx_entity_instance_feature.auth_comp_id   7QZ 
_pdbx_entity_instance_feature.auth_asym_id   ? 
_pdbx_entity_instance_feature.auth_seq_num   ? 
_pdbx_entity_instance_feature.feature_type   'SUBJECT OF INVESTIGATION' 
_pdbx_entity_instance_feature.details        ? 
# 
loop_
_pdbx_nonpoly_scheme.asym_id 
_pdbx_nonpoly_scheme.entity_id 
_pdbx_nonpoly_scheme.mon_id 
_pdbx_nonpoly_scheme.ndb_seq_num 
_pdbx_nonpoly_scheme.pdb_seq_num 
_pdbx_nonpoly_scheme.auth_seq_num 
_pdbx_nonpoly_scheme.pdb_mon_id 
_pdbx_nonpoly_scheme.auth_mon_id 
_pdbx_nonpoly_scheme.pdb_strand_id 
_pdbx_nonpoly_scheme.pdb_ins_code 
B 2 7QZ 1  501 501 7QZ X44 A . 
C 3 HOH 1  601 55  HOH HOH A . 
C 3 HOH 2  602 52  HOH HOH A . 
C 3 HOH 3  603 58  HOH HOH A . 
C 3 HOH 4  604 39  HOH HOH A . 
C 3 HOH 5  605 42  HOH HOH A . 
C 3 HOH 6  606 1   HOH HOH A . 
C 3 HOH 7  607 31  HOH HOH A . 
C 3 HOH 8  608 29  HOH HOH A . 
C 3 HOH 9  609 4   HOH HOH A . 
C 3 HOH 10 610 61  HOH HOH A . 
C 3 HOH 11 611 21  HOH HOH A . 
C 3 HOH 12 612 3   HOH HOH A . 
C 3 HOH 13 613 35  HOH HOH A . 
C 3 HOH 14 614 30  HOH HOH A . 
C 3 HOH 15 615 22  HOH HOH A . 
C 3 HOH 16 616 27  HOH HOH A . 
C 3 HOH 17 617 20  HOH HOH A . 
C 3 HOH 18 618 28  HOH HOH A . 
C 3 HOH 19 619 40  HOH HOH A . 
C 3 HOH 20 620 13  HOH HOH A . 
C 3 HOH 21 621 54  HOH HOH A . 
C 3 HOH 22 622 57  HOH HOH A . 
C 3 HOH 23 623 45  HOH HOH A . 
C 3 HOH 24 624 44  HOH HOH A . 
C 3 HOH 25 625 8   HOH HOH A . 
C 3 HOH 26 626 9   HOH HOH A . 
C 3 HOH 27 627 16  HOH HOH A . 
C 3 HOH 28 628 62  HOH HOH A . 
C 3 HOH 29 629 10  HOH HOH A . 
C 3 HOH 30 630 5   HOH HOH A . 
C 3 HOH 31 631 41  HOH HOH A . 
C 3 HOH 32 632 7   HOH HOH A . 
C 3 HOH 33 633 12  HOH HOH A . 
C 3 HOH 34 634 47  HOH HOH A . 
C 3 HOH 35 635 23  HOH HOH A . 
C 3 HOH 36 636 26  HOH HOH A . 
C 3 HOH 37 637 18  HOH HOH A . 
C 3 HOH 38 638 43  HOH HOH A . 
C 3 HOH 39 639 25  HOH HOH A . 
C 3 HOH 40 640 17  HOH HOH A . 
C 3 HOH 41 641 11  HOH HOH A . 
C 3 HOH 42 642 24  HOH HOH A . 
C 3 HOH 43 643 36  HOH HOH A . 
C 3 HOH 44 644 2   HOH HOH A . 
C 3 HOH 45 645 6   HOH HOH A . 
C 3 HOH 46 646 51  HOH HOH A . 
C 3 HOH 47 647 49  HOH HOH A . 
C 3 HOH 48 648 38  HOH HOH A . 
C 3 HOH 49 649 64  HOH HOH A . 
C 3 HOH 50 650 34  HOH HOH A . 
C 3 HOH 51 651 14  HOH HOH A . 
C 3 HOH 52 652 15  HOH HOH A . 
C 3 HOH 53 653 37  HOH HOH A . 
C 3 HOH 54 654 50  HOH HOH A . 
C 3 HOH 55 655 48  HOH HOH A . 
C 3 HOH 56 656 33  HOH HOH A . 
C 3 HOH 57 657 60  HOH HOH A . 
C 3 HOH 58 658 53  HOH HOH A . 
C 3 HOH 59 659 46  HOH HOH A . 
C 3 HOH 60 660 63  HOH HOH A . 
C 3 HOH 61 661 59  HOH HOH A . 
C 3 HOH 62 662 32  HOH HOH A . 
C 3 HOH 63 663 56  HOH HOH A . 
# 
loop_
_software.citation_id 
_software.classification 
_software.compiler_name 
_software.compiler_version 
_software.contact_author 
_software.contact_author_email 
_software.date 
_software.description 
_software.dependencies 
_software.hardware 
_software.language 
_software.location 
_software.mods 
_software.name 
_software.os 
_software.os_version 
_software.type 
_software.version 
_software.pdbx_ordinal 
? 'data reduction'  ? ? ? ? ? ? ? ? ? ? ? XDS         ? ? ? .        1 
? 'data scaling'    ? ? ? ? ? ? ? ? ? ? ? Aimless     ? ? ? 0.7.4    2 
? refinement        ? ? ? ? ? ? ? ? ? ? ? REFMAC      ? ? ? 5.8.0258 3 
? 'data extraction' ? ? ? ? ? ? ? ? ? ? ? PDB_EXTRACT ? ? ? 3.27     4 
? phasing           ? ? ? ? ? ? ? ? ? ? ? MOLREP      ? ? ? .        5 
# 
_cell.angle_alpha                  90.000 
_cell.angle_alpha_esd              ? 
_cell.angle_beta                   90.000 
_cell.angle_beta_esd               ? 
_cell.angle_gamma                  90.000 
_cell.angle_gamma_esd              ? 
_cell.entry_id                     7RUH 
_cell.details                      ? 
_cell.formula_units_Z              ? 
_cell.length_a                     32.980 
_cell.length_a_esd                 ? 
_cell.length_b                     53.168 
_cell.length_b_esd                 ? 
_cell.length_c                     72.481 
_cell.length_c_esd                 ? 
_cell.volume                       ? 
_cell.volume_esd                   ? 
_cell.Z_PDB                        4 
_cell.reciprocal_angle_alpha       ? 
_cell.reciprocal_angle_beta        ? 
_cell.reciprocal_angle_gamma       ? 
_cell.reciprocal_angle_alpha_esd   ? 
_cell.reciprocal_angle_beta_esd    ? 
_cell.reciprocal_angle_gamma_esd   ? 
_cell.reciprocal_length_a          ? 
_cell.reciprocal_length_b          ? 
_cell.reciprocal_length_c          ? 
_cell.reciprocal_length_a_esd      ? 
_cell.reciprocal_length_b_esd      ? 
_cell.reciprocal_length_c_esd      ? 
_cell.pdbx_unique_axis             ? 
# 
_symmetry.entry_id                         7RUH 
_symmetry.cell_setting                     ? 
_symmetry.Int_Tables_number                18 
_symmetry.space_group_name_Hall            ? 
_symmetry.space_group_name_H-M             'P 2 21 21' 
_symmetry.pdbx_full_space_group_name_H-M   ? 
# 
_exptl.absorpt_coefficient_mu     ? 
_exptl.absorpt_correction_T_max   ? 
_exptl.absorpt_correction_T_min   ? 
_exptl.absorpt_correction_type    ? 
_exptl.absorpt_process_details    ? 
_exptl.entry_id                   7RUH 
_exptl.crystals_number            1 
_exptl.details                    ? 
_exptl.method                     'X-RAY DIFFRACTION' 
_exptl.method_details             ? 
# 
_exptl_crystal.colour                      ? 
_exptl_crystal.density_diffrn              ? 
_exptl_crystal.density_Matthews            2.09 
_exptl_crystal.density_method              ? 
_exptl_crystal.density_percent_sol         41.11 
_exptl_crystal.description                 ? 
_exptl_crystal.F_000                       ? 
_exptl_crystal.id                          1 
_exptl_crystal.preparation                 ? 
_exptl_crystal.size_max                    ? 
_exptl_crystal.size_mid                    ? 
_exptl_crystal.size_min                    ? 
_exptl_crystal.size_rad                    ? 
_exptl_crystal.colour_lustre               ? 
_exptl_crystal.colour_modifier             ? 
_exptl_crystal.colour_primary              ? 
_exptl_crystal.density_meas                ? 
_exptl_crystal.density_meas_esd            ? 
_exptl_crystal.density_meas_gt             ? 
_exptl_crystal.density_meas_lt             ? 
_exptl_crystal.density_meas_temp           ? 
_exptl_crystal.density_meas_temp_esd       ? 
_exptl_crystal.density_meas_temp_gt        ? 
_exptl_crystal.density_meas_temp_lt        ? 
_exptl_crystal.pdbx_crystal_image_url      ? 
_exptl_crystal.pdbx_crystal_image_format   ? 
_exptl_crystal.pdbx_mosaicity              ? 
_exptl_crystal.pdbx_mosaicity_esd          ? 
# 
_exptl_crystal_grow.apparatus       ? 
_exptl_crystal_grow.atmosphere      ? 
_exptl_crystal_grow.crystal_id      1 
_exptl_crystal_grow.details         ? 
_exptl_crystal_grow.method          'VAPOR DIFFUSION, HANGING DROP' 
_exptl_crystal_grow.method_ref      ? 
_exptl_crystal_grow.pH              ? 
_exptl_crystal_grow.pressure        ? 
_exptl_crystal_grow.pressure_esd    ? 
_exptl_crystal_grow.seeding         ? 
_exptl_crystal_grow.seeding_ref     ? 
_exptl_crystal_grow.temp            289 
_exptl_crystal_grow.temp_details    ? 
_exptl_crystal_grow.temp_esd        ? 
_exptl_crystal_grow.time            ? 
_exptl_crystal_grow.pdbx_details    '0.1 M Bis-Tris, pH 6.5, 26% PEG2000 MME' 
_exptl_crystal_grow.pdbx_pH_range   ? 
# 
_diffrn.ambient_environment              ? 
_diffrn.ambient_temp                     100 
_diffrn.ambient_temp_details             ? 
_diffrn.ambient_temp_esd                 ? 
_diffrn.crystal_id                       1 
_diffrn.crystal_support                  ? 
_diffrn.crystal_treatment                ? 
_diffrn.details                          ? 
_diffrn.id                               1 
_diffrn.ambient_pressure                 ? 
_diffrn.ambient_pressure_esd             ? 
_diffrn.ambient_pressure_gt              ? 
_diffrn.ambient_pressure_lt              ? 
_diffrn.ambient_temp_gt                  ? 
_diffrn.ambient_temp_lt                  ? 
_diffrn.pdbx_serial_crystal_experiment   N 
# 
_diffrn_detector.details                      ? 
_diffrn_detector.detector                     CCD 
_diffrn_detector.diffrn_id                    1 
_diffrn_detector.type                         'RAYONIX MX-300' 
_diffrn_detector.area_resol_mean              ? 
_diffrn_detector.dtime                        ? 
_diffrn_detector.pdbx_frames_total            ? 
_diffrn_detector.pdbx_collection_time_total   ? 
_diffrn_detector.pdbx_collection_date         2021-07-23 
_diffrn_detector.pdbx_frequency               ? 
# 
_diffrn_radiation.collimation                      ? 
_diffrn_radiation.diffrn_id                        1 
_diffrn_radiation.filter_edge                      ? 
_diffrn_radiation.inhomogeneity                    ? 
_diffrn_radiation.monochromator                    ? 
_diffrn_radiation.polarisn_norm                    ? 
_diffrn_radiation.polarisn_ratio                   ? 
_diffrn_radiation.probe                            ? 
_diffrn_radiation.type                             ? 
_diffrn_radiation.xray_symbol                      ? 
_diffrn_radiation.wavelength_id                    1 
_diffrn_radiation.pdbx_monochromatic_or_laue_m_l   M 
_diffrn_radiation.pdbx_wavelength_list             ? 
_diffrn_radiation.pdbx_wavelength                  ? 
_diffrn_radiation.pdbx_diffrn_protocol             'SINGLE WAVELENGTH' 
_diffrn_radiation.pdbx_analyzer                    ? 
_diffrn_radiation.pdbx_scattering_type             x-ray 
# 
_diffrn_radiation_wavelength.id           1 
_diffrn_radiation_wavelength.wavelength   0.9787 
_diffrn_radiation_wavelength.wt           1.0 
# 
_diffrn_source.current                     ? 
_diffrn_source.details                     ? 
_diffrn_source.diffrn_id                   1 
_diffrn_source.power                       ? 
_diffrn_source.size                        ? 
_diffrn_source.source                      SYNCHROTRON 
_diffrn_source.target                      ? 
_diffrn_source.type                        'APS BEAMLINE 21-ID-F' 
_diffrn_source.voltage                     ? 
_diffrn_source.take-off_angle              ? 
_diffrn_source.pdbx_wavelength_list        0.9787 
_diffrn_source.pdbx_wavelength             ? 
_diffrn_source.pdbx_synchrotron_beamline   21-ID-F 
_diffrn_source.pdbx_synchrotron_site       APS 
# 
_reflns.B_iso_Wilson_estimate                          ? 
_reflns.entry_id                                       7RUH 
_reflns.data_reduction_details                         ? 
_reflns.data_reduction_method                          ? 
_reflns.d_resolution_high                              1.700 
_reflns.d_resolution_low                               19.910 
_reflns.details                                        ? 
_reflns.limit_h_max                                    ? 
_reflns.limit_h_min                                    ? 
_reflns.limit_k_max                                    ? 
_reflns.limit_k_min                                    ? 
_reflns.limit_l_max                                    ? 
_reflns.limit_l_min                                    ? 
_reflns.number_all                                     ? 
_reflns.number_obs                                     14416 
_reflns.observed_criterion                             ? 
_reflns.observed_criterion_F_max                       ? 
_reflns.observed_criterion_F_min                       ? 
_reflns.observed_criterion_I_max                       ? 
_reflns.observed_criterion_I_min                       ? 
_reflns.observed_criterion_sigma_F                     ? 
_reflns.observed_criterion_sigma_I                     ? 
_reflns.percent_possible_obs                           99.100 
_reflns.R_free_details                                 ? 
_reflns.Rmerge_F_all                                   ? 
_reflns.Rmerge_F_obs                                   ? 
_reflns.Friedel_coverage                               ? 
_reflns.number_gt                                      ? 
_reflns.threshold_expression                           ? 
_reflns.pdbx_redundancy                                7.100 
_reflns.pdbx_Rmerge_I_obs                              0.040 
_reflns.pdbx_Rmerge_I_all                              ? 
_reflns.pdbx_Rsym_value                                ? 
_reflns.pdbx_netI_over_av_sigmaI                       ? 
_reflns.pdbx_netI_over_sigmaI                          27.800 
_reflns.pdbx_res_netI_over_av_sigmaI_2                 ? 
_reflns.pdbx_res_netI_over_sigmaI_2                    ? 
_reflns.pdbx_chi_squared                               ? 
_reflns.pdbx_scaling_rejects                           ? 
_reflns.pdbx_d_res_high_opt                            ? 
_reflns.pdbx_d_res_low_opt                             ? 
_reflns.pdbx_d_res_opt_method                          ? 
_reflns.phase_calculation_details                      ? 
_reflns.pdbx_Rrim_I_all                                0.043 
_reflns.pdbx_Rpim_I_all                                0.017 
_reflns.pdbx_d_opt                                     ? 
_reflns.pdbx_number_measured_all                       ? 
_reflns.pdbx_diffrn_id                                 1 
_reflns.pdbx_ordinal                                   1 
_reflns.pdbx_CC_half                                   0.999 
_reflns.pdbx_CC_star                                   ? 
_reflns.pdbx_R_split                                   ? 
_reflns.pdbx_aniso_diffraction_limit_axis_1_ortho[1]   ? 
_reflns.pdbx_aniso_diffraction_limit_axis_1_ortho[2]   ? 
_reflns.pdbx_aniso_diffraction_limit_axis_1_ortho[3]   ? 
_reflns.pdbx_aniso_diffraction_limit_axis_2_ortho[1]   ? 
_reflns.pdbx_aniso_diffraction_limit_axis_2_ortho[2]   ? 
_reflns.pdbx_aniso_diffraction_limit_axis_2_ortho[3]   ? 
_reflns.pdbx_aniso_diffraction_limit_axis_3_ortho[1]   ? 
_reflns.pdbx_aniso_diffraction_limit_axis_3_ortho[2]   ? 
_reflns.pdbx_aniso_diffraction_limit_axis_3_ortho[3]   ? 
_reflns.pdbx_aniso_diffraction_limit_1                 ? 
_reflns.pdbx_aniso_diffraction_limit_2                 ? 
_reflns.pdbx_aniso_diffraction_limit_3                 ? 
_reflns.pdbx_aniso_B_tensor_eigenvector_1_ortho[1]     ? 
_reflns.pdbx_aniso_B_tensor_eigenvector_1_ortho[2]     ? 
_reflns.pdbx_aniso_B_tensor_eigenvector_1_ortho[3]     ? 
_reflns.pdbx_aniso_B_tensor_eigenvector_2_ortho[1]     ? 
_reflns.pdbx_aniso_B_tensor_eigenvector_2_ortho[2]     ? 
_reflns.pdbx_aniso_B_tensor_eigenvector_2_ortho[3]     ? 
_reflns.pdbx_aniso_B_tensor_eigenvector_3_ortho[1]     ? 
_reflns.pdbx_aniso_B_tensor_eigenvector_3_ortho[2]     ? 
_reflns.pdbx_aniso_B_tensor_eigenvector_3_ortho[3]     ? 
_reflns.pdbx_aniso_B_tensor_eigenvalue_1               ? 
_reflns.pdbx_aniso_B_tensor_eigenvalue_2               ? 
_reflns.pdbx_aniso_B_tensor_eigenvalue_3               ? 
_reflns.pdbx_orthogonalization_convention              ? 
_reflns.pdbx_percent_possible_ellipsoidal              ? 
_reflns.pdbx_percent_possible_spherical                ? 
_reflns.pdbx_percent_possible_ellipsoidal_anomalous    ? 
_reflns.pdbx_percent_possible_spherical_anomalous      ? 
_reflns.pdbx_redundancy_anomalous                      ? 
_reflns.pdbx_CC_half_anomalous                         ? 
_reflns.pdbx_absDiff_over_sigma_anomalous              ? 
_reflns.pdbx_percent_possible_anomalous                ? 
_reflns.pdbx_observed_signal_threshold                 ? 
_reflns.pdbx_signal_type                               ? 
_reflns.pdbx_signal_details                            ? 
_reflns.pdbx_signal_software_id                        ? 
# 
_reflns_shell.d_res_high                                    1.700 
_reflns_shell.d_res_low                                     1.730 
_reflns_shell.meanI_over_sigI_all                           ? 
_reflns_shell.meanI_over_sigI_obs                           ? 
_reflns_shell.number_measured_all                           ? 
_reflns_shell.number_measured_obs                           ? 
_reflns_shell.number_possible                               ? 
_reflns_shell.number_unique_all                             ? 
_reflns_shell.number_unique_obs                             752 
_reflns_shell.percent_possible_all                          97.100 
_reflns_shell.percent_possible_obs                          ? 
_reflns_shell.Rmerge_F_all                                  ? 
_reflns_shell.Rmerge_F_obs                                  ? 
_reflns_shell.Rmerge_I_all                                  ? 
_reflns_shell.Rmerge_I_obs                                  0.351 
_reflns_shell.meanI_over_sigI_gt                            ? 
_reflns_shell.meanI_over_uI_all                             ? 
_reflns_shell.meanI_over_uI_gt                              ? 
_reflns_shell.number_measured_gt                            ? 
_reflns_shell.number_unique_gt                              ? 
_reflns_shell.percent_possible_gt                           ? 
_reflns_shell.Rmerge_F_gt                                   ? 
_reflns_shell.Rmerge_I_gt                                   ? 
_reflns_shell.pdbx_redundancy                               6.900 
_reflns_shell.pdbx_Rsym_value                               ? 
_reflns_shell.pdbx_chi_squared                              ? 
_reflns_shell.pdbx_netI_over_sigmaI_all                     ? 
_reflns_shell.pdbx_netI_over_sigmaI_obs                     ? 
_reflns_shell.pdbx_Rrim_I_all                               0.379 
_reflns_shell.pdbx_Rpim_I_all                               0.142 
_reflns_shell.pdbx_rejects                                  ? 
_reflns_shell.pdbx_ordinal                                  1 
_reflns_shell.pdbx_diffrn_id                                1 
_reflns_shell.pdbx_CC_half                                  0.976 
_reflns_shell.pdbx_CC_star                                  ? 
_reflns_shell.pdbx_R_split                                  ? 
_reflns_shell.pdbx_percent_possible_ellipsoidal             ? 
_reflns_shell.pdbx_percent_possible_spherical               ? 
_reflns_shell.pdbx_percent_possible_ellipsoidal_anomalous   ? 
_reflns_shell.pdbx_percent_possible_spherical_anomalous     ? 
_reflns_shell.pdbx_redundancy_anomalous                     ? 
_reflns_shell.pdbx_CC_half_anomalous                        ? 
_reflns_shell.pdbx_absDiff_over_sigma_anomalous             ? 
_reflns_shell.pdbx_percent_possible_anomalous               ? 
# 
_refine.aniso_B[1][1]                            2.4100 
_refine.aniso_B[1][2]                            0.0000 
_refine.aniso_B[1][3]                            0.0000 
_refine.aniso_B[2][2]                            -0.0100 
_refine.aniso_B[2][3]                            0.0000 
_refine.aniso_B[3][3]                            -2.3900 
_refine.B_iso_max                                61.590 
_refine.B_iso_mean                               22.6400 
_refine.B_iso_min                                12.840 
_refine.correlation_coeff_Fo_to_Fc               0.9590 
_refine.correlation_coeff_Fo_to_Fc_free          0.9480 
_refine.details                                  
'HYDROGENS HAVE BEEN ADDED IN THE RIDING POSITIONS U VALUES      : REFINED INDIVIDUALLY' 
_refine.diff_density_max                         ? 
_refine.diff_density_max_esd                     ? 
_refine.diff_density_min                         ? 
_refine.diff_density_min_esd                     ? 
_refine.diff_density_rms                         ? 
_refine.diff_density_rms_esd                     ? 
_refine.entry_id                                 7RUH 
_refine.pdbx_refine_id                           'X-RAY DIFFRACTION' 
_refine.ls_abs_structure_details                 ? 
_refine.ls_abs_structure_Flack                   ? 
_refine.ls_abs_structure_Flack_esd               ? 
_refine.ls_abs_structure_Rogers                  ? 
_refine.ls_abs_structure_Rogers_esd              ? 
_refine.ls_d_res_high                            1.7000 
_refine.ls_d_res_low                             19.900 
_refine.ls_extinction_coef                       ? 
_refine.ls_extinction_coef_esd                   ? 
_refine.ls_extinction_expression                 ? 
_refine.ls_extinction_method                     ? 
_refine.ls_goodness_of_fit_all                   ? 
_refine.ls_goodness_of_fit_all_esd               ? 
_refine.ls_goodness_of_fit_obs                   ? 
_refine.ls_goodness_of_fit_obs_esd               ? 
_refine.ls_hydrogen_treatment                    ? 
_refine.ls_matrix_type                           ? 
_refine.ls_number_constraints                    ? 
_refine.ls_number_parameters                     ? 
_refine.ls_number_reflns_all                     ? 
_refine.ls_number_reflns_obs                     13662 
_refine.ls_number_reflns_R_free                  731 
_refine.ls_number_reflns_R_work                  ? 
_refine.ls_number_restraints                     ? 
_refine.ls_percent_reflns_obs                    98.7000 
_refine.ls_percent_reflns_R_free                 5.1000 
_refine.ls_R_factor_all                          ? 
_refine.ls_R_factor_obs                          0.1849 
_refine.ls_R_factor_R_free                       0.2180 
_refine.ls_R_factor_R_free_error                 ? 
_refine.ls_R_factor_R_free_error_details         ? 
_refine.ls_R_factor_R_work                       0.1832 
_refine.ls_R_Fsqd_factor_obs                     ? 
_refine.ls_R_I_factor_obs                        ? 
_refine.ls_redundancy_reflns_all                 ? 
_refine.ls_redundancy_reflns_obs                 ? 
_refine.ls_restrained_S_all                      ? 
_refine.ls_restrained_S_obs                      ? 
_refine.ls_shift_over_esd_max                    ? 
_refine.ls_shift_over_esd_mean                   ? 
_refine.ls_structure_factor_coef                 ? 
_refine.ls_weighting_details                     ? 
_refine.ls_weighting_scheme                      ? 
_refine.ls_wR_factor_all                         ? 
_refine.ls_wR_factor_obs                         ? 
_refine.ls_wR_factor_R_free                      ? 
_refine.ls_wR_factor_R_work                      ? 
_refine.occupancy_max                            ? 
_refine.occupancy_min                            ? 
_refine.solvent_model_details                    MASK 
_refine.solvent_model_param_bsol                 ? 
_refine.solvent_model_param_ksol                 ? 
_refine.pdbx_R_complete                          ? 
_refine.ls_R_factor_gt                           ? 
_refine.ls_goodness_of_fit_gt                    ? 
_refine.ls_goodness_of_fit_ref                   ? 
_refine.ls_shift_over_su_max                     ? 
_refine.ls_shift_over_su_max_lt                  ? 
_refine.ls_shift_over_su_mean                    ? 
_refine.ls_shift_over_su_mean_lt                 ? 
_refine.pdbx_ls_sigma_I                          ? 
_refine.pdbx_ls_sigma_F                          0.000 
_refine.pdbx_ls_sigma_Fsqd                       ? 
_refine.pdbx_data_cutoff_high_absF               ? 
_refine.pdbx_data_cutoff_high_rms_absF           ? 
_refine.pdbx_data_cutoff_low_absF                ? 
_refine.pdbx_isotropic_thermal_model             ? 
_refine.pdbx_ls_cross_valid_method               THROUGHOUT 
_refine.pdbx_method_to_determine_struct          'MOLECULAR REPLACEMENT' 
_refine.pdbx_starting_model                      'PDB entry 6C7Q' 
_refine.pdbx_stereochemistry_target_values       'MAXIMUM LIKELIHOOD' 
_refine.pdbx_R_Free_selection_details            RANDOM 
_refine.pdbx_stereochem_target_val_spec_case     ? 
_refine.pdbx_overall_ESU_R                       0.1060 
_refine.pdbx_overall_ESU_R_Free                  0.1050 
_refine.pdbx_solvent_vdw_probe_radii             1.2000 
_refine.pdbx_solvent_ion_probe_radii             0.8000 
_refine.pdbx_solvent_shrinkage_radii             0.8000 
_refine.pdbx_real_space_R                        ? 
_refine.pdbx_density_correlation                 ? 
_refine.pdbx_pd_number_of_powder_patterns        ? 
_refine.pdbx_pd_number_of_points                 ? 
_refine.pdbx_pd_meas_number_of_points            ? 
_refine.pdbx_pd_proc_ls_prof_R_factor            ? 
_refine.pdbx_pd_proc_ls_prof_wR_factor           ? 
_refine.pdbx_pd_Marquardt_correlation_coeff      ? 
_refine.pdbx_pd_Fsqrd_R_factor                   ? 
_refine.pdbx_pd_ls_matrix_band_width             ? 
_refine.pdbx_overall_phase_error                 ? 
_refine.pdbx_overall_SU_R_free_Cruickshank_DPI   ? 
_refine.pdbx_overall_SU_R_free_Blow_DPI          ? 
_refine.pdbx_overall_SU_R_Blow_DPI               ? 
_refine.pdbx_TLS_residual_ADP_flag               ? 
_refine.pdbx_diffrn_id                           1 
_refine.overall_SU_B                             1.9740 
_refine.overall_SU_ML                            0.0660 
_refine.overall_SU_R_Cruickshank_DPI             ? 
_refine.overall_SU_R_free                        ? 
_refine.overall_FOM_free_R_set                   ? 
_refine.overall_FOM_work_R_set                   ? 
_refine.pdbx_average_fsc_overall                 ? 
_refine.pdbx_average_fsc_work                    ? 
_refine.pdbx_average_fsc_free                    ? 
# 
_refine_hist.pdbx_refine_id                   'X-RAY DIFFRACTION' 
_refine_hist.cycle_id                         final 
_refine_hist.details                          ? 
_refine_hist.d_res_high                       1.7000 
_refine_hist.d_res_low                        19.900 
_refine_hist.number_atoms_solvent             63 
_refine_hist.number_atoms_total               1042 
_refine_hist.number_reflns_all                ? 
_refine_hist.number_reflns_obs                ? 
_refine_hist.number_reflns_R_free             ? 
_refine_hist.number_reflns_R_work             ? 
_refine_hist.R_factor_all                     ? 
_refine_hist.R_factor_obs                     ? 
_refine_hist.R_factor_R_free                  ? 
_refine_hist.R_factor_R_work                  ? 
_refine_hist.pdbx_number_residues_total       113 
_refine_hist.pdbx_B_iso_mean_ligand           26.13 
_refine_hist.pdbx_B_iso_mean_solvent          27.77 
_refine_hist.pdbx_number_atoms_protein        928 
_refine_hist.pdbx_number_atoms_nucleic_acid   0 
_refine_hist.pdbx_number_atoms_ligand         51 
_refine_hist.pdbx_number_atoms_lipid          ? 
_refine_hist.pdbx_number_atoms_carb           ? 
_refine_hist.pdbx_pseudo_atom_details         ? 
# 
loop_
_refine_ls_restr.pdbx_refine_id 
_refine_ls_restr.criterion 
_refine_ls_restr.dev_ideal 
_refine_ls_restr.dev_ideal_target 
_refine_ls_restr.number 
_refine_ls_restr.rejects 
_refine_ls_restr.type 
_refine_ls_restr.weight 
_refine_ls_restr.pdbx_restraint_function 
'X-RAY DIFFRACTION' ? 0.019  0.014  1013 ? r_bond_refined_d       ? ? 
'X-RAY DIFFRACTION' ? 0.001  0.018  915  ? r_bond_other_d         ? ? 
'X-RAY DIFFRACTION' ? 1.830  1.702  1366 ? r_angle_refined_deg    ? ? 
'X-RAY DIFFRACTION' ? 1.487  1.614  2127 ? r_angle_other_deg      ? ? 
'X-RAY DIFFRACTION' ? 5.354  5.000  113  ? r_dihedral_angle_1_deg ? ? 
'X-RAY DIFFRACTION' ? 27.711 22.600 50   ? r_dihedral_angle_2_deg ? ? 
'X-RAY DIFFRACTION' ? 14.129 15.000 175  ? r_dihedral_angle_3_deg ? ? 
'X-RAY DIFFRACTION' ? 10.640 15.000 5    ? r_dihedral_angle_4_deg ? ? 
'X-RAY DIFFRACTION' ? 0.094  0.200  116  ? r_chiral_restr         ? ? 
'X-RAY DIFFRACTION' ? 0.012  0.020  1096 ? r_gen_planes_refined   ? ? 
'X-RAY DIFFRACTION' ? 0.001  0.020  221  ? r_gen_planes_other     ? ? 
# 
_refine_ls_shell.pdbx_refine_id                   'X-RAY DIFFRACTION' 
_refine_ls_shell.d_res_high                       1.7020 
_refine_ls_shell.d_res_low                        1.7460 
_refine_ls_shell.number_reflns_all                1031 
_refine_ls_shell.number_reflns_obs                ? 
_refine_ls_shell.number_reflns_R_free             50 
_refine_ls_shell.number_reflns_R_work             981 
_refine_ls_shell.percent_reflns_obs               97.1700 
_refine_ls_shell.percent_reflns_R_free            ? 
_refine_ls_shell.R_factor_all                     ? 
_refine_ls_shell.R_factor_obs                     ? 
_refine_ls_shell.R_factor_R_free                  0.2330 
_refine_ls_shell.R_factor_R_free_error            0.0000 
_refine_ls_shell.R_factor_R_work                  0.2200 
_refine_ls_shell.redundancy_reflns_all            ? 
_refine_ls_shell.redundancy_reflns_obs            ? 
_refine_ls_shell.wR_factor_all                    ? 
_refine_ls_shell.wR_factor_obs                    ? 
_refine_ls_shell.wR_factor_R_free                 ? 
_refine_ls_shell.wR_factor_R_work                 ? 
_refine_ls_shell.pdbx_R_complete                  ? 
_refine_ls_shell.pdbx_total_number_of_bins_used   20 
_refine_ls_shell.pdbx_phase_error                 ? 
_refine_ls_shell.pdbx_fsc_work                    ? 
_refine_ls_shell.pdbx_fsc_free                    ? 
# 
_struct.entry_id                     7RUH 
_struct.title                        'Bromodomain-containing protein 4 (BRD4) bromodomain 2 (BD2) complexed with XR844' 
_struct.pdbx_model_details           ? 
_struct.pdbx_formula_weight          ? 
_struct.pdbx_formula_weight_method   ? 
_struct.pdbx_model_type_details      ? 
_struct.pdbx_CASP_flag               N 
# 
_struct_keywords.entry_id        7RUH 
_struct_keywords.text            'Selective BRD4-BD1 inhibitor, TRANSCRIPTION-INHIBITOR complex' 
_struct_keywords.pdbx_keywords   TRANSCRIPTION/INHIBITOR 
# 
loop_
_struct_asym.id 
_struct_asym.pdbx_blank_PDB_chainid_flag 
_struct_asym.pdbx_modified 
_struct_asym.entity_id 
_struct_asym.details 
A N N 1 ? 
B N N 2 ? 
C N N 3 ? 
# 
_struct_ref.id                         1 
_struct_ref.db_name                    UNP 
_struct_ref.db_code                    BRD4_HUMAN 
_struct_ref.pdbx_db_accession          O60885 
_struct_ref.pdbx_db_isoform            ? 
_struct_ref.entity_id                  1 
_struct_ref.pdbx_seq_one_letter_code   
;KDVPDSQQHPAPEKSSKVSEQLKCCSGILKEMFAKKHAAYAWPFYKPVDVEALGLHDYCDIIKHPMDMSTIKSKLEAREY
RDAQEFGADVRLMFSNCYKYNPPDHEVVAMARKLQDVFEMRFAKMPDE
;
_struct_ref.pdbx_align_begin           333 
# 
_struct_ref_seq.align_id                      1 
_struct_ref_seq.ref_id                        1 
_struct_ref_seq.pdbx_PDB_id_code              7RUH 
_struct_ref_seq.pdbx_strand_id                A 
_struct_ref_seq.seq_align_beg                 3 
_struct_ref_seq.pdbx_seq_align_beg_ins_code   ? 
_struct_ref_seq.seq_align_end                 130 
_struct_ref_seq.pdbx_seq_align_end_ins_code   ? 
_struct_ref_seq.pdbx_db_accession             O60885 
_struct_ref_seq.db_align_beg                  333 
_struct_ref_seq.pdbx_db_align_beg_ins_code    ? 
_struct_ref_seq.db_align_end                  460 
_struct_ref_seq.pdbx_db_align_end_ins_code    ? 
_struct_ref_seq.pdbx_auth_seq_align_beg       333 
_struct_ref_seq.pdbx_auth_seq_align_end       460 
# 
loop_
_struct_ref_seq_dif.align_id 
_struct_ref_seq_dif.pdbx_pdb_id_code 
_struct_ref_seq_dif.mon_id 
_struct_ref_seq_dif.pdbx_pdb_strand_id 
_struct_ref_seq_dif.seq_num 
_struct_ref_seq_dif.pdbx_pdb_ins_code 
_struct_ref_seq_dif.pdbx_seq_db_name 
_struct_ref_seq_dif.pdbx_seq_db_accession_code 
_struct_ref_seq_dif.db_mon_id 
_struct_ref_seq_dif.pdbx_seq_db_seq_num 
_struct_ref_seq_dif.details 
_struct_ref_seq_dif.pdbx_auth_seq_num 
_struct_ref_seq_dif.pdbx_ordinal 
1 7RUH SER A 1 ? UNP O60885 ? ? 'expression tag' 331 1 
1 7RUH MET A 2 ? UNP O60885 ? ? 'expression tag' 332 2 
# 
_pdbx_struct_assembly.id                   1 
_pdbx_struct_assembly.details              author_and_software_defined_assembly 
_pdbx_struct_assembly.method_details       PISA 
_pdbx_struct_assembly.oligomeric_details   monomeric 
_pdbx_struct_assembly.oligomeric_count     1 
# 
loop_
_pdbx_struct_assembly_prop.biol_id 
_pdbx_struct_assembly_prop.type 
_pdbx_struct_assembly_prop.value 
_pdbx_struct_assembly_prop.details 
1 'ABSA (A^2)' 0    ? 
1 MORE         0    ? 
1 'SSA (A^2)'  6990 ? 
# 
_pdbx_struct_assembly_gen.assembly_id       1 
_pdbx_struct_assembly_gen.oper_expression   1 
_pdbx_struct_assembly_gen.asym_id_list      A,B,C 
# 
_pdbx_struct_assembly_auth_evidence.id                     1 
_pdbx_struct_assembly_auth_evidence.assembly_id            1 
_pdbx_struct_assembly_auth_evidence.experimental_support   'gel filtration' 
_pdbx_struct_assembly_auth_evidence.details                ? 
# 
_pdbx_struct_oper_list.id                   1 
_pdbx_struct_oper_list.type                 'identity operation' 
_pdbx_struct_oper_list.name                 1_555 
_pdbx_struct_oper_list.symmetry_operation   x,y,z 
_pdbx_struct_oper_list.matrix[1][1]         1.0000000000 
_pdbx_struct_oper_list.matrix[1][2]         0.0000000000 
_pdbx_struct_oper_list.matrix[1][3]         0.0000000000 
_pdbx_struct_oper_list.vector[1]            0.0000000000 
_pdbx_struct_oper_list.matrix[2][1]         0.0000000000 
_pdbx_struct_oper_list.matrix[2][2]         1.0000000000 
_pdbx_struct_oper_list.matrix[2][3]         0.0000000000 
_pdbx_struct_oper_list.vector[2]            0.0000000000 
_pdbx_struct_oper_list.matrix[3][1]         0.0000000000 
_pdbx_struct_oper_list.matrix[3][2]         0.0000000000 
_pdbx_struct_oper_list.matrix[3][3]         1.0000000000 
_pdbx_struct_oper_list.vector[3]            0.0000000000 
# 
loop_
_struct_conf.conf_type_id 
_struct_conf.id 
_struct_conf.pdbx_PDB_helix_id 
_struct_conf.beg_label_comp_id 
_struct_conf.beg_label_asym_id 
_struct_conf.beg_label_seq_id 
_struct_conf.pdbx_beg_PDB_ins_code 
_struct_conf.end_label_comp_id 
_struct_conf.end_label_asym_id 
_struct_conf.end_label_seq_id 
_struct_conf.pdbx_end_PDB_ins_code 
_struct_conf.beg_auth_comp_id 
_struct_conf.beg_auth_asym_id 
_struct_conf.beg_auth_seq_id 
_struct_conf.end_auth_comp_id 
_struct_conf.end_auth_asym_id 
_struct_conf.end_auth_seq_id 
_struct_conf.pdbx_PDB_helix_class 
_struct_conf.details 
_struct_conf.pdbx_PDB_helix_length 
HELX_P HELX_P1 AA1 SER A 18  ? PHE A 35  ? SER A 348 PHE A 365 1 ? 18 
HELX_P HELX_P2 AA2 ALA A 36  ? LYS A 38  ? ALA A 366 LYS A 368 5 ? 3  
HELX_P HELX_P3 AA3 HIS A 39  ? TRP A 44  ? HIS A 369 TRP A 374 1 ? 6  
HELX_P HELX_P4 AA4 PRO A 45  ? TYR A 47  ? PRO A 375 TYR A 377 5 ? 3  
HELX_P HELX_P5 AA5 ASP A 51  ? GLY A 56  ? ASP A 381 GLY A 386 1 ? 6  
HELX_P HELX_P6 AA6 ASP A 59  ? ILE A 64  ? ASP A 389 ILE A 394 1 ? 6  
HELX_P HELX_P7 AA7 ASP A 69  ? ALA A 79  ? ASP A 399 ALA A 409 1 ? 11 
HELX_P HELX_P8 AA8 ASP A 84  ? ASN A 103 ? ASP A 414 ASN A 433 1 ? 20 
HELX_P HELX_P9 AA9 HIS A 107 ? ALA A 125 ? HIS A 437 ALA A 455 1 ? 19 
# 
_struct_conf_type.id          HELX_P 
_struct_conf_type.criteria    ? 
_struct_conf_type.reference   ? 
# 
loop_
_struct_conn.id 
_struct_conn.conn_type_id 
_struct_conn.pdbx_leaving_atom_flag 
_struct_conn.pdbx_PDB_id 
_struct_conn.ptnr1_label_asym_id 
_struct_conn.ptnr1_label_comp_id 
_struct_conn.ptnr1_label_seq_id 
_struct_conn.ptnr1_label_atom_id 
_struct_conn.pdbx_ptnr1_label_alt_id 
_struct_conn.pdbx_ptnr1_PDB_ins_code 
_struct_conn.pdbx_ptnr1_standard_comp_id 
_struct_conn.ptnr1_symmetry 
_struct_conn.ptnr2_label_asym_id 
_struct_conn.ptnr2_label_comp_id 
_struct_conn.ptnr2_label_seq_id 
_struct_conn.ptnr2_label_atom_id 
_struct_conn.pdbx_ptnr2_label_alt_id 
_struct_conn.pdbx_ptnr2_PDB_ins_code 
_struct_conn.ptnr1_auth_asym_id 
_struct_conn.ptnr1_auth_comp_id 
_struct_conn.ptnr1_auth_seq_id 
_struct_conn.ptnr2_auth_asym_id 
_struct_conn.ptnr2_auth_comp_id 
_struct_conn.ptnr2_auth_seq_id 
_struct_conn.ptnr2_symmetry 
_struct_conn.pdbx_ptnr3_label_atom_id 
_struct_conn.pdbx_ptnr3_label_seq_id 
_struct_conn.pdbx_ptnr3_label_comp_id 
_struct_conn.pdbx_ptnr3_label_asym_id 
_struct_conn.pdbx_ptnr3_label_alt_id 
_struct_conn.pdbx_ptnr3_PDB_ins_code 
_struct_conn.details 
_struct_conn.pdbx_dist_value 
_struct_conn.pdbx_value_order 
_struct_conn.pdbx_role 
covale1 covale both ? A LYS 25 C ? ? ? 1_555 A CME 26 N ? ? A LYS 355 A CME 356 1_555 ? ? ? ? ? ? ? 1.333 ? ? 
covale2 covale both ? A CME 26 C ? ? ? 1_555 A CYS 27 N ? ? A CME 356 A CYS 357 1_555 ? ? ? ? ? ? ? 1.333 ? ? 
covale3 covale both ? A TYR 60 C ? ? ? 1_555 A CME 61 N ? ? A TYR 390 A CME 391 1_555 ? ? ? ? ? ? ? 1.328 ? ? 
covale4 covale both ? A CME 61 C ? ? ? 1_555 A ASP 62 N ? ? A CME 391 A ASP 392 1_555 ? ? ? ? ? ? ? 1.327 ? ? 
# 
_struct_conn_type.id          covale 
_struct_conn_type.criteria    ? 
_struct_conn_type.reference   ? 
# 
loop_
_pdbx_modification_feature.ordinal 
_pdbx_modification_feature.label_comp_id 
_pdbx_modification_feature.label_asym_id 
_pdbx_modification_feature.label_seq_id 
_pdbx_modification_feature.label_alt_id 
_pdbx_modification_feature.modified_residue_label_comp_id 
_pdbx_modification_feature.modified_residue_label_asym_id 
_pdbx_modification_feature.modified_residue_label_seq_id 
_pdbx_modification_feature.modified_residue_label_alt_id 
_pdbx_modification_feature.auth_comp_id 
_pdbx_modification_feature.auth_asym_id 
_pdbx_modification_feature.auth_seq_id 
_pdbx_modification_feature.PDB_ins_code 
_pdbx_modification_feature.symmetry 
_pdbx_modification_feature.modified_residue_auth_comp_id 
_pdbx_modification_feature.modified_residue_auth_asym_id 
_pdbx_modification_feature.modified_residue_auth_seq_id 
_pdbx_modification_feature.modified_residue_PDB_ins_code 
_pdbx_modification_feature.modified_residue_symmetry 
_pdbx_modification_feature.comp_id_linking_atom 
_pdbx_modification_feature.modified_residue_id_linking_atom 
_pdbx_modification_feature.modified_residue_id 
_pdbx_modification_feature.ref_pcm_id 
_pdbx_modification_feature.ref_comp_id 
_pdbx_modification_feature.type 
_pdbx_modification_feature.category 
1 CME A 26 ? . . . . CME A 356 ? 1_555 . . . . . . . CYS 1 CME Beta-mercaptoethanol 'Named protein modification' 
2 CME A 61 ? . . . . CME A 391 ? 1_555 . . . . . . . CYS 1 CME Beta-mercaptoethanol 'Named protein modification' 
# 
_pdbx_entry_details.entry_id                   7RUH 
_pdbx_entry_details.has_ligand_of_interest     Y 
_pdbx_entry_details.compound_details           ? 
_pdbx_entry_details.source_details             ? 
_pdbx_entry_details.nonpolymer_details         ? 
_pdbx_entry_details.sequence_details           ? 
_pdbx_entry_details.has_protein_modification   Y 
# 
loop_
_pdbx_struct_mod_residue.id 
_pdbx_struct_mod_residue.label_asym_id 
_pdbx_struct_mod_residue.label_comp_id 
_pdbx_struct_mod_residue.label_seq_id 
_pdbx_struct_mod_residue.auth_asym_id 
_pdbx_struct_mod_residue.auth_comp_id 
_pdbx_struct_mod_residue.auth_seq_id 
_pdbx_struct_mod_residue.PDB_ins_code 
_pdbx_struct_mod_residue.parent_comp_id 
_pdbx_struct_mod_residue.details 
1 A CME 26 A CME 356 ? CYS 'modified residue' 
2 A CME 61 A CME 391 ? CYS 'modified residue' 
# 
loop_
_pdbx_unobs_or_zero_occ_residues.id 
_pdbx_unobs_or_zero_occ_residues.PDB_model_num 
_pdbx_unobs_or_zero_occ_residues.polymer_flag 
_pdbx_unobs_or_zero_occ_residues.occupancy_flag 
_pdbx_unobs_or_zero_occ_residues.auth_asym_id 
_pdbx_unobs_or_zero_occ_residues.auth_comp_id 
_pdbx_unobs_or_zero_occ_residues.auth_seq_id 
_pdbx_unobs_or_zero_occ_residues.PDB_ins_code 
_pdbx_unobs_or_zero_occ_residues.label_asym_id 
_pdbx_unobs_or_zero_occ_residues.label_comp_id 
_pdbx_unobs_or_zero_occ_residues.label_seq_id 
1  1 Y 1 A SER 331 ? A SER 1  
2  1 Y 1 A MET 332 ? A MET 2  
3  1 Y 1 A LYS 333 ? A LYS 3  
4  1 Y 1 A ASP 334 ? A ASP 4  
5  1 Y 1 A VAL 335 ? A VAL 5  
6  1 Y 1 A PRO 336 ? A PRO 6  
7  1 Y 1 A ASP 337 ? A ASP 7  
8  1 Y 1 A SER 338 ? A SER 8  
9  1 Y 1 A GLN 339 ? A GLN 9  
10 1 Y 1 A GLN 340 ? A GLN 10 
11 1 Y 1 A HIS 341 ? A HIS 11 
12 1 Y 1 A PRO 342 ? A PRO 12 
13 1 Y 1 A ALA 343 ? A ALA 13 
14 1 Y 1 A PRO 344 ? A PRO 14 
15 1 Y 1 A GLU 345 ? A GLU 15 
16 1 Y 1 A LYS 346 ? A LYS 16 
17 1 Y 1 A SER 347 ? A SER 17 
# 
loop_
_chem_comp_atom.comp_id 
_chem_comp_atom.atom_id 
_chem_comp_atom.type_symbol 
_chem_comp_atom.pdbx_aromatic_flag 
_chem_comp_atom.pdbx_stereo_config 
_chem_comp_atom.pdbx_ordinal 
7QZ C07  C N N 1   
7QZ C08  C Y N 2   
7QZ C09  C Y N 3   
7QZ C10  C Y N 4   
7QZ C11  C Y N 5   
7QZ C12  C Y N 6   
7QZ C13  C Y N 7   
7QZ C15  C Y N 8   
7QZ C16  C Y N 9   
7QZ C17  C N R 10  
7QZ C18  C N N 11  
7QZ C19  C Y N 12  
7QZ C21  C Y N 13  
7QZ C01  C N N 14  
7QZ C02  C N N 15  
7QZ C03  C N N 16  
7QZ C04  C N N 17  
7QZ C05  C N N 18  
7QZ N06  N N N 19  
7QZ N14  N Y N 20  
7QZ N20  N Y N 21  
7QZ C22  C Y N 22  
7QZ C23  C Y N 23  
7QZ C24  C Y N 24  
7QZ C25  C Y N 25  
7QZ C26  C Y N 26  
7QZ C27  C Y N 27  
7QZ C28  C Y N 28  
7QZ C29  C Y N 29  
7QZ N30  N Y N 30  
7QZ N31  N N N 31  
7QZ S32  S N N 32  
7QZ C33  C N N 33  
7QZ C34  C N N 34  
7QZ F35  F N N 35  
7QZ F36  F N N 36  
7QZ F37  F N N 37  
7QZ O38  O N N 38  
7QZ O39  O N N 39  
7QZ N40  N N N 40  
7QZ C41  C N N 41  
7QZ N42  N N N 42  
7QZ C43  C Y N 43  
7QZ C44  C Y N 44  
7QZ C45  C Y N 45  
7QZ C46  C Y N 46  
7QZ C47  C Y N 47  
7QZ C48  C Y N 48  
7QZ F49  F N N 49  
7QZ O50  O N N 50  
7QZ O51  O N N 51  
7QZ H1   H N N 52  
7QZ H2   H N N 53  
7QZ H3   H N N 54  
7QZ H4   H N N 55  
7QZ H5   H N N 56  
7QZ H6   H N N 57  
7QZ H7   H N N 58  
7QZ H8   H N N 59  
7QZ H9   H N N 60  
7QZ H10  H N N 61  
7QZ H11  H N N 62  
7QZ H12  H N N 63  
7QZ H13  H N N 64  
7QZ H14  H N N 65  
7QZ H15  H N N 66  
7QZ H16  H N N 67  
7QZ H17  H N N 68  
7QZ H18  H N N 69  
7QZ H19  H N N 70  
7QZ H20  H N N 71  
7QZ H21  H N N 72  
7QZ H22  H N N 73  
7QZ H23  H N N 74  
7QZ H24  H N N 75  
7QZ H25  H N N 76  
7QZ H26  H N N 77  
7QZ H27  H N N 78  
7QZ H28  H N N 79  
7QZ H29  H N N 80  
ALA N    N N N 81  
ALA CA   C N S 82  
ALA C    C N N 83  
ALA O    O N N 84  
ALA CB   C N N 85  
ALA OXT  O N N 86  
ALA H    H N N 87  
ALA H2   H N N 88  
ALA HA   H N N 89  
ALA HB1  H N N 90  
ALA HB2  H N N 91  
ALA HB3  H N N 92  
ALA HXT  H N N 93  
ARG N    N N N 94  
ARG CA   C N S 95  
ARG C    C N N 96  
ARG O    O N N 97  
ARG CB   C N N 98  
ARG CG   C N N 99  
ARG CD   C N N 100 
ARG NE   N N N 101 
ARG CZ   C N N 102 
ARG NH1  N N N 103 
ARG NH2  N N N 104 
ARG OXT  O N N 105 
ARG H    H N N 106 
ARG H2   H N N 107 
ARG HA   H N N 108 
ARG HB2  H N N 109 
ARG HB3  H N N 110 
ARG HG2  H N N 111 
ARG HG3  H N N 112 
ARG HD2  H N N 113 
ARG HD3  H N N 114 
ARG HE   H N N 115 
ARG HH11 H N N 116 
ARG HH12 H N N 117 
ARG HH21 H N N 118 
ARG HH22 H N N 119 
ARG HXT  H N N 120 
ASN N    N N N 121 
ASN CA   C N S 122 
ASN C    C N N 123 
ASN O    O N N 124 
ASN CB   C N N 125 
ASN CG   C N N 126 
ASN OD1  O N N 127 
ASN ND2  N N N 128 
ASN OXT  O N N 129 
ASN H    H N N 130 
ASN H2   H N N 131 
ASN HA   H N N 132 
ASN HB2  H N N 133 
ASN HB3  H N N 134 
ASN HD21 H N N 135 
ASN HD22 H N N 136 
ASN HXT  H N N 137 
ASP N    N N N 138 
ASP CA   C N S 139 
ASP C    C N N 140 
ASP O    O N N 141 
ASP CB   C N N 142 
ASP CG   C N N 143 
ASP OD1  O N N 144 
ASP OD2  O N N 145 
ASP OXT  O N N 146 
ASP H    H N N 147 
ASP H2   H N N 148 
ASP HA   H N N 149 
ASP HB2  H N N 150 
ASP HB3  H N N 151 
ASP HD2  H N N 152 
ASP HXT  H N N 153 
CME N    N N N 154 
CME CA   C N R 155 
CME CB   C N N 156 
CME SG   S N N 157 
CME SD   S N N 158 
CME CE   C N N 159 
CME CZ   C N N 160 
CME OH   O N N 161 
CME C    C N N 162 
CME O    O N N 163 
CME OXT  O N N 164 
CME H    H N N 165 
CME H2   H N N 166 
CME HA   H N N 167 
CME HB2  H N N 168 
CME HB3  H N N 169 
CME HE2  H N N 170 
CME HE3  H N N 171 
CME HZ2  H N N 172 
CME HZ3  H N N 173 
CME HH   H N N 174 
CME HXT  H N N 175 
CYS N    N N N 176 
CYS CA   C N R 177 
CYS C    C N N 178 
CYS O    O N N 179 
CYS CB   C N N 180 
CYS SG   S N N 181 
CYS OXT  O N N 182 
CYS H    H N N 183 
CYS H2   H N N 184 
CYS HA   H N N 185 
CYS HB2  H N N 186 
CYS HB3  H N N 187 
CYS HG   H N N 188 
CYS HXT  H N N 189 
GLN N    N N N 190 
GLN CA   C N S 191 
GLN C    C N N 192 
GLN O    O N N 193 
GLN CB   C N N 194 
GLN CG   C N N 195 
GLN CD   C N N 196 
GLN OE1  O N N 197 
GLN NE2  N N N 198 
GLN OXT  O N N 199 
GLN H    H N N 200 
GLN H2   H N N 201 
GLN HA   H N N 202 
GLN HB2  H N N 203 
GLN HB3  H N N 204 
GLN HG2  H N N 205 
GLN HG3  H N N 206 
GLN HE21 H N N 207 
GLN HE22 H N N 208 
GLN HXT  H N N 209 
GLU N    N N N 210 
GLU CA   C N S 211 
GLU C    C N N 212 
GLU O    O N N 213 
GLU CB   C N N 214 
GLU CG   C N N 215 
GLU CD   C N N 216 
GLU OE1  O N N 217 
GLU OE2  O N N 218 
GLU OXT  O N N 219 
GLU H    H N N 220 
GLU H2   H N N 221 
GLU HA   H N N 222 
GLU HB2  H N N 223 
GLU HB3  H N N 224 
GLU HG2  H N N 225 
GLU HG3  H N N 226 
GLU HE2  H N N 227 
GLU HXT  H N N 228 
GLY N    N N N 229 
GLY CA   C N N 230 
GLY C    C N N 231 
GLY O    O N N 232 
GLY OXT  O N N 233 
GLY H    H N N 234 
GLY H2   H N N 235 
GLY HA2  H N N 236 
GLY HA3  H N N 237 
GLY HXT  H N N 238 
HIS N    N N N 239 
HIS CA   C N S 240 
HIS C    C N N 241 
HIS O    O N N 242 
HIS CB   C N N 243 
HIS CG   C Y N 244 
HIS ND1  N Y N 245 
HIS CD2  C Y N 246 
HIS CE1  C Y N 247 
HIS NE2  N Y N 248 
HIS OXT  O N N 249 
HIS H    H N N 250 
HIS H2   H N N 251 
HIS HA   H N N 252 
HIS HB2  H N N 253 
HIS HB3  H N N 254 
HIS HD1  H N N 255 
HIS HD2  H N N 256 
HIS HE1  H N N 257 
HIS HE2  H N N 258 
HIS HXT  H N N 259 
HOH O    O N N 260 
HOH H1   H N N 261 
HOH H2   H N N 262 
ILE N    N N N 263 
ILE CA   C N S 264 
ILE C    C N N 265 
ILE O    O N N 266 
ILE CB   C N S 267 
ILE CG1  C N N 268 
ILE CG2  C N N 269 
ILE CD1  C N N 270 
ILE OXT  O N N 271 
ILE H    H N N 272 
ILE H2   H N N 273 
ILE HA   H N N 274 
ILE HB   H N N 275 
ILE HG12 H N N 276 
ILE HG13 H N N 277 
ILE HG21 H N N 278 
ILE HG22 H N N 279 
ILE HG23 H N N 280 
ILE HD11 H N N 281 
ILE HD12 H N N 282 
ILE HD13 H N N 283 
ILE HXT  H N N 284 
LEU N    N N N 285 
LEU CA   C N S 286 
LEU C    C N N 287 
LEU O    O N N 288 
LEU CB   C N N 289 
LEU CG   C N N 290 
LEU CD1  C N N 291 
LEU CD2  C N N 292 
LEU OXT  O N N 293 
LEU H    H N N 294 
LEU H2   H N N 295 
LEU HA   H N N 296 
LEU HB2  H N N 297 
LEU HB3  H N N 298 
LEU HG   H N N 299 
LEU HD11 H N N 300 
LEU HD12 H N N 301 
LEU HD13 H N N 302 
LEU HD21 H N N 303 
LEU HD22 H N N 304 
LEU HD23 H N N 305 
LEU HXT  H N N 306 
LYS N    N N N 307 
LYS CA   C N S 308 
LYS C    C N N 309 
LYS O    O N N 310 
LYS CB   C N N 311 
LYS CG   C N N 312 
LYS CD   C N N 313 
LYS CE   C N N 314 
LYS NZ   N N N 315 
LYS OXT  O N N 316 
LYS H    H N N 317 
LYS H2   H N N 318 
LYS HA   H N N 319 
LYS HB2  H N N 320 
LYS HB3  H N N 321 
LYS HG2  H N N 322 
LYS HG3  H N N 323 
LYS HD2  H N N 324 
LYS HD3  H N N 325 
LYS HE2  H N N 326 
LYS HE3  H N N 327 
LYS HZ1  H N N 328 
LYS HZ2  H N N 329 
LYS HZ3  H N N 330 
LYS HXT  H N N 331 
MET N    N N N 332 
MET CA   C N S 333 
MET C    C N N 334 
MET O    O N N 335 
MET CB   C N N 336 
MET CG   C N N 337 
MET SD   S N N 338 
MET CE   C N N 339 
MET OXT  O N N 340 
MET H    H N N 341 
MET H2   H N N 342 
MET HA   H N N 343 
MET HB2  H N N 344 
MET HB3  H N N 345 
MET HG2  H N N 346 
MET HG3  H N N 347 
MET HE1  H N N 348 
MET HE2  H N N 349 
MET HE3  H N N 350 
MET HXT  H N N 351 
PHE N    N N N 352 
PHE CA   C N S 353 
PHE C    C N N 354 
PHE O    O N N 355 
PHE CB   C N N 356 
PHE CG   C Y N 357 
PHE CD1  C Y N 358 
PHE CD2  C Y N 359 
PHE CE1  C Y N 360 
PHE CE2  C Y N 361 
PHE CZ   C Y N 362 
PHE OXT  O N N 363 
PHE H    H N N 364 
PHE H2   H N N 365 
PHE HA   H N N 366 
PHE HB2  H N N 367 
PHE HB3  H N N 368 
PHE HD1  H N N 369 
PHE HD2  H N N 370 
PHE HE1  H N N 371 
PHE HE2  H N N 372 
PHE HZ   H N N 373 
PHE HXT  H N N 374 
PRO N    N N N 375 
PRO CA   C N S 376 
PRO C    C N N 377 
PRO O    O N N 378 
PRO CB   C N N 379 
PRO CG   C N N 380 
PRO CD   C N N 381 
PRO OXT  O N N 382 
PRO H    H N N 383 
PRO HA   H N N 384 
PRO HB2  H N N 385 
PRO HB3  H N N 386 
PRO HG2  H N N 387 
PRO HG3  H N N 388 
PRO HD2  H N N 389 
PRO HD3  H N N 390 
PRO HXT  H N N 391 
SER N    N N N 392 
SER CA   C N S 393 
SER C    C N N 394 
SER O    O N N 395 
SER CB   C N N 396 
SER OG   O N N 397 
SER OXT  O N N 398 
SER H    H N N 399 
SER H2   H N N 400 
SER HA   H N N 401 
SER HB2  H N N 402 
SER HB3  H N N 403 
SER HG   H N N 404 
SER HXT  H N N 405 
THR N    N N N 406 
THR CA   C N S 407 
THR C    C N N 408 
THR O    O N N 409 
THR CB   C N R 410 
THR OG1  O N N 411 
THR CG2  C N N 412 
THR OXT  O N N 413 
THR H    H N N 414 
THR H2   H N N 415 
THR HA   H N N 416 
THR HB   H N N 417 
THR HG1  H N N 418 
THR HG21 H N N 419 
THR HG22 H N N 420 
THR HG23 H N N 421 
THR HXT  H N N 422 
TRP N    N N N 423 
TRP CA   C N S 424 
TRP C    C N N 425 
TRP O    O N N 426 
TRP CB   C N N 427 
TRP CG   C Y N 428 
TRP CD1  C Y N 429 
TRP CD2  C Y N 430 
TRP NE1  N Y N 431 
TRP CE2  C Y N 432 
TRP CE3  C Y N 433 
TRP CZ2  C Y N 434 
TRP CZ3  C Y N 435 
TRP CH2  C Y N 436 
TRP OXT  O N N 437 
TRP H    H N N 438 
TRP H2   H N N 439 
TRP HA   H N N 440 
TRP HB2  H N N 441 
TRP HB3  H N N 442 
TRP HD1  H N N 443 
TRP HE1  H N N 444 
TRP HE3  H N N 445 
TRP HZ2  H N N 446 
TRP HZ3  H N N 447 
TRP HH2  H N N 448 
TRP HXT  H N N 449 
TYR N    N N N 450 
TYR CA   C N S 451 
TYR C    C N N 452 
TYR O    O N N 453 
TYR CB   C N N 454 
TYR CG   C Y N 455 
TYR CD1  C Y N 456 
TYR CD2  C Y N 457 
TYR CE1  C Y N 458 
TYR CE2  C Y N 459 
TYR CZ   C Y N 460 
TYR OH   O N N 461 
TYR OXT  O N N 462 
TYR H    H N N 463 
TYR H2   H N N 464 
TYR HA   H N N 465 
TYR HB2  H N N 466 
TYR HB3  H N N 467 
TYR HD1  H N N 468 
TYR HD2  H N N 469 
TYR HE1  H N N 470 
TYR HE2  H N N 471 
TYR HH   H N N 472 
TYR HXT  H N N 473 
VAL N    N N N 474 
VAL CA   C N S 475 
VAL C    C N N 476 
VAL O    O N N 477 
VAL CB   C N N 478 
VAL CG1  C N N 479 
VAL CG2  C N N 480 
VAL OXT  O N N 481 
VAL H    H N N 482 
VAL H2   H N N 483 
VAL HA   H N N 484 
VAL HB   H N N 485 
VAL HG11 H N N 486 
VAL HG12 H N N 487 
VAL HG13 H N N 488 
VAL HG21 H N N 489 
VAL HG22 H N N 490 
VAL HG23 H N N 491 
VAL HXT  H N N 492 
# 
loop_
_chem_comp_bond.comp_id 
_chem_comp_bond.atom_id_1 
_chem_comp_bond.atom_id_2 
_chem_comp_bond.value_order 
_chem_comp_bond.pdbx_aromatic_flag 
_chem_comp_bond.pdbx_stereo_config 
_chem_comp_bond.pdbx_ordinal 
7QZ C46 C47  doub Y N 1   
7QZ C46 C45  sing Y N 2   
7QZ C47 C48  sing Y N 3   
7QZ C45 C44  doub Y N 4   
7QZ C48 F49  sing N N 5   
7QZ C48 C43  doub Y N 6   
7QZ C44 C43  sing Y N 7   
7QZ C29 N30  doub Y N 8   
7QZ C29 C28  sing Y N 9   
7QZ C43 N42  sing N N 10  
7QZ N30 C25  sing Y N 11  
7QZ C23 C24  doub Y N 12  
7QZ C23 C22  sing Y N 13  
7QZ C28 C27  doub Y N 14  
7QZ C24 C19  sing Y N 15  
7QZ N42 C41  sing N N 16  
7QZ C22 C21  doub Y N 17  
7QZ C18 C17  sing N N 18  
7QZ C25 C17  sing N N 19  
7QZ C25 C26  doub Y N 20  
7QZ C19 C17  sing N N 21  
7QZ C19 N20  doub Y N 22  
7QZ C27 C26  sing Y N 23  
7QZ C41 O50  doub N N 24  
7QZ C41 N40  sing N N 25  
7QZ C21 N20  sing Y N 26  
7QZ C17 N14  sing N N 27  
7QZ N40 C02  sing N N 28  
7QZ N14 C15  sing Y N 29  
7QZ N14 C12  sing Y N 30  
7QZ C02 C03  doub N N 31  
7QZ C02 C01  sing N N 32  
7QZ C03 C04  sing N N 33  
7QZ C15 C16  doub Y N 34  
7QZ C13 C12  doub Y N 35  
7QZ C13 C08  sing Y N 36  
7QZ O51 C01  doub N N 37  
7QZ C12 C11  sing Y N 38  
7QZ C01 N06  sing N N 39  
7QZ C04 C08  sing N N 40  
7QZ C04 C05  doub N N 41  
7QZ C08 C09  doub Y N 42  
7QZ C16 C11  sing Y N 43  
7QZ N06 C05  sing N N 44  
7QZ N06 C07  sing N N 45  
7QZ C11 C10  doub Y N 46  
7QZ C09 C10  sing Y N 47  
7QZ C10 N31  sing N N 48  
7QZ N31 S32  sing N N 49  
7QZ O38 S32  doub N N 50  
7QZ S32 C33  sing N N 51  
7QZ S32 O39  doub N N 52  
7QZ F36 C34  sing N N 53  
7QZ C33 C34  sing N N 54  
7QZ C34 F35  sing N N 55  
7QZ C34 F37  sing N N 56  
7QZ C07 H1   sing N N 57  
7QZ C07 H2   sing N N 58  
7QZ C07 H3   sing N N 59  
7QZ C09 H4   sing N N 60  
7QZ C13 H5   sing N N 61  
7QZ C15 H6   sing N N 62  
7QZ C16 H7   sing N N 63  
7QZ C18 H8   sing N N 64  
7QZ C18 H9   sing N N 65  
7QZ C18 H10  sing N N 66  
7QZ C21 H11  sing N N 67  
7QZ C03 H12  sing N N 68  
7QZ C05 H13  sing N N 69  
7QZ C22 H14  sing N N 70  
7QZ C23 H15  sing N N 71  
7QZ C24 H16  sing N N 72  
7QZ C26 H17  sing N N 73  
7QZ C27 H18  sing N N 74  
7QZ C28 H19  sing N N 75  
7QZ C29 H20  sing N N 76  
7QZ N31 H21  sing N N 77  
7QZ C33 H22  sing N N 78  
7QZ C33 H23  sing N N 79  
7QZ N40 H24  sing N N 80  
7QZ N42 H25  sing N N 81  
7QZ C44 H26  sing N N 82  
7QZ C45 H27  sing N N 83  
7QZ C46 H28  sing N N 84  
7QZ C47 H29  sing N N 85  
ALA N   CA   sing N N 86  
ALA N   H    sing N N 87  
ALA N   H2   sing N N 88  
ALA CA  C    sing N N 89  
ALA CA  CB   sing N N 90  
ALA CA  HA   sing N N 91  
ALA C   O    doub N N 92  
ALA C   OXT  sing N N 93  
ALA CB  HB1  sing N N 94  
ALA CB  HB2  sing N N 95  
ALA CB  HB3  sing N N 96  
ALA OXT HXT  sing N N 97  
ARG N   CA   sing N N 98  
ARG N   H    sing N N 99  
ARG N   H2   sing N N 100 
ARG CA  C    sing N N 101 
ARG CA  CB   sing N N 102 
ARG CA  HA   sing N N 103 
ARG C   O    doub N N 104 
ARG C   OXT  sing N N 105 
ARG CB  CG   sing N N 106 
ARG CB  HB2  sing N N 107 
ARG CB  HB3  sing N N 108 
ARG CG  CD   sing N N 109 
ARG CG  HG2  sing N N 110 
ARG CG  HG3  sing N N 111 
ARG CD  NE   sing N N 112 
ARG CD  HD2  sing N N 113 
ARG CD  HD3  sing N N 114 
ARG NE  CZ   sing N N 115 
ARG NE  HE   sing N N 116 
ARG CZ  NH1  sing N N 117 
ARG CZ  NH2  doub N N 118 
ARG NH1 HH11 sing N N 119 
ARG NH1 HH12 sing N N 120 
ARG NH2 HH21 sing N N 121 
ARG NH2 HH22 sing N N 122 
ARG OXT HXT  sing N N 123 
ASN N   CA   sing N N 124 
ASN N   H    sing N N 125 
ASN N   H2   sing N N 126 
ASN CA  C    sing N N 127 
ASN CA  CB   sing N N 128 
ASN CA  HA   sing N N 129 
ASN C   O    doub N N 130 
ASN C   OXT  sing N N 131 
ASN CB  CG   sing N N 132 
ASN CB  HB2  sing N N 133 
ASN CB  HB3  sing N N 134 
ASN CG  OD1  doub N N 135 
ASN CG  ND2  sing N N 136 
ASN ND2 HD21 sing N N 137 
ASN ND2 HD22 sing N N 138 
ASN OXT HXT  sing N N 139 
ASP N   CA   sing N N 140 
ASP N   H    sing N N 141 
ASP N   H2   sing N N 142 
ASP CA  C    sing N N 143 
ASP CA  CB   sing N N 144 
ASP CA  HA   sing N N 145 
ASP C   O    doub N N 146 
ASP C   OXT  sing N N 147 
ASP CB  CG   sing N N 148 
ASP CB  HB2  sing N N 149 
ASP CB  HB3  sing N N 150 
ASP CG  OD1  doub N N 151 
ASP CG  OD2  sing N N 152 
ASP OD2 HD2  sing N N 153 
ASP OXT HXT  sing N N 154 
CME N   CA   sing N N 155 
CME N   H    sing N N 156 
CME N   H2   sing N N 157 
CME CA  CB   sing N N 158 
CME CA  C    sing N N 159 
CME CA  HA   sing N N 160 
CME CB  SG   sing N N 161 
CME CB  HB2  sing N N 162 
CME CB  HB3  sing N N 163 
CME SG  SD   sing N N 164 
CME SD  CE   sing N N 165 
CME CE  CZ   sing N N 166 
CME CE  HE2  sing N N 167 
CME CE  HE3  sing N N 168 
CME CZ  OH   sing N N 169 
CME CZ  HZ2  sing N N 170 
CME CZ  HZ3  sing N N 171 
CME OH  HH   sing N N 172 
CME C   O    doub N N 173 
CME C   OXT  sing N N 174 
CME OXT HXT  sing N N 175 
CYS N   CA   sing N N 176 
CYS N   H    sing N N 177 
CYS N   H2   sing N N 178 
CYS CA  C    sing N N 179 
CYS CA  CB   sing N N 180 
CYS CA  HA   sing N N 181 
CYS C   O    doub N N 182 
CYS C   OXT  sing N N 183 
CYS CB  SG   sing N N 184 
CYS CB  HB2  sing N N 185 
CYS CB  HB3  sing N N 186 
CYS SG  HG   sing N N 187 
CYS OXT HXT  sing N N 188 
GLN N   CA   sing N N 189 
GLN N   H    sing N N 190 
GLN N   H2   sing N N 191 
GLN CA  C    sing N N 192 
GLN CA  CB   sing N N 193 
GLN CA  HA   sing N N 194 
GLN C   O    doub N N 195 
GLN C   OXT  sing N N 196 
GLN CB  CG   sing N N 197 
GLN CB  HB2  sing N N 198 
GLN CB  HB3  sing N N 199 
GLN CG  CD   sing N N 200 
GLN CG  HG2  sing N N 201 
GLN CG  HG3  sing N N 202 
GLN CD  OE1  doub N N 203 
GLN CD  NE2  sing N N 204 
GLN NE2 HE21 sing N N 205 
GLN NE2 HE22 sing N N 206 
GLN OXT HXT  sing N N 207 
GLU N   CA   sing N N 208 
GLU N   H    sing N N 209 
GLU N   H2   sing N N 210 
GLU CA  C    sing N N 211 
GLU CA  CB   sing N N 212 
GLU CA  HA   sing N N 213 
GLU C   O    doub N N 214 
GLU C   OXT  sing N N 215 
GLU CB  CG   sing N N 216 
GLU CB  HB2  sing N N 217 
GLU CB  HB3  sing N N 218 
GLU CG  CD   sing N N 219 
GLU CG  HG2  sing N N 220 
GLU CG  HG3  sing N N 221 
GLU CD  OE1  doub N N 222 
GLU CD  OE2  sing N N 223 
GLU OE2 HE2  sing N N 224 
GLU OXT HXT  sing N N 225 
GLY N   CA   sing N N 226 
GLY N   H    sing N N 227 
GLY N   H2   sing N N 228 
GLY CA  C    sing N N 229 
GLY CA  HA2  sing N N 230 
GLY CA  HA3  sing N N 231 
GLY C   O    doub N N 232 
GLY C   OXT  sing N N 233 
GLY OXT HXT  sing N N 234 
HIS N   CA   sing N N 235 
HIS N   H    sing N N 236 
HIS N   H2   sing N N 237 
HIS CA  C    sing N N 238 
HIS CA  CB   sing N N 239 
HIS CA  HA   sing N N 240 
HIS C   O    doub N N 241 
HIS C   OXT  sing N N 242 
HIS CB  CG   sing N N 243 
HIS CB  HB2  sing N N 244 
HIS CB  HB3  sing N N 245 
HIS CG  ND1  sing Y N 246 
HIS CG  CD2  doub Y N 247 
HIS ND1 CE1  doub Y N 248 
HIS ND1 HD1  sing N N 249 
HIS CD2 NE2  sing Y N 250 
HIS CD2 HD2  sing N N 251 
HIS CE1 NE2  sing Y N 252 
HIS CE1 HE1  sing N N 253 
HIS NE2 HE2  sing N N 254 
HIS OXT HXT  sing N N 255 
HOH O   H1   sing N N 256 
HOH O   H2   sing N N 257 
ILE N   CA   sing N N 258 
ILE N   H    sing N N 259 
ILE N   H2   sing N N 260 
ILE CA  C    sing N N 261 
ILE CA  CB   sing N N 262 
ILE CA  HA   sing N N 263 
ILE C   O    doub N N 264 
ILE C   OXT  sing N N 265 
ILE CB  CG1  sing N N 266 
ILE CB  CG2  sing N N 267 
ILE CB  HB   sing N N 268 
ILE CG1 CD1  sing N N 269 
ILE CG1 HG12 sing N N 270 
ILE CG1 HG13 sing N N 271 
ILE CG2 HG21 sing N N 272 
ILE CG2 HG22 sing N N 273 
ILE CG2 HG23 sing N N 274 
ILE CD1 HD11 sing N N 275 
ILE CD1 HD12 sing N N 276 
ILE CD1 HD13 sing N N 277 
ILE OXT HXT  sing N N 278 
LEU N   CA   sing N N 279 
LEU N   H    sing N N 280 
LEU N   H2   sing N N 281 
LEU CA  C    sing N N 282 
LEU CA  CB   sing N N 283 
LEU CA  HA   sing N N 284 
LEU C   O    doub N N 285 
LEU C   OXT  sing N N 286 
LEU CB  CG   sing N N 287 
LEU CB  HB2  sing N N 288 
LEU CB  HB3  sing N N 289 
LEU CG  CD1  sing N N 290 
LEU CG  CD2  sing N N 291 
LEU CG  HG   sing N N 292 
LEU CD1 HD11 sing N N 293 
LEU CD1 HD12 sing N N 294 
LEU CD1 HD13 sing N N 295 
LEU CD2 HD21 sing N N 296 
LEU CD2 HD22 sing N N 297 
LEU CD2 HD23 sing N N 298 
LEU OXT HXT  sing N N 299 
LYS N   CA   sing N N 300 
LYS N   H    sing N N 301 
LYS N   H2   sing N N 302 
LYS CA  C    sing N N 303 
LYS CA  CB   sing N N 304 
LYS CA  HA   sing N N 305 
LYS C   O    doub N N 306 
LYS C   OXT  sing N N 307 
LYS CB  CG   sing N N 308 
LYS CB  HB2  sing N N 309 
LYS CB  HB3  sing N N 310 
LYS CG  CD   sing N N 311 
LYS CG  HG2  sing N N 312 
LYS CG  HG3  sing N N 313 
LYS CD  CE   sing N N 314 
LYS CD  HD2  sing N N 315 
LYS CD  HD3  sing N N 316 
LYS CE  NZ   sing N N 317 
LYS CE  HE2  sing N N 318 
LYS CE  HE3  sing N N 319 
LYS NZ  HZ1  sing N N 320 
LYS NZ  HZ2  sing N N 321 
LYS NZ  HZ3  sing N N 322 
LYS OXT HXT  sing N N 323 
MET N   CA   sing N N 324 
MET N   H    sing N N 325 
MET N   H2   sing N N 326 
MET CA  C    sing N N 327 
MET CA  CB   sing N N 328 
MET CA  HA   sing N N 329 
MET C   O    doub N N 330 
MET C   OXT  sing N N 331 
MET CB  CG   sing N N 332 
MET CB  HB2  sing N N 333 
MET CB  HB3  sing N N 334 
MET CG  SD   sing N N 335 
MET CG  HG2  sing N N 336 
MET CG  HG3  sing N N 337 
MET SD  CE   sing N N 338 
MET CE  HE1  sing N N 339 
MET CE  HE2  sing N N 340 
MET CE  HE3  sing N N 341 
MET OXT HXT  sing N N 342 
PHE N   CA   sing N N 343 
PHE N   H    sing N N 344 
PHE N   H2   sing N N 345 
PHE CA  C    sing N N 346 
PHE CA  CB   sing N N 347 
PHE CA  HA   sing N N 348 
PHE C   O    doub N N 349 
PHE C   OXT  sing N N 350 
PHE CB  CG   sing N N 351 
PHE CB  HB2  sing N N 352 
PHE CB  HB3  sing N N 353 
PHE CG  CD1  doub Y N 354 
PHE CG  CD2  sing Y N 355 
PHE CD1 CE1  sing Y N 356 
PHE CD1 HD1  sing N N 357 
PHE CD2 CE2  doub Y N 358 
PHE CD2 HD2  sing N N 359 
PHE CE1 CZ   doub Y N 360 
PHE CE1 HE1  sing N N 361 
PHE CE2 CZ   sing Y N 362 
PHE CE2 HE2  sing N N 363 
PHE CZ  HZ   sing N N 364 
PHE OXT HXT  sing N N 365 
PRO N   CA   sing N N 366 
PRO N   CD   sing N N 367 
PRO N   H    sing N N 368 
PRO CA  C    sing N N 369 
PRO CA  CB   sing N N 370 
PRO CA  HA   sing N N 371 
PRO C   O    doub N N 372 
PRO C   OXT  sing N N 373 
PRO CB  CG   sing N N 374 
PRO CB  HB2  sing N N 375 
PRO CB  HB3  sing N N 376 
PRO CG  CD   sing N N 377 
PRO CG  HG2  sing N N 378 
PRO CG  HG3  sing N N 379 
PRO CD  HD2  sing N N 380 
PRO CD  HD3  sing N N 381 
PRO OXT HXT  sing N N 382 
SER N   CA   sing N N 383 
SER N   H    sing N N 384 
SER N   H2   sing N N 385 
SER CA  C    sing N N 386 
SER CA  CB   sing N N 387 
SER CA  HA   sing N N 388 
SER C   O    doub N N 389 
SER C   OXT  sing N N 390 
SER CB  OG   sing N N 391 
SER CB  HB2  sing N N 392 
SER CB  HB3  sing N N 393 
SER OG  HG   sing N N 394 
SER OXT HXT  sing N N 395 
THR N   CA   sing N N 396 
THR N   H    sing N N 397 
THR N   H2   sing N N 398 
THR CA  C    sing N N 399 
THR CA  CB   sing N N 400 
THR CA  HA   sing N N 401 
THR C   O    doub N N 402 
THR C   OXT  sing N N 403 
THR CB  OG1  sing N N 404 
THR CB  CG2  sing N N 405 
THR CB  HB   sing N N 406 
THR OG1 HG1  sing N N 407 
THR CG2 HG21 sing N N 408 
THR CG2 HG22 sing N N 409 
THR CG2 HG23 sing N N 410 
THR OXT HXT  sing N N 411 
TRP N   CA   sing N N 412 
TRP N   H    sing N N 413 
TRP N   H2   sing N N 414 
TRP CA  C    sing N N 415 
TRP CA  CB   sing N N 416 
TRP CA  HA   sing N N 417 
TRP C   O    doub N N 418 
TRP C   OXT  sing N N 419 
TRP CB  CG   sing N N 420 
TRP CB  HB2  sing N N 421 
TRP CB  HB3  sing N N 422 
TRP CG  CD1  doub Y N 423 
TRP CG  CD2  sing Y N 424 
TRP CD1 NE1  sing Y N 425 
TRP CD1 HD1  sing N N 426 
TRP CD2 CE2  doub Y N 427 
TRP CD2 CE3  sing Y N 428 
TRP NE1 CE2  sing Y N 429 
TRP NE1 HE1  sing N N 430 
TRP CE2 CZ2  sing Y N 431 
TRP CE3 CZ3  doub Y N 432 
TRP CE3 HE3  sing N N 433 
TRP CZ2 CH2  doub Y N 434 
TRP CZ2 HZ2  sing N N 435 
TRP CZ3 CH2  sing Y N 436 
TRP CZ3 HZ3  sing N N 437 
TRP CH2 HH2  sing N N 438 
TRP OXT HXT  sing N N 439 
TYR N   CA   sing N N 440 
TYR N   H    sing N N 441 
TYR N   H2   sing N N 442 
TYR CA  C    sing N N 443 
TYR CA  CB   sing N N 444 
TYR CA  HA   sing N N 445 
TYR C   O    doub N N 446 
TYR C   OXT  sing N N 447 
TYR CB  CG   sing N N 448 
TYR CB  HB2  sing N N 449 
TYR CB  HB3  sing N N 450 
TYR CG  CD1  doub Y N 451 
TYR CG  CD2  sing Y N 452 
TYR CD1 CE1  sing Y N 453 
TYR CD1 HD1  sing N N 454 
TYR CD2 CE2  doub Y N 455 
TYR CD2 HD2  sing N N 456 
TYR CE1 CZ   doub Y N 457 
TYR CE1 HE1  sing N N 458 
TYR CE2 CZ   sing Y N 459 
TYR CE2 HE2  sing N N 460 
TYR CZ  OH   sing N N 461 
TYR OH  HH   sing N N 462 
TYR OXT HXT  sing N N 463 
VAL N   CA   sing N N 464 
VAL N   H    sing N N 465 
VAL N   H2   sing N N 466 
VAL CA  C    sing N N 467 
VAL CA  CB   sing N N 468 
VAL CA  HA   sing N N 469 
VAL C   O    doub N N 470 
VAL C   OXT  sing N N 471 
VAL CB  CG1  sing N N 472 
VAL CB  CG2  sing N N 473 
VAL CB  HB   sing N N 474 
VAL CG1 HG11 sing N N 475 
VAL CG1 HG12 sing N N 476 
VAL CG1 HG13 sing N N 477 
VAL CG2 HG21 sing N N 478 
VAL CG2 HG22 sing N N 479 
VAL CG2 HG23 sing N N 480 
VAL OXT HXT  sing N N 481 
# 
_pdbx_audit_support.funding_organization   'National Institutes of Health/National Center for Research Resources (NIH/NCRR)' 
_pdbx_audit_support.country                'United States' 
_pdbx_audit_support.grant_number           UL1RR029879 
_pdbx_audit_support.ordinal                1 
# 
_pdbx_initial_refinement_model.id               1 
_pdbx_initial_refinement_model.entity_id_list   ? 
_pdbx_initial_refinement_model.type             'experimental model' 
_pdbx_initial_refinement_model.source_name      PDB 
_pdbx_initial_refinement_model.accession_code   6C7Q 
_pdbx_initial_refinement_model.details          'PDB entry 6C7Q' 
# 
_atom_sites.entry_id                    7RUH 
_atom_sites.Cartn_transf_matrix[1][1]   ? 
_atom_sites.Cartn_transf_matrix[1][2]   ? 
_atom_sites.Cartn_transf_matrix[1][3]   ? 
_atom_sites.Cartn_transf_matrix[2][1]   ? 
_atom_sites.Cartn_transf_matrix[2][2]   ? 
_atom_sites.Cartn_transf_matrix[2][3]   ? 
_atom_sites.Cartn_transf_matrix[3][1]   ? 
_atom_sites.Cartn_transf_matrix[3][2]   ? 
_atom_sites.Cartn_transf_matrix[3][3]   ? 
_atom_sites.Cartn_transf_vector[1]      ? 
_atom_sites.Cartn_transf_vector[2]      ? 
_atom_sites.Cartn_transf_vector[3]      ? 
_atom_sites.fract_transf_matrix[1][1]   -0.00569969 
_atom_sites.fract_transf_matrix[1][2]   -0.00703552 
_atom_sites.fract_transf_matrix[1][3]   -0.02893748 
_atom_sites.fract_transf_matrix[2][1]   0.01058777 
_atom_sites.fract_transf_matrix[2][2]   0.01449714 
_atom_sites.fract_transf_matrix[2][3]   -0.00561009 
_atom_sites.fract_transf_matrix[3][1]   0.01110434 
_atom_sites.fract_transf_matrix[3][2]   -0.00818609 
_atom_sites.fract_transf_matrix[3][3]   -0.00019690 
_atom_sites.fract_transf_vector[1]      -0.012202 
_atom_sites.fract_transf_vector[2]      -0.189866 
_atom_sites.fract_transf_vector[3]      0.036122 
_atom_sites.solution_primary            ? 
_atom_sites.solution_secondary          ? 
_atom_sites.solution_hydrogens          ? 
_atom_sites.special_details             ? 
# 
loop_
_atom_type.symbol 
C 
F 
N 
O 
S 
# 
loop_
_atom_site.group_PDB 
_atom_site.id 
_atom_site.type_symbol 
_atom_site.label_atom_id 
_atom_site.label_alt_id 
_atom_site.label_comp_id 
_atom_site.label_asym_id 
_atom_site.label_entity_id 
_atom_site.label_seq_id 
_atom_site.pdbx_PDB_ins_code 
_atom_site.Cartn_x 
_atom_site.Cartn_y 
_atom_site.Cartn_z 
_atom_site.occupancy 
_atom_site.B_iso_or_equiv 
_atom_site.pdbx_formal_charge 
_atom_site.auth_seq_id 
_atom_site.auth_comp_id 
_atom_site.auth_asym_id 
_atom_site.auth_atom_id 
_atom_site.pdbx_PDB_model_num 
ATOM   1    N N   . SER A 1 18  ? 16.044  -7.997  -17.532 1.00 44.48 ? 348 SER A N   1 
ATOM   2    C CA  . SER A 1 18  ? 15.406  -6.759  -18.046 1.00 42.98 ? 348 SER A CA  1 
ATOM   3    C C   . SER A 1 18  ? 15.313  -5.734  -16.895 1.00 42.83 ? 348 SER A C   1 
ATOM   4    O O   . SER A 1 18  ? 15.200  -6.157  -15.708 1.00 36.84 ? 348 SER A O   1 
ATOM   5    C CB  . SER A 1 18  ? 14.048  -7.046  -18.656 1.00 42.88 ? 348 SER A CB  1 
ATOM   6    O OG  . SER A 1 18  ? 13.041  -7.191  -17.659 1.00 40.19 ? 348 SER A OG  1 
ATOM   7    N N   . LYS A 1 19  ? 15.373  -4.447  -17.228 1.00 42.68 ? 349 LYS A N   1 
ATOM   8    C CA  . LYS A 1 19  ? 15.196  -3.323  -16.269 1.00 41.09 ? 349 LYS A CA  1 
ATOM   9    C C   . LYS A 1 19  ? 13.873  -3.535  -15.523 1.00 37.38 ? 349 LYS A C   1 
ATOM   10   O O   . LYS A 1 19  ? 13.846  -3.372  -14.287 1.00 31.46 ? 349 LYS A O   1 
ATOM   11   C CB  . LYS A 1 19  ? 15.233  -1.986  -17.013 1.00 45.05 ? 349 LYS A CB  1 
ATOM   12   C CG  . LYS A 1 19  ? 15.764  -0.815  -16.199 1.00 51.53 ? 349 LYS A CG  1 
ATOM   13   C CD  . LYS A 1 19  ? 15.948  0.480   -16.989 1.00 57.24 ? 349 LYS A CD  1 
ATOM   14   C CE  . LYS A 1 19  ? 16.829  0.340   -18.219 1.00 59.19 ? 349 LYS A CE  1 
ATOM   15   N NZ  . LYS A 1 19  ? 16.506  1.350   -19.258 1.00 55.02 ? 349 LYS A NZ  1 
ATOM   16   N N   . VAL A 1 20  ? 12.827  -3.929  -16.246 1.00 35.54 ? 350 VAL A N   1 
ATOM   17   C CA  . VAL A 1 20  ? 11.461  -4.118  -15.688 1.00 39.27 ? 350 VAL A CA  1 
ATOM   18   C C   . VAL A 1 20  ? 11.492  -5.291  -14.704 1.00 32.73 ? 350 VAL A C   1 
ATOM   19   O O   . VAL A 1 20  ? 10.969  -5.118  -13.620 1.00 30.44 ? 350 VAL A O   1 
ATOM   20   C CB  . VAL A 1 20  ? 10.383  -4.252  -16.784 1.00 43.10 ? 350 VAL A CB  1 
ATOM   21   C CG1 . VAL A 1 20  ? 8.999   -4.566  -16.238 1.00 47.66 ? 350 VAL A CG1 1 
ATOM   22   C CG2 . VAL A 1 20  ? 10.343  -2.994  -17.638 1.00 47.08 ? 350 VAL A CG2 1 
ATOM   23   N N   . SER A 1 21  ? 12.082  -6.441  -15.050 1.00 30.57 ? 351 SER A N   1 
ATOM   24   C CA  . SER A 1 21  ? 12.181  -7.611  -14.135 1.00 31.58 ? 351 SER A CA  1 
ATOM   25   C C   . SER A 1 21  ? 12.847  -7.168  -12.836 1.00 25.57 ? 351 SER A C   1 
ATOM   26   O O   . SER A 1 21  ? 12.342  -7.533  -11.781 1.00 27.03 ? 351 SER A O   1 
ATOM   27   C CB  . SER A 1 21  ? 12.946  -8.748  -14.748 1.00 35.79 ? 351 SER A CB  1 
ATOM   28   O OG  . SER A 1 21  ? 12.437  -8.988  -16.046 1.00 50.23 ? 351 SER A OG  1 
ATOM   29   N N   . GLU A 1 22  ? 13.952  -6.434  -12.931 1.00 25.88 ? 352 GLU A N   1 
ATOM   30   C CA  . GLU A 1 22  ? 14.674  -5.964  -11.756 1.00 26.79 ? 352 GLU A CA  1 
ATOM   31   C C   . GLU A 1 22  ? 13.834  -5.011  -10.911 1.00 23.17 ? 352 GLU A C   1 
ATOM   32   O O   . GLU A 1 22  ? 13.854  -5.079  -9.687  1.00 23.12 ? 352 GLU A O   1 
ATOM   33   C CB  . GLU A 1 22  ? 15.994  -5.299  -12.153 1.00 29.54 ? 352 GLU A CB  1 
ATOM   34   C CG  . GLU A 1 22  ? 16.907  -5.015  -10.975 1.00 31.36 ? 352 GLU A CG  1 
ATOM   35   C CD  . GLU A 1 22  ? 18.168  -4.272  -11.369 1.00 30.74 ? 352 GLU A CD  1 
ATOM   36   O OE1 . GLU A 1 22  ? 18.335  -3.978  -12.568 1.00 34.39 ? 352 GLU A OE1 1 
ATOM   37   O OE2 . GLU A 1 22  ? 18.987  -3.979  -10.478 1.00 27.44 ? 352 GLU A OE2 1 
ATOM   38   N N   . GLN A 1 23  ? 13.093  -4.124  -11.570 1.00 24.75 ? 353 GLN A N   1 
ATOM   39   C CA  . GLN A 1 23  ? 12.248  -3.177  -10.852 1.00 22.16 ? 353 GLN A CA  1 
ATOM   40   C C   . GLN A 1 23  ? 11.184  -3.924  -10.062 1.00 19.51 ? 353 GLN A C   1 
ATOM   41   O O   . GLN A 1 23  ? 10.920  -3.612  -8.906  1.00 22.19 ? 353 GLN A O   1 
ATOM   42   C CB  . GLN A 1 23  ? 11.563  -2.218  -11.823 1.00 25.46 ? 353 GLN A CB  1 
ATOM   43   C CG  . GLN A 1 23  ? 12.475  -1.173  -12.434 1.00 29.22 ? 353 GLN A CG  1 
ATOM   44   C CD  . GLN A 1 23  ? 11.749  -0.272  -13.413 1.00 33.66 ? 353 GLN A CD  1 
ATOM   45   O OE1 . GLN A 1 23  ? 10.525  -0.203  -13.410 1.00 37.29 ? 353 GLN A OE1 1 
ATOM   46   N NE2 . GLN A 1 23  ? 12.503  0.430   -14.251 1.00 28.71 ? 353 GLN A NE2 1 
ATOM   47   N N   . LEU A 1 24  ? 10.598  -4.934  -10.693 1.00 19.95 ? 354 LEU A N   1 
ATOM   48   C CA  . LEU A 1 24  ? 9.565   -5.744  -10.069 1.00 21.20 ? 354 LEU A CA  1 
ATOM   49   C C   . LEU A 1 24  ? 10.101  -6.493  -8.852  1.00 21.91 ? 354 LEU A C   1 
ATOM   50   O O   . LEU A 1 24  ? 9.393   -6.667  -7.869  1.00 20.21 ? 354 LEU A O   1 
ATOM   51   C CB  . LEU A 1 24  ? 8.901   -6.667  -11.088 1.00 23.18 ? 354 LEU A CB  1 
ATOM   52   C CG  . LEU A 1 24  ? 8.088   -5.855  -12.097 1.00 24.76 ? 354 LEU A CG  1 
ATOM   53   C CD1 . LEU A 1 24  ? 7.387   -6.759  -13.096 1.00 28.15 ? 354 LEU A CD1 1 
ATOM   54   C CD2 . LEU A 1 24  ? 7.083   -4.977  -11.366 1.00 23.84 ? 354 LEU A CD2 1 
ATOM   55   N N   . LYS A 1 25  ? 11.343  -6.962  -8.927  1.00 21.23 ? 355 LYS A N   1 
ATOM   56   C CA  . LYS A 1 25  ? 11.953  -7.634  -7.784  1.00 21.38 ? 355 LYS A CA  1 
ATOM   57   C C   . LYS A 1 25  ? 12.082  -6.659  -6.612  1.00 18.94 ? 355 LYS A C   1 
ATOM   58   O O   . LYS A 1 25  ? 11.850  -7.023  -5.465  1.00 19.07 ? 355 LYS A O   1 
ATOM   59   C CB  . LYS A 1 25  ? 13.305  -8.242  -8.149  1.00 23.08 ? 355 LYS A CB  1 
ATOM   60   C CG  . LYS A 1 25  ? 13.180  -9.496  -8.994  1.00 26.95 ? 355 LYS A CG  1 
ATOM   61   C CD  . LYS A 1 25  ? 14.441  -10.336 -8.948  1.00 32.59 ? 355 LYS A CD  1 
ATOM   62   C CE  . LYS A 1 25  ? 14.218  -11.683 -9.613  1.00 37.09 ? 355 LYS A CE  1 
ATOM   63   N NZ  . LYS A 1 25  ? 13.197  -12.490 -8.890  1.00 43.01 ? 355 LYS A NZ  1 
HETATM 64   N N   . CME A 1 26  ? 12.458  -5.415  -6.907  1.00 17.16 ? 356 CME A N   1 
HETATM 65   C CA  . CME A 1 26  ? 12.559  -4.392  -5.883  1.00 17.28 ? 356 CME A CA  1 
HETATM 66   C CB  . CME A 1 26  ? 13.171  -3.116  -6.462  1.00 18.18 ? 356 CME A CB  1 
HETATM 67   S SG  . CME A 1 26  ? 13.090  -1.740  -5.355  1.00 20.35 ? 356 CME A SG  1 
HETATM 68   S SD  . CME A 1 26  ? 14.131  -2.369  -3.765  1.00 22.83 ? 356 CME A SD  1 
HETATM 69   C CE  . CME A 1 26  ? 15.725  -1.731  -4.147  1.00 28.50 ? 356 CME A CE  1 
HETATM 70   C CZ  . CME A 1 26  ? 16.231  -0.965  -2.936  1.00 32.91 ? 356 CME A CZ  1 
HETATM 71   O OH  . CME A 1 26  ? 16.260  -1.863  -1.821  1.00 32.48 ? 356 CME A OH  1 
HETATM 72   C C   . CME A 1 26  ? 11.183  -4.154  -5.309  1.00 16.75 ? 356 CME A C   1 
HETATM 73   O O   . CME A 1 26  ? 11.068  -4.035  -4.079  1.00 16.47 ? 356 CME A O   1 
ATOM   74   N N   . CYS A 1 27  ? 10.145  -4.106  -6.144  1.00 16.76 ? 357 CYS A N   1 
ATOM   75   C CA  . CYS A 1 27  ? 8.785   -3.897  -5.650  1.00 17.02 ? 357 CYS A CA  1 
ATOM   76   C C   . CYS A 1 27  ? 8.386   -5.049  -4.737  1.00 16.12 ? 357 CYS A C   1 
ATOM   77   O O   . CYS A 1 27  ? 7.822   -4.838  -3.671  1.00 17.16 ? 357 CYS A O   1 
ATOM   78   C CB  . CYS A 1 27  ? 7.806   -3.789  -6.814  1.00 17.69 ? 357 CYS A CB  1 
ATOM   79   S SG  . CYS A 1 27  ? 8.050   -2.325  -7.843  1.00 19.95 ? 357 CYS A SG  1 
ATOM   80   N N   . SER A 1 28  ? 8.692   -6.271  -5.161  1.00 17.70 ? 358 SER A N   1 
ATOM   81   C CA  . SER A 1 28  ? 8.436   -7.464  -4.315  1.00 19.18 ? 358 SER A CA  1 
ATOM   82   C C   . SER A 1 28  ? 9.116   -7.371  -2.959  1.00 16.95 ? 358 SER A C   1 
ATOM   83   O O   . SER A 1 28  ? 8.470   -7.684  -1.933  1.00 18.56 ? 358 SER A O   1 
ATOM   84   C CB  . SER A 1 28  ? 8.870   -8.697  -5.042  1.00 23.21 ? 358 SER A CB  1 
ATOM   85   O OG  . SER A 1 28  ? 9.126   -9.729  -4.111  1.00 28.19 ? 358 SER A OG  1 
ATOM   86   N N   . GLY A 1 29  ? 10.376  -6.913  -2.937  1.00 16.06 ? 359 GLY A N   1 
ATOM   87   C CA  . GLY A 1 29  ? 11.166  -6.731  -1.716  1.00 16.10 ? 359 GLY A CA  1 
ATOM   88   C C   . GLY A 1 29  ? 10.585  -5.650  -0.820  1.00 15.56 ? 359 GLY A C   1 
ATOM   89   O O   . GLY A 1 29  ? 10.465  -5.900  0.411   1.00 16.09 ? 359 GLY A O   1 
ATOM   90   N N   . ILE A 1 30  ? 10.160  -4.541  -1.425  1.00 16.26 ? 360 ILE A N   1 
ATOM   91   C CA  . ILE A 1 30  ? 9.544   -3.442  -0.645  1.00 17.20 ? 360 ILE A CA  1 
ATOM   92   C C   . ILE A 1 30  ? 8.268   -3.962  0.013   1.00 16.08 ? 360 ILE A C   1 
ATOM   93   O O   . ILE A 1 30  ? 8.050   -3.719  1.219   1.00 15.56 ? 360 ILE A O   1 
ATOM   94   C CB  . ILE A 1 30  ? 9.264   -2.230  -1.538  1.00 16.94 ? 360 ILE A CB  1 
ATOM   95   C CG1 . ILE A 1 30  ? 10.582  -1.569  -1.974  1.00 17.08 ? 360 ILE A CG1 1 
ATOM   96   C CG2 . ILE A 1 30  ? 8.339   -1.308  -0.782  1.00 18.82 ? 360 ILE A CG2 1 
ATOM   97   C CD1 . ILE A 1 30  ? 10.385  -0.536  -3.049  1.00 19.10 ? 360 ILE A CD1 1 
ATOM   98   N N   . LEU A 1 31  ? 7.423   -4.679  -0.725  1.00 15.76 ? 361 LEU A N   1 
ATOM   99   C CA  . LEU A 1 31  ? 6.122   -5.121  -0.167  1.00 15.48 ? 361 LEU A CA  1 
ATOM   100  C C   . LEU A 1 31  ? 6.381   -6.168  0.920   1.00 16.01 ? 361 LEU A C   1 
ATOM   101  O O   . LEU A 1 31  ? 5.706   -6.188  1.942   1.00 16.55 ? 361 LEU A O   1 
ATOM   102  C CB  . LEU A 1 31  ? 5.212   -5.672  -1.277  1.00 16.65 ? 361 LEU A CB  1 
ATOM   103  C CG  . LEU A 1 31  ? 3.789   -6.004  -0.838  1.00 17.58 ? 361 LEU A CG  1 
ATOM   104  C CD1 . LEU A 1 31  ? 3.025   -4.778  -0.398  1.00 18.50 ? 361 LEU A CD1 1 
ATOM   105  C CD2 . LEU A 1 31  ? 3.024   -6.681  -1.952  1.00 20.95 ? 361 LEU A CD2 1 
ATOM   106  N N   . LYS A 1 32  ? 7.330   -7.052  0.704   1.00 16.50 ? 362 LYS A N   1 
ATOM   107  C CA  . LYS A 1 32  ? 7.715   -8.031  1.745   1.00 17.77 ? 362 LYS A CA  1 
ATOM   108  C C   . LYS A 1 32  ? 8.157   -7.295  3.010   1.00 17.11 ? 362 LYS A C   1 
ATOM   109  O O   . LYS A 1 32  ? 7.737   -7.692  4.140   1.00 17.77 ? 362 LYS A O   1 
ATOM   110  C CB  . LYS A 1 32  ? 8.799   -8.957  1.223   1.00 18.56 ? 362 LYS A CB  1 
ATOM   111  C CG  . LYS A 1 32  ? 9.236   -9.987  2.255   1.00 19.54 ? 362 LYS A CG  1 
ATOM   112  C CD  . LYS A 1 32  ? 8.300   -11.203 2.337   1.00 22.39 ? 362 LYS A CD  1 
ATOM   113  C CE  . LYS A 1 32  ? 8.832   -12.178 3.369   1.00 23.88 ? 362 LYS A CE  1 
ATOM   114  N NZ  . LYS A 1 32  ? 7.840   -13.209 3.762   1.00 27.58 ? 362 LYS A NZ  1 
ATOM   115  N N   . GLU A 1 33  ? 8.949   -6.233  2.867   1.00 15.48 ? 363 GLU A N   1 
ATOM   116  C CA  . GLU A 1 33  ? 9.364   -5.485  4.046   1.00 15.99 ? 363 GLU A CA  1 
ATOM   117  C C   . GLU A 1 33  ? 8.131   -4.858  4.709   1.00 17.55 ? 363 GLU A C   1 
ATOM   118  O O   . GLU A 1 33  ? 8.020   -4.866  5.961   1.00 16.87 ? 363 GLU A O   1 
ATOM   119  C CB  . GLU A 1 33  ? 10.421  -4.441  3.699   1.00 16.66 ? 363 GLU A CB  1 
ATOM   120  C CG  . GLU A 1 33  ? 10.693  -3.634  4.938   1.00 16.99 ? 363 GLU A CG  1 
ATOM   121  C CD  . GLU A 1 33  ? 11.843  -2.674  4.830   1.00 17.88 ? 363 GLU A CD  1 
ATOM   122  O OE1 . GLU A 1 33  ? 12.481  -2.643  3.761   1.00 20.13 ? 363 GLU A OE1 1 
ATOM   123  O OE2 . GLU A 1 33  ? 12.096  -1.971  5.857   1.00 21.09 ? 363 GLU A OE2 1 
ATOM   124  N N   . MET A 1 34  ? 7.190   -4.363  3.914   1.00 15.07 ? 364 MET A N   1 
ATOM   125  C CA  . MET A 1 34  ? 5.997   -3.705  4.468   1.00 16.63 ? 364 MET A CA  1 
ATOM   126  C C   . MET A 1 34  ? 5.178   -4.706  5.291   1.00 17.16 ? 364 MET A C   1 
ATOM   127  O O   . MET A 1 34  ? 4.490   -4.284  6.209   1.00 17.55 ? 364 MET A O   1 
ATOM   128  C CB  . MET A 1 34  ? 5.147   -3.051  3.375   1.00 16.76 ? 364 MET A CB  1 
ATOM   129  C CG  . MET A 1 34  ? 5.830   -1.831  2.791   1.00 16.30 ? 364 MET A CG  1 
ATOM   130  S SD  . MET A 1 34  ? 5.056   -1.232  1.277   1.00 17.14 ? 364 MET A SD  1 
ATOM   131  C CE  . MET A 1 34  ? 3.468   -0.668  1.877   1.00 18.18 ? 364 MET A CE  1 
ATOM   132  N N   . PHE A 1 35  ? 5.258   -5.996  4.983   1.00 17.11 ? 365 PHE A N   1 
ATOM   133  C CA  . PHE A 1 35  ? 4.550   -7.059  5.743   1.00 18.44 ? 365 PHE A CA  1 
ATOM   134  C C   . PHE A 1 35  ? 5.379   -7.582  6.927   1.00 19.40 ? 365 PHE A C   1 
ATOM   135  O O   . PHE A 1 35  ? 4.887   -8.428  7.663   1.00 18.91 ? 365 PHE A O   1 
ATOM   136  C CB  . PHE A 1 35  ? 4.238   -8.220  4.810   1.00 17.44 ? 365 PHE A CB  1 
ATOM   137  C CG  . PHE A 1 35  ? 2.933   -8.150  4.085   1.00 17.89 ? 365 PHE A CG  1 
ATOM   138  C CD1 . PHE A 1 35  ? 1.735   -8.325  4.765   1.00 18.86 ? 365 PHE A CD1 1 
ATOM   139  C CD2 . PHE A 1 35  ? 2.908   -8.009  2.713   1.00 17.79 ? 365 PHE A CD2 1 
ATOM   140  C CE1 . PHE A 1 35  ? 0.544   -8.329  4.071   1.00 19.62 ? 365 PHE A CE1 1 
ATOM   141  C CE2 . PHE A 1 35  ? 1.700   -7.956  2.021   1.00 18.93 ? 365 PHE A CE2 1 
ATOM   142  C CZ  . PHE A 1 35  ? 0.526   -8.124  2.710   1.00 17.69 ? 365 PHE A CZ  1 
ATOM   143  N N   . ALA A 1 36  ? 6.606   -7.110  7.108   1.00 19.44 ? 366 ALA A N   1 
ATOM   144  C CA  . ALA A 1 36  ? 7.562   -7.717  8.076   1.00 21.61 ? 366 ALA A CA  1 
ATOM   145  C C   . ALA A 1 36  ? 7.177   -7.331  9.496   1.00 22.94 ? 366 ALA A C   1 
ATOM   146  O O   . ALA A 1 36  ? 6.679   -6.229  9.731   1.00 21.87 ? 366 ALA A O   1 
ATOM   147  C CB  . ALA A 1 36  ? 8.972   -7.307  7.776   1.00 21.25 ? 366 ALA A CB  1 
ATOM   148  N N   . LYS A 1 37  ? 7.501   -8.194  10.460  1.00 24.88 ? 367 LYS A N   1 
ATOM   149  C CA  . LYS A 1 37  ? 7.200   -7.931  11.886  1.00 26.96 ? 367 LYS A CA  1 
ATOM   150  C C   . LYS A 1 37  ? 7.717   -6.567  12.350  1.00 23.93 ? 367 LYS A C   1 
ATOM   151  O O   . LYS A 1 37  ? 7.047   -5.915  13.194  1.00 23.68 ? 367 LYS A O   1 
ATOM   152  C CB  . LYS A 1 37  ? 7.767   -9.090  12.705  1.00 28.51 ? 367 LYS A CB  1 
ATOM   153  C CG  . LYS A 1 37  ? 7.018   -10.395 12.506  1.00 39.38 ? 367 LYS A CG  1 
ATOM   154  C CD  . LYS A 1 37  ? 5.552   -10.349 12.940  1.00 46.16 ? 367 LYS A CD  1 
ATOM   155  C CE  . LYS A 1 37  ? 4.934   -11.721 13.154  1.00 49.93 ? 367 LYS A CE  1 
ATOM   156  N NZ  . LYS A 1 37  ? 5.877   -12.682 13.781  1.00 52.73 ? 367 LYS A NZ  1 
ATOM   157  N N   . LYS A 1 38  ? 8.864   -6.120  11.869  1.00 24.52 ? 368 LYS A N   1 
ATOM   158  C CA  . LYS A 1 38  ? 9.474   -4.863  12.350  1.00 28.04 ? 368 LYS A CA  1 
ATOM   159  C C   . LYS A 1 38  ? 8.531   -3.680  12.102  1.00 27.79 ? 368 LYS A C   1 
ATOM   160  O O   . LYS A 1 38  ? 8.601   -2.742  12.881  1.00 25.93 ? 368 LYS A O   1 
ATOM   161  C CB  . LYS A 1 38  ? 10.857  -4.663  11.735  1.00 33.02 ? 368 LYS A CB  1 
ATOM   162  C CG  . LYS A 1 38  ? 10.917  -4.416  10.246  1.00 36.49 ? 368 LYS A CG  1 
ATOM   163  C CD  . LYS A 1 38  ? 12.252  -3.815  9.869   1.00 44.38 ? 368 LYS A CD  1 
ATOM   164  C CE  . LYS A 1 38  ? 12.639  -2.689  10.817  1.00 43.91 ? 368 LYS A CE  1 
ATOM   165  N NZ  . LYS A 1 38  ? 13.586  -1.735  10.201  1.00 50.13 ? 368 LYS A NZ  1 
ATOM   166  N N   . HIS A 1 39  ? 7.676   -3.730  11.074  1.00 21.69 ? 369 HIS A N   1 
ATOM   167  C CA  . HIS A 1 39  ? 6.735   -2.621  10.756  1.00 19.28 ? 369 HIS A CA  1 
ATOM   168  C C   . HIS A 1 39  ? 5.298   -2.949  11.192  1.00 18.50 ? 369 HIS A C   1 
ATOM   169  O O   . HIS A 1 39  ? 4.438   -2.107  10.990  1.00 19.64 ? 369 HIS A O   1 
ATOM   170  C CB  . HIS A 1 39  ? 6.775   -2.247  9.273   1.00 18.42 ? 369 HIS A CB  1 
ATOM   171  C CG  . HIS A 1 39  ? 8.131   -1.908  8.780   1.00 17.45 ? 369 HIS A CG  1 
ATOM   172  N ND1 . HIS A 1 39  ? 8.847   -0.851  9.274   1.00 17.81 ? 369 HIS A ND1 1 
ATOM   173  C CD2 . HIS A 1 39  ? 8.935   -2.549  7.912   1.00 17.62 ? 369 HIS A CD2 1 
ATOM   174  C CE1 . HIS A 1 39  ? 10.000  -0.797  8.642   1.00 20.14 ? 369 HIS A CE1 1 
ATOM   175  N NE2 . HIS A 1 39  ? 10.088  -1.840  7.810   1.00 19.48 ? 369 HIS A NE2 1 
ATOM   176  N N   . ALA A 1 40  ? 5.013   -4.103  11.782  1.00 20.26 ? 370 ALA A N   1 
ATOM   177  C CA  . ALA A 1 40  ? 3.617   -4.558  12.006  1.00 21.60 ? 370 ALA A CA  1 
ATOM   178  C C   . ALA A 1 40  ? 2.833   -3.588  12.908  1.00 23.16 ? 370 ALA A C   1 
ATOM   179  O O   . ALA A 1 40  ? 1.623   -3.523  12.763  1.00 23.00 ? 370 ALA A O   1 
ATOM   180  C CB  . ALA A 1 40  ? 3.576   -5.958  12.587  1.00 24.36 ? 370 ALA A CB  1 
ATOM   181  N N   . ALA A 1 41  ? 3.465   -2.861  13.833  1.00 22.48 ? 371 ALA A N   1 
ATOM   182  C CA  . ALA A 1 41  ? 2.721   -1.995  14.782  1.00 23.46 ? 371 ALA A CA  1 
ATOM   183  C C   . ALA A 1 41  ? 1.936   -0.922  14.033  1.00 22.97 ? 371 ALA A C   1 
ATOM   184  O O   . ALA A 1 41  ? 0.907   -0.538  14.560  1.00 26.00 ? 371 ALA A O   1 
ATOM   185  C CB  . ALA A 1 41  ? 3.630   -1.315  15.797  1.00 24.75 ? 371 ALA A CB  1 
ATOM   186  N N   . TYR A 1 42  ? 2.395   -0.484  12.857  1.00 21.82 ? 372 TYR A N   1 
ATOM   187  C CA  . TYR A 1 42  ? 1.710   0.550   12.043  1.00 21.41 ? 372 TYR A CA  1 
ATOM   188  C C   . TYR A 1 42  ? 1.219   -0.008  10.709  1.00 20.77 ? 372 TYR A C   1 
ATOM   189  O O   . TYR A 1 42  ? 0.331   0.611   10.118  1.00 20.47 ? 372 TYR A O   1 
ATOM   190  C CB  . TYR A 1 42  ? 2.585   1.789   11.825  1.00 22.47 ? 372 TYR A CB  1 
ATOM   191  C CG  . TYR A 1 42  ? 4.051   1.545   11.578  1.00 21.56 ? 372 TYR A CG  1 
ATOM   192  C CD1 . TYR A 1 42  ? 4.921   1.436   12.643  1.00 25.97 ? 372 TYR A CD1 1 
ATOM   193  C CD2 . TYR A 1 42  ? 4.583   1.510   10.305  1.00 23.00 ? 372 TYR A CD2 1 
ATOM   194  C CE1 . TYR A 1 42  ? 6.280   1.229   12.459  1.00 26.76 ? 372 TYR A CE1 1 
ATOM   195  C CE2 . TYR A 1 42  ? 5.948   1.309   10.102  1.00 22.40 ? 372 TYR A CE2 1 
ATOM   196  C CZ  . TYR A 1 42  ? 6.794   1.159   11.180  1.00 26.80 ? 372 TYR A CZ  1 
ATOM   197  O OH  . TYR A 1 42  ? 8.157   0.986   11.003  1.00 27.84 ? 372 TYR A OH  1 
ATOM   198  N N   . ALA A 1 43  ? 1.752   -1.126  10.217  1.00 18.02 ? 373 ALA A N   1 
ATOM   199  C CA  . ALA A 1 43  ? 1.328   -1.639  8.895   1.00 18.67 ? 373 ALA A CA  1 
ATOM   200  C C   . ALA A 1 43  ? 0.046   -2.460  9.030   1.00 17.19 ? 373 ALA A C   1 
ATOM   201  O O   . ALA A 1 43  ? -0.669  -2.597  8.027   1.00 18.04 ? 373 ALA A O   1 
ATOM   202  C CB  . ALA A 1 43  ? 2.442   -2.458  8.291   1.00 17.14 ? 373 ALA A CB  1 
ATOM   203  N N   . TRP A 1 44  ? -0.246  -3.063  10.179  1.00 18.14 ? 374 TRP A N   1 
ATOM   204  C CA  . TRP A 1 44  ? -1.275  -4.138  10.236  1.00 19.73 ? 374 TRP A CA  1 
ATOM   205  C C   . TRP A 1 44  ? -2.650  -3.721  9.706   1.00 19.22 ? 374 TRP A C   1 
ATOM   206  O O   . TRP A 1 44  ? -3.295  -4.564  9.073   1.00 19.22 ? 374 TRP A O   1 
ATOM   207  C CB  . TRP A 1 44  ? -1.375  -4.786  11.637  1.00 20.35 ? 374 TRP A CB  1 
ATOM   208  C CG  . TRP A 1 44  ? -1.941  -3.935  12.724  1.00 22.57 ? 374 TRP A CG  1 
ATOM   209  C CD1 . TRP A 1 44  ? -1.243  -3.187  13.622  1.00 24.15 ? 374 TRP A CD1 1 
ATOM   210  C CD2 . TRP A 1 44  ? -3.337  -3.740  13.038  1.00 22.86 ? 374 TRP A CD2 1 
ATOM   211  N NE1 . TRP A 1 44  ? -2.100  -2.559  14.487  1.00 24.00 ? 374 TRP A NE1 1 
ATOM   212  C CE2 . TRP A 1 44  ? -3.389  -2.860  14.143  1.00 22.80 ? 374 TRP A CE2 1 
ATOM   213  C CE3 . TRP A 1 44  ? -4.524  -4.269  12.526  1.00 25.06 ? 374 TRP A CE3 1 
ATOM   214  C CZ2 . TRP A 1 44  ? -4.598  -2.487  14.732  1.00 25.42 ? 374 TRP A CZ2 1 
ATOM   215  C CZ3 . TRP A 1 44  ? -5.718  -3.905  13.115  1.00 25.60 ? 374 TRP A CZ3 1 
ATOM   216  C CH2 . TRP A 1 44  ? -5.748  -3.002  14.176  1.00 25.31 ? 374 TRP A CH2 1 
ATOM   217  N N   . PRO A 1 45  ? -3.162  -2.477  9.890   1.00 19.42 ? 375 PRO A N   1 
ATOM   218  C CA  . PRO A 1 45  ? -4.483  -2.120  9.345   1.00 18.45 ? 375 PRO A CA  1 
ATOM   219  C C   . PRO A 1 45  ? -4.566  -2.055  7.820   1.00 18.91 ? 375 PRO A C   1 
ATOM   220  O O   . PRO A 1 45  ? -5.669  -1.970  7.229   1.00 19.35 ? 375 PRO A O   1 
ATOM   221  C CB  . PRO A 1 45  ? -4.769  -0.721  9.917   1.00 19.05 ? 375 PRO A CB  1 
ATOM   222  C CG  . PRO A 1 45  ? -3.791  -0.558  11.044  1.00 20.42 ? 375 PRO A CG  1 
ATOM   223  C CD  . PRO A 1 45  ? -2.562  -1.361  10.623  1.00 18.78 ? 375 PRO A CD  1 
ATOM   224  N N   . PHE A 1 46  ? -3.410  -2.145  7.167   1.00 16.64 ? 376 PHE A N   1 
ATOM   225  C CA  . PHE A 1 46  ? -3.318  -2.131  5.711   1.00 16.16 ? 376 PHE A CA  1 
ATOM   226  C C   . PHE A 1 46  ? -3.051  -3.488  5.049   1.00 16.37 ? 376 PHE A C   1 
ATOM   227  O O   . PHE A 1 46  ? -2.962  -3.579  3.856   1.00 15.67 ? 376 PHE A O   1 
ATOM   228  C CB  . PHE A 1 46  ? -2.248  -1.130  5.286   1.00 16.22 ? 376 PHE A CB  1 
ATOM   229  C CG  . PHE A 1 46  ? -2.439  0.209   5.896   1.00 16.67 ? 376 PHE A CG  1 
ATOM   230  C CD1 . PHE A 1 46  ? -3.303  1.111   5.335   1.00 16.12 ? 376 PHE A CD1 1 
ATOM   231  C CD2 . PHE A 1 46  ? -1.825  0.520   7.072   1.00 17.08 ? 376 PHE A CD2 1 
ATOM   232  C CE1 . PHE A 1 46  ? -3.512  2.331   5.924   1.00 17.02 ? 376 PHE A CE1 1 
ATOM   233  C CE2 . PHE A 1 46  ? -2.025  1.729   7.668   1.00 18.05 ? 376 PHE A CE2 1 
ATOM   234  C CZ  . PHE A 1 46  ? -2.875  2.636   7.098   1.00 16.45 ? 376 PHE A CZ  1 
ATOM   235  N N   . TYR A 1 47  ? -2.944  -4.532  5.852   1.00 20.06 ? 377 TYR A N   1 
ATOM   236  C CA  . TYR A 1 47  ? -2.639  -5.865  5.354   1.00 20.30 ? 377 TYR A CA  1 
ATOM   237  C C   . TYR A 1 47  ? -3.683  -6.429  4.412   1.00 22.43 ? 377 TYR A C   1 
ATOM   238  O O   . TYR A 1 47  ? -3.370  -7.118  3.468   1.00 21.38 ? 377 TYR A O   1 
ATOM   239  C CB  . TYR A 1 47  ? -2.474  -6.854  6.509   1.00 20.23 ? 377 TYR A CB  1 
ATOM   240  C CG  . TYR A 1 47  ? -1.188  -6.774  7.289   1.00 21.39 ? 377 TYR A CG  1 
ATOM   241  C CD1 . TYR A 1 47  ? -0.169  -5.916  6.929   1.00 19.99 ? 377 TYR A CD1 1 
ATOM   242  C CD2 . TYR A 1 47  ? -0.978  -7.607  8.368   1.00 22.36 ? 377 TYR A CD2 1 
ATOM   243  C CE1 . TYR A 1 47  ? 1.006   -5.869  7.640   1.00 18.41 ? 377 TYR A CE1 1 
ATOM   244  C CE2 . TYR A 1 47  ? 0.185   -7.568  9.080   1.00 20.94 ? 377 TYR A CE2 1 
ATOM   245  C CZ  . TYR A 1 47  ? 1.179   -6.704  8.712   1.00 20.06 ? 377 TYR A CZ  1 
ATOM   246  O OH  . TYR A 1 47  ? 2.320   -6.694  9.438   1.00 21.39 ? 377 TYR A OH  1 
ATOM   247  N N   . LYS A 1 48  ? -4.930  -6.145  4.727   1.00 20.43 ? 378 LYS A N   1 
ATOM   248  C CA  . LYS A 1 48  ? -6.064  -6.641  3.974   1.00 22.25 ? 378 LYS A CA  1 
ATOM   249  C C   . LYS A 1 48  ? -7.061  -5.532  3.726   1.00 23.00 ? 378 LYS A C   1 
ATOM   250  O O   . LYS A 1 48  ? -7.027  -4.512  4.382   1.00 20.46 ? 378 LYS A O   1 
ATOM   251  C CB  . LYS A 1 48  ? -6.761  -7.748  4.760   1.00 26.00 ? 378 LYS A CB  1 
ATOM   252  C CG  . LYS A 1 48  ? -5.882  -8.941  5.052   1.00 30.98 ? 378 LYS A CG  1 
ATOM   253  C CD  . LYS A 1 48  ? -6.558  -9.926  5.986   1.00 38.54 ? 378 LYS A CD  1 
ATOM   254  C CE  . LYS A 1 48  ? -7.991  -10.201 5.570   1.00 43.22 ? 378 LYS A CE  1 
ATOM   255  N NZ  . LYS A 1 48  ? -8.603  -11.387 6.250   1.00 50.28 ? 378 LYS A NZ  1 
ATOM   256  N N   . PRO A 1 49  ? -8.032  -5.774  2.845   1.00 21.98 ? 379 PRO A N   1 
ATOM   257  C CA  . PRO A 1 49  ? -9.016  -4.734  2.548   1.00 23.10 ? 379 PRO A CA  1 
ATOM   258  C C   . PRO A 1 49  ? -9.789  -4.278  3.782   1.00 22.46 ? 379 PRO A C   1 
ATOM   259  O O   . PRO A 1 49  ? -10.048 -5.037  4.715   1.00 22.94 ? 379 PRO A O   1 
ATOM   260  C CB  . PRO A 1 49  ? -9.983  -5.423  1.580   1.00 24.30 ? 379 PRO A CB  1 
ATOM   261  C CG  . PRO A 1 49  ? -9.249  -6.588  1.049   1.00 23.88 ? 379 PRO A CG  1 
ATOM   262  C CD  . PRO A 1 49  ? -8.322  -7.026  2.135   1.00 21.57 ? 379 PRO A CD  1 
ATOM   263  N N   . VAL A 1 50  ? -10.116 -2.995  3.788   1.00 20.72 ? 380 VAL A N   1 
ATOM   264  C CA  . VAL A 1 50  ? -10.860 -2.431  4.886   1.00 22.66 ? 380 VAL A CA  1 
ATOM   265  C C   . VAL A 1 50  ? -12.181 -3.192  4.930   1.00 21.70 ? 380 VAL A C   1 
ATOM   266  O O   . VAL A 1 50  ? -12.862 -3.277  3.952   1.00 22.79 ? 380 VAL A O   1 
ATOM   267  C CB  . VAL A 1 50  ? -11.163 -0.959  4.600   1.00 23.31 ? 380 VAL A CB  1 
ATOM   268  C CG1 . VAL A 1 50  ? -12.159 -0.415  5.597   1.00 26.40 ? 380 VAL A CG1 1 
ATOM   269  C CG2 . VAL A 1 50  ? -9.887  -0.144  4.591   1.00 21.51 ? 380 VAL A CG2 1 
ATOM   270  N N   . ASP A 1 51  ? -12.511 -3.722  6.095   1.00 23.79 ? 381 ASP A N   1 
ATOM   271  C CA  . ASP A 1 51  ? -13.722 -4.509  6.277   1.00 25.31 ? 381 ASP A CA  1 
ATOM   272  C C   . ASP A 1 51  ? -14.787 -3.511  6.650   1.00 25.23 ? 381 ASP A C   1 
ATOM   273  O O   . ASP A 1 51  ? -15.020 -3.251  7.811   1.00 23.48 ? 381 ASP A O   1 
ATOM   274  C CB  . ASP A 1 51  ? -13.487 -5.512  7.403   1.00 26.34 ? 381 ASP A CB  1 
ATOM   275  C CG  . ASP A 1 51  ? -14.627 -6.473  7.575   1.00 30.72 ? 381 ASP A CG  1 
ATOM   276  O OD1 . ASP A 1 51  ? -15.690 -6.204  7.020   1.00 26.13 ? 381 ASP A OD1 1 
ATOM   277  O OD2 . ASP A 1 51  ? -14.437 -7.493  8.262   1.00 33.72 ? 381 ASP A OD2 1 
ATOM   278  N N   . VAL A 1 52  ? -15.473 -3.000  5.640   1.00 24.36 ? 382 VAL A N   1 
ATOM   279  C CA  . VAL A 1 52  ? -16.435 -1.888  5.854   1.00 24.28 ? 382 VAL A CA  1 
ATOM   280  C C   . VAL A 1 52  ? -17.623 -2.387  6.686   1.00 24.49 ? 382 VAL A C   1 
ATOM   281  O O   . VAL A 1 52  ? -18.047 -1.654  7.563   1.00 24.38 ? 382 VAL A O   1 
ATOM   282  C CB  . VAL A 1 52  ? -16.872 -1.223  4.539   1.00 25.77 ? 382 VAL A CB  1 
ATOM   283  C CG1 . VAL A 1 52  ? -15.667 -0.618  3.835   1.00 27.05 ? 382 VAL A CG1 1 
ATOM   284  C CG2 . VAL A 1 52  ? -17.625 -2.125  3.595   1.00 31.20 ? 382 VAL A CG2 1 
ATOM   285  N N   . GLU A 1 53  ? -18.054 -3.622  6.463   1.00 27.04 ? 383 GLU A N   1 
ATOM   286  C CA  . GLU A 1 53  ? -19.162 -4.232  7.256   1.00 30.74 ? 383 GLU A CA  1 
ATOM   287  C C   . GLU A 1 53  ? -18.761 -4.345  8.734   1.00 28.35 ? 383 GLU A C   1 
ATOM   288  O O   . GLU A 1 53  ? -19.475 -3.805  9.601   1.00 28.41 ? 383 GLU A O   1 
ATOM   289  C CB  . GLU A 1 53  ? -19.501 -5.596  6.677   1.00 36.92 ? 383 GLU A CB  1 
ATOM   290  C CG  . GLU A 1 53  ? -20.528 -5.538  5.573   1.00 47.97 ? 383 GLU A CG  1 
ATOM   291  C CD  . GLU A 1 53  ? -21.385 -6.791  5.520   1.00 52.11 ? 383 GLU A CD  1 
ATOM   292  O OE1 . GLU A 1 53  ? -20.873 -7.877  5.896   1.00 52.62 ? 383 GLU A OE1 1 
ATOM   293  O OE2 . GLU A 1 53  ? -22.561 -6.678  5.122   1.00 61.59 ? 383 GLU A OE2 1 
ATOM   294  N N   . ALA A 1 54  ? -17.615 -4.947  9.056   1.00 28.19 ? 384 ALA A N   1 
ATOM   295  C CA  . ALA A 1 54  ? -17.219 -5.191  10.465  1.00 27.91 ? 384 ALA A CA  1 
ATOM   296  C C   . ALA A 1 54  ? -16.945 -3.885  11.215  1.00 28.21 ? 384 ALA A C   1 
ATOM   297  O O   . ALA A 1 54  ? -17.214 -3.819  12.453  1.00 29.07 ? 384 ALA A O   1 
ATOM   298  C CB  . ALA A 1 54  ? -16.034 -6.112  10.517  1.00 29.20 ? 384 ALA A CB  1 
ATOM   299  N N   . LEU A 1 55  ? -16.424 -2.867  10.515  1.00 23.96 ? 385 LEU A N   1 
ATOM   300  C CA  . LEU A 1 55  ? -16.100 -1.567  11.142  1.00 23.44 ? 385 LEU A CA  1 
ATOM   301  C C   . LEU A 1 55  ? -17.304 -0.616  11.077  1.00 23.54 ? 385 LEU A C   1 
ATOM   302  O O   . LEU A 1 55  ? -17.223 0.453   11.653  1.00 26.82 ? 385 LEU A O   1 
ATOM   303  C CB  . LEU A 1 55  ? -14.907 -0.956  10.405  1.00 25.90 ? 385 LEU A CB  1 
ATOM   304  C CG  . LEU A 1 55  ? -13.628 -1.775  10.458  1.00 29.13 ? 385 LEU A CG  1 
ATOM   305  C CD1 . LEU A 1 55  ? -12.598 -1.231  9.473   1.00 31.02 ? 385 LEU A CD1 1 
ATOM   306  C CD2 . LEU A 1 55  ? -13.093 -1.787  11.876  1.00 33.21 ? 385 LEU A CD2 1 
ATOM   307  N N   . GLY A 1 56  ? -18.385 -0.987  10.413  1.00 23.52 ? 386 GLY A N   1 
ATOM   308  C CA  . GLY A 1 56  ? -19.570 -0.109  10.330  1.00 23.61 ? 386 GLY A CA  1 
ATOM   309  C C   . GLY A 1 56  ? -19.280 1.158   9.536   1.00 21.36 ? 386 GLY A C   1 
ATOM   310  O O   . GLY A 1 56  ? -19.875 2.189   9.843   1.00 22.92 ? 386 GLY A O   1 
ATOM   311  N N   . LEU A 1 57  ? -18.391 1.096   8.532   1.00 21.27 ? 387 LEU A N   1 
ATOM   312  C CA  . LEU A 1 57  ? -18.086 2.302   7.729   1.00 20.34 ? 387 LEU A CA  1 
ATOM   313  C C   . LEU A 1 57  ? -19.055 2.389   6.557   1.00 20.14 ? 387 LEU A C   1 
ATOM   314  O O   . LEU A 1 57  ? -18.666 2.118   5.439   1.00 19.33 ? 387 LEU A O   1 
ATOM   315  C CB  . LEU A 1 57  ? -16.630 2.212   7.273   1.00 20.35 ? 387 LEU A CB  1 
ATOM   316  C CG  . LEU A 1 57  ? -15.609 2.062   8.398   1.00 19.67 ? 387 LEU A CG  1 
ATOM   317  C CD1 . LEU A 1 57  ? -14.199 1.950   7.825   1.00 20.55 ? 387 LEU A CD1 1 
ATOM   318  C CD2 . LEU A 1 57  ? -15.675 3.181   9.401   1.00 22.66 ? 387 LEU A CD2 1 
ATOM   319  N N   . HIS A 1 58  ? -20.304 2.719   6.836   1.00 20.32 ? 388 HIS A N   1 
ATOM   320  C CA  . HIS A 1 58  ? -21.343 2.712   5.820   1.00 18.50 ? 388 HIS A CA  1 
ATOM   321  C C   . HIS A 1 58  ? -21.132 3.673   4.660   1.00 17.51 ? 388 HIS A C   1 
ATOM   322  O O   . HIS A 1 58  ? -21.696 3.480   3.589   1.00 19.21 ? 388 HIS A O   1 
ATOM   323  C CB  . HIS A 1 58  ? -22.718 2.848   6.472   1.00 19.24 ? 388 HIS A CB  1 
ATOM   324  C CG  . HIS A 1 58  ? -22.996 1.773   7.474   1.00 22.31 ? 388 HIS A CG  1 
ATOM   325  N ND1 . HIS A 1 58  ? -23.301 0.480   7.111   1.00 26.19 ? 388 HIS A ND1 1 
ATOM   326  C CD2 . HIS A 1 58  ? -22.983 1.789   8.828   1.00 23.27 ? 388 HIS A CD2 1 
ATOM   327  C CE1 . HIS A 1 58  ? -23.479 -0.250  8.196   1.00 27.07 ? 388 HIS A CE1 1 
ATOM   328  N NE2 . HIS A 1 58  ? -23.290 0.519   9.251   1.00 24.16 ? 388 HIS A NE2 1 
ATOM   329  N N   . ASP A 1 59  ? -20.368 4.731   4.900   1.00 16.92 ? 389 ASP A N   1 
ATOM   330  C CA  . ASP A 1 59  ? -20.063 5.710   3.865   1.00 16.48 ? 389 ASP A CA  1 
ATOM   331  C C   . ASP A 1 59  ? -18.739 5.477   3.122   1.00 16.41 ? 389 ASP A C   1 
ATOM   332  O O   . ASP A 1 59  ? -18.412 6.224   2.207   1.00 18.64 ? 389 ASP A O   1 
ATOM   333  C CB  . ASP A 1 59  ? -20.057 7.116   4.465   1.00 18.34 ? 389 ASP A CB  1 
ATOM   334  C CG  . ASP A 1 59  ? -19.070 7.259   5.608   1.00 19.12 ? 389 ASP A CG  1 
ATOM   335  O OD1 . ASP A 1 59  ? -18.546 6.230   6.081   1.00 18.45 ? 389 ASP A OD1 1 
ATOM   336  O OD2 . ASP A 1 59  ? -18.824 8.401   6.035   1.00 21.53 ? 389 ASP A OD2 1 
ATOM   337  N N   . TYR A 1 60  ? -17.995 4.434   3.479   1.00 15.90 ? 390 TYR A N   1 
ATOM   338  C CA  . TYR A 1 60  ? -16.692 4.223   2.847   1.00 15.43 ? 390 TYR A CA  1 
ATOM   339  C C   . TYR A 1 60  ? -16.747 4.008   1.338   1.00 17.08 ? 390 TYR A C   1 
ATOM   340  O O   . TYR A 1 60  ? -15.976 4.611   0.597   1.00 17.30 ? 390 TYR A O   1 
ATOM   341  C CB  . TYR A 1 60  ? -15.970 3.041   3.507   1.00 16.55 ? 390 TYR A CB  1 
ATOM   342  C CG  . TYR A 1 60  ? -14.494 2.960   3.184   1.00 15.77 ? 390 TYR A CG  1 
ATOM   343  C CD1 . TYR A 1 60  ? -13.563 3.647   3.945   1.00 17.39 ? 390 TYR A CD1 1 
ATOM   344  C CD2 . TYR A 1 60  ? -14.033 2.193   2.125   1.00 16.13 ? 390 TYR A CD2 1 
ATOM   345  C CE1 . TYR A 1 60  ? -12.215 3.578   3.658   1.00 17.53 ? 390 TYR A CE1 1 
ATOM   346  C CE2 . TYR A 1 60  ? -12.684 2.117   1.831   1.00 17.30 ? 390 TYR A CE2 1 
ATOM   347  C CZ  . TYR A 1 60  ? -11.780 2.814   2.603   1.00 17.71 ? 390 TYR A CZ  1 
ATOM   348  O OH  . TYR A 1 60  ? -10.438 2.746   2.318   1.00 18.05 ? 390 TYR A OH  1 
HETATM 349  N N   . CME A 1 61  ? -17.676 3.177   0.881   1.00 18.24 ? 391 CME A N   1 
HETATM 350  C CA  . CME A 1 61  ? -17.825 2.902   -0.541  1.00 19.41 ? 391 CME A CA  1 
HETATM 351  C CB  . CME A 1 61  ? -18.666 1.654   -0.799  1.00 22.03 ? 391 CME A CB  1 
HETATM 352  S SG  . CME A 1 61  ? -17.787 0.235   -0.218  1.00 27.40 ? 391 CME A SG  1 
HETATM 353  S SD  . CME A 1 61  ? -16.002 0.280   -1.127  1.00 32.31 ? 391 CME A SD  1 
HETATM 354  C CE  . CME A 1 61  ? -16.436 -0.086  -2.798  1.00 32.30 ? 391 CME A CE  1 
HETATM 355  C CZ  . CME A 1 61  ? -15.880 0.963   -3.755  1.00 34.13 ? 391 CME A CZ  1 
HETATM 356  O OH  . CME A 1 61  ? -16.727 2.113   -3.801  1.00 28.49 ? 391 CME A OH  1 
HETATM 357  C C   . CME A 1 61  ? -18.265 4.143   -1.281  1.00 20.02 ? 391 CME A C   1 
HETATM 358  O O   . CME A 1 61  ? -17.896 4.313   -2.455  1.00 21.73 ? 391 CME A O   1 
ATOM   359  N N   . ASP A 1 62  ? -19.114 4.963   -0.673  1.00 17.26 ? 392 ASP A N   1 
ATOM   360  C CA  . ASP A 1 62  ? -19.544 6.195   -1.320  1.00 17.64 ? 392 ASP A CA  1 
ATOM   361  C C   . ASP A 1 62  ? -18.367 7.153   -1.528  1.00 18.04 ? 392 ASP A C   1 
ATOM   362  O O   . ASP A 1 62  ? -18.258 7.806   -2.559  1.00 19.21 ? 392 ASP A O   1 
ATOM   363  C CB  . ASP A 1 62  ? -20.615 6.877   -0.473  1.00 19.77 ? 392 ASP A CB  1 
ATOM   364  C CG  . ASP A 1 62  ? -21.826 5.999   -0.253  1.00 19.20 ? 392 ASP A CG  1 
ATOM   365  O OD1 . ASP A 1 62  ? -22.553 5.741   -1.229  1.00 19.90 ? 392 ASP A OD1 1 
ATOM   366  O OD2 . ASP A 1 62  ? -22.049 5.572   0.894   1.00 19.82 ? 392 ASP A OD2 1 
ATOM   367  N N   . ILE A 1 63  ? -17.552 7.296   -0.491  1.00 17.23 ? 393 ILE A N   1 
ATOM   368  C CA  . ILE A 1 63  ? -16.353 8.134   -0.519  1.00 18.03 ? 393 ILE A CA  1 
ATOM   369  C C   . ILE A 1 63  ? -15.147 7.632   -1.326  1.00 17.39 ? 393 ILE A C   1 
ATOM   370  O O   . ILE A 1 63  ? -14.503 8.396   -2.038  1.00 18.76 ? 393 ILE A O   1 
ATOM   371  C CB  . ILE A 1 63  ? -15.929 8.530   0.907   1.00 18.64 ? 393 ILE A CB  1 
ATOM   372  C CG1 . ILE A 1 63  ? -17.057 9.330   1.561   1.00 21.00 ? 393 ILE A CG1 1 
ATOM   373  C CG2 . ILE A 1 63  ? -14.644 9.336   0.878   1.00 19.38 ? 393 ILE A CG2 1 
ATOM   374  C CD1 . ILE A 1 63  ? -16.905 9.512   3.052   1.00 26.15 ? 393 ILE A CD1 1 
ATOM   375  N N   . ILE A 1 64  ? -14.863 6.338   -1.212  1.00 17.19 ? 394 ILE A N   1 
ATOM   376  C CA  . ILE A 1 64  ? -13.712 5.741   -1.879  1.00 17.53 ? 394 ILE A CA  1 
ATOM   377  C C   . ILE A 1 64  ? -14.153 4.908   -3.073  1.00 18.60 ? 394 ILE A C   1 
ATOM   378  O O   . ILE A 1 64  ? -14.868 3.923   -2.926  1.00 21.43 ? 394 ILE A O   1 
ATOM   379  C CB  . ILE A 1 64  ? -12.916 4.865   -0.894  1.00 17.22 ? 394 ILE A CB  1 
ATOM   380  C CG1 . ILE A 1 64  ? -12.437 5.704   0.292   1.00 16.32 ? 394 ILE A CG1 1 
ATOM   381  C CG2 . ILE A 1 64  ? -11.745 4.187   -1.587  1.00 17.70 ? 394 ILE A CG2 1 
ATOM   382  C CD1 . ILE A 1 64  ? -11.563 6.874   -0.093  1.00 15.26 ? 394 ILE A CD1 1 
ATOM   383  N N   . LYS A 1 65  ? -13.667 5.290   -4.245  1.00 20.64 ? 395 LYS A N   1 
ATOM   384  C CA  . LYS A 1 65  ? -14.056 4.639   -5.525  1.00 22.95 ? 395 LYS A CA  1 
ATOM   385  C C   . LYS A 1 65  ? -13.205 3.399   -5.819  1.00 24.67 ? 395 LYS A C   1 
ATOM   386  O O   . LYS A 1 65  ? -13.723 2.467   -6.468  1.00 22.44 ? 395 LYS A O   1 
ATOM   387  C CB  . LYS A 1 65  ? -13.979 5.619   -6.691  1.00 26.53 ? 395 LYS A CB  1 
ATOM   388  C CG  . LYS A 1 65  ? -15.033 6.723   -6.674  1.00 32.92 ? 395 LYS A CG  1 
ATOM   389  C CD  . LYS A 1 65  ? -16.394 6.337   -6.063  1.00 40.08 ? 395 LYS A CD  1 
ATOM   390  C CE  . LYS A 1 65  ? -17.394 7.481   -6.119  1.00 46.51 ? 395 LYS A CE  1 
ATOM   391  N NZ  . LYS A 1 65  ? -17.000 8.597   -5.224  1.00 47.19 ? 395 LYS A NZ  1 
ATOM   392  N N   . HIS A 1 66  ? -11.944 3.407   -5.397  1.00 21.64 ? 396 HIS A N   1 
ATOM   393  C CA  . HIS A 1 66  ? -11.038 2.287   -5.634  1.00 21.25 ? 396 HIS A CA  1 
ATOM   394  C C   . HIS A 1 66  ? -10.273 1.840   -4.391  1.00 20.41 ? 396 HIS A C   1 
ATOM   395  O O   . HIS A 1 66  ? -9.156  2.288   -4.159  1.00 19.53 ? 396 HIS A O   1 
ATOM   396  C CB  . HIS A 1 66  ? -10.059 2.624   -6.760  1.00 24.44 ? 396 HIS A CB  1 
ATOM   397  C CG  . HIS A 1 66  ? -10.725 3.069   -8.024  1.00 29.39 ? 396 HIS A CG  1 
ATOM   398  N ND1 . HIS A 1 66  ? -11.416 2.206   -8.844  1.00 36.83 ? 396 HIS A ND1 1 
ATOM   399  C CD2 . HIS A 1 66  ? -10.802 4.287   -8.607  1.00 34.09 ? 396 HIS A CD2 1 
ATOM   400  C CE1 . HIS A 1 66  ? -11.897 2.874   -9.877  1.00 33.48 ? 396 HIS A CE1 1 
ATOM   401  N NE2 . HIS A 1 66  ? -11.537 4.138   -9.758  1.00 37.55 ? 396 HIS A NE2 1 
ATOM   402  N N   . PRO A 1 67  ? -10.872 0.956   -3.585  1.00 18.10 ? 397 PRO A N   1 
ATOM   403  C CA  . PRO A 1 67  ? -10.194 0.470   -2.379  1.00 18.62 ? 397 PRO A CA  1 
ATOM   404  C C   . PRO A 1 67  ? -8.922  -0.301  -2.723  1.00 19.17 ? 397 PRO A C   1 
ATOM   405  O O   . PRO A 1 67  ? -8.875  -0.985  -3.736  1.00 17.85 ? 397 PRO A O   1 
ATOM   406  C CB  . PRO A 1 67  ? -11.221 -0.485  -1.763  1.00 20.29 ? 397 PRO A CB  1 
ATOM   407  C CG  . PRO A 1 67  ? -12.535 -0.025  -2.294  1.00 21.89 ? 397 PRO A CG  1 
ATOM   408  C CD  . PRO A 1 67  ? -12.252 0.454   -3.685  1.00 20.88 ? 397 PRO A CD  1 
ATOM   409  N N   . MET A 1 68  ? -7.886  -0.145  -1.907  1.00 18.15 ? 398 MET A N   1 
ATOM   410  C CA  . MET A 1 68  ? -6.635  -0.852  -2.133  1.00 18.18 ? 398 MET A CA  1 
ATOM   411  C C   . MET A 1 68  ? -6.012  -1.269  -0.802  1.00 19.27 ? 398 MET A C   1 
ATOM   412  O O   . MET A 1 68  ? -6.170  -0.588  0.207   1.00 17.75 ? 398 MET A O   1 
ATOM   413  C CB  . MET A 1 68  ? -5.672  0.002   -2.962  1.00 16.91 ? 398 MET A CB  1 
ATOM   414  C CG  . MET A 1 68  ? -4.422  -0.716  -3.450  1.00 18.51 ? 398 MET A CG  1 
ATOM   415  S SD  . MET A 1 68  ? -4.745  -2.302  -4.246  1.00 18.90 ? 398 MET A SD  1 
ATOM   416  C CE  . MET A 1 68  ? -5.799  -1.799  -5.602  1.00 20.99 ? 398 MET A CE  1 
ATOM   417  N N   . ASP A 1 69  ? -5.306  -2.393  -0.816  1.00 16.02 ? 399 ASP A N   1 
ATOM   418  C CA  . ASP A 1 69  ? -4.658  -2.926  0.368   1.00 17.21 ? 399 ASP A CA  1 
ATOM   419  C C   . ASP A 1 69  ? -3.430  -3.729  -0.040  1.00 16.29 ? 399 ASP A C   1 
ATOM   420  O O   . ASP A 1 69  ? -3.257  -4.063  -1.204  1.00 17.01 ? 399 ASP A O   1 
ATOM   421  C CB  . ASP A 1 69  ? -5.607  -3.814  1.155   1.00 18.38 ? 399 ASP A CB  1 
ATOM   422  C CG  . ASP A 1 69  ? -5.952  -5.071  0.412   1.00 21.10 ? 399 ASP A CG  1 
ATOM   423  O OD1 . ASP A 1 69  ? -6.820  -5.006  -0.477  1.00 22.64 ? 399 ASP A OD1 1 
ATOM   424  O OD2 . ASP A 1 69  ? -5.341  -6.114  0.706   1.00 21.03 ? 399 ASP A OD2 1 
ATOM   425  N N   . MET A 1 70  ? -2.586  -4.031  0.934   1.00 17.58 ? 400 MET A N   1 
ATOM   426  C CA  . MET A 1 70  ? -1.352  -4.764  0.691   1.00 15.76 ? 400 MET A CA  1 
ATOM   427  C C   . MET A 1 70  ? -1.541  -6.177  0.133   1.00 17.77 ? 400 MET A C   1 
ATOM   428  O O   . MET A 1 70  ? -0.747  -6.618  -0.689  1.00 19.20 ? 400 MET A O   1 
ATOM   429  C CB  . MET A 1 70  ? -0.482  -4.779  1.951   1.00 18.34 ? 400 MET A CB  1 
ATOM   430  C CG  . MET A 1 70  ? 0.029   -3.400  2.336   1.00 18.14 ? 400 MET A CG  1 
ATOM   431  S SD  . MET A 1 70  ? 0.765   -3.315  3.975   1.00 17.61 ? 400 MET A SD  1 
ATOM   432  C CE  . MET A 1 70  ? 1.978   -4.627  3.859   1.00 16.85 ? 400 MET A CE  1 
ATOM   433  N N   . SER A 1 71  ? -2.566  -6.892  0.588   1.00 21.07 ? 401 SER A N   1 
ATOM   434  C CA  . SER A 1 71  ? -2.785  -8.289  0.100   1.00 21.25 ? 401 SER A CA  1 
ATOM   435  C C   . SER A 1 71  ? -3.203  -8.255  -1.361  1.00 22.21 ? 401 SER A C   1 
ATOM   436  O O   . SER A 1 71  ? -2.738  -9.109  -2.162  1.00 23.69 ? 401 SER A O   1 
ATOM   437  C CB  . SER A 1 71  ? -3.774  -9.030  0.950   1.00 22.50 ? 401 SER A CB  1 
ATOM   438  O OG  . SER A 1 71  ? -3.162  -9.447  2.142   1.00 27.40 ? 401 SER A OG  1 
ATOM   439  N N   . THR A 1 72  ? -4.063  -7.313  -1.745  1.00 21.93 ? 402 THR A N   1 
ATOM   440  C CA  . THR A 1 72  ? -4.447  -7.062  -3.149  1.00 22.23 ? 402 THR A CA  1 
ATOM   441  C C   . THR A 1 72  ? -3.185  -6.756  -3.966  1.00 23.78 ? 402 THR A C   1 
ATOM   442  O O   . THR A 1 72  ? -2.997  -7.330  -5.015  1.00 20.47 ? 402 THR A O   1 
ATOM   443  C CB  . THR A 1 72  ? -5.534  -5.983  -3.238  1.00 23.60 ? 402 THR A CB  1 
ATOM   444  O OG1 . THR A 1 72  ? -6.645  -6.399  -2.427  1.00 23.18 ? 402 THR A OG1 1 
ATOM   445  C CG2 . THR A 1 72  ? -5.956  -5.659  -4.649  1.00 25.48 ? 402 THR A CG2 1 
ATOM   446  N N   . ILE A 1 73  ? -2.287  -5.892  -3.475  1.00 19.74 ? 403 ILE A N   1 
ATOM   447  C CA  . ILE A 1 73  ? -1.071  -5.566  -4.257  1.00 19.78 ? 403 ILE A CA  1 
ATOM   448  C C   . ILE A 1 73  ? -0.214  -6.841  -4.431  1.00 18.31 ? 403 ILE A C   1 
ATOM   449  O O   . ILE A 1 73  ? 0.320   -7.051  -5.519  1.00 22.57 ? 403 ILE A O   1 
ATOM   450  C CB  . ILE A 1 73  ? -0.330  -4.411  -3.556  1.00 18.17 ? 403 ILE A CB  1 
ATOM   451  C CG1 . ILE A 1 73  ? -1.236  -3.172  -3.551  1.00 18.21 ? 403 ILE A CG1 1 
ATOM   452  C CG2 . ILE A 1 73  ? 1.036   -4.135  -4.172  1.00 17.53 ? 403 ILE A CG2 1 
ATOM   453  C CD1 . ILE A 1 73  ? -0.723  -1.975  -2.738  1.00 17.25 ? 403 ILE A CD1 1 
ATOM   454  N N   . LYS A 1 74  ? -0.094  -7.620  -3.373  1.00 18.86 ? 404 LYS A N   1 
ATOM   455  C CA  . LYS A 1 74  ? 0.702   -8.869  -3.350  1.00 21.26 ? 404 LYS A CA  1 
ATOM   456  C C   . LYS A 1 74  ? 0.139   -9.802  -4.441  1.00 22.52 ? 404 LYS A C   1 
ATOM   457  O O   . LYS A 1 74  ? 0.904   -10.271 -5.323  1.00 22.00 ? 404 LYS A O   1 
ATOM   458  C CB  . LYS A 1 74  ? 0.603   -9.486  -1.973  1.00 23.30 ? 404 LYS A CB  1 
ATOM   459  C CG  . LYS A 1 74  ? 1.459   -10.734 -1.807  1.00 26.98 ? 404 LYS A CG  1 
ATOM   460  C CD  . LYS A 1 74  ? 1.165   -11.365 -0.473  1.00 30.43 ? 404 LYS A CD  1 
ATOM   461  C CE  . LYS A 1 74  ? 1.283   -12.866 -0.528  1.00 38.00 ? 404 LYS A CE  1 
ATOM   462  N NZ  . LYS A 1 74  ? 2.514   -13.280 0.172   1.00 41.19 ? 404 LYS A NZ  1 
ATOM   463  N N   . SER A 1 75  ? -1.179  -9.961  -4.459  1.00 24.98 ? 405 SER A N   1 
ATOM   464  C CA  . SER A 1 75  ? -1.848  -10.833 -5.460  1.00 25.81 ? 405 SER A CA  1 
ATOM   465  C C   . SER A 1 75  ? -1.601  -10.321 -6.878  1.00 26.11 ? 405 SER A C   1 
ATOM   466  O O   . SER A 1 75  ? -1.308  -11.139 -7.795  1.00 28.83 ? 405 SER A O   1 
ATOM   467  C CB  . SER A 1 75  ? -3.305  -11.004 -5.108  1.00 26.16 ? 405 SER A CB  1 
ATOM   468  O OG  . SER A 1 75  ? -3.402  -11.625 -3.844  1.00 30.68 ? 405 SER A OG  1 
ATOM   469  N N   . LYS A 1 76  ? -1.672  -9.003  -7.110  1.00 25.15 ? 406 LYS A N   1 
ATOM   470  C CA  . LYS A 1 76  ? -1.416  -8.391  -8.421  1.00 23.14 ? 406 LYS A CA  1 
ATOM   471  C C   . LYS A 1 76  ? 0.051   -8.555  -8.862  1.00 25.33 ? 406 LYS A C   1 
ATOM   472  O O   . LYS A 1 76  ? 0.306   -8.790  -10.046 1.00 25.91 ? 406 LYS A O   1 
ATOM   473  C CB  . LYS A 1 76  ? -1.869  -6.926  -8.411  1.00 25.61 ? 406 LYS A CB  1 
ATOM   474  C CG  . LYS A 1 76  ? -3.380  -6.770  -8.284  1.00 23.89 ? 406 LYS A CG  1 
ATOM   475  C CD  . LYS A 1 76  ? -3.875  -5.350  -8.292  1.00 25.06 ? 406 LYS A CD  1 
ATOM   476  C CE  . LYS A 1 76  ? -3.625  -4.577  -9.575  1.00 22.82 ? 406 LYS A CE  1 
ATOM   477  N NZ  . LYS A 1 76  ? -4.341  -3.266  -9.530  1.00 21.70 ? 406 LYS A NZ  1 
ATOM   478  N N   . LEU A 1 77  ? 0.998   -8.436  -7.937  1.00 24.43 ? 407 LEU A N   1 
ATOM   479  C CA  . LEU A 1 77  ? 2.405   -8.615  -8.286  1.00 25.48 ? 407 LEU A CA  1 
ATOM   480  C C   . LEU A 1 77  ? 2.654   -10.038 -8.762  1.00 26.31 ? 407 LEU A C   1 
ATOM   481  O O   . LEU A 1 77  ? 3.347   -10.264 -9.746  1.00 26.16 ? 407 LEU A O   1 
ATOM   482  C CB  . LEU A 1 77  ? 3.298   -8.357  -7.074  1.00 27.04 ? 407 LEU A CB  1 
ATOM   483  C CG  . LEU A 1 77  ? 4.073   -7.047  -6.972  1.00 28.85 ? 407 LEU A CG  1 
ATOM   484  C CD1 . LEU A 1 77  ? 4.887   -7.056  -5.689  1.00 29.16 ? 407 LEU A CD1 1 
ATOM   485  C CD2 . LEU A 1 77  ? 4.990   -6.874  -8.170  1.00 26.00 ? 407 LEU A CD2 1 
ATOM   486  N N   . GLU A 1 78  ? 2.072   -10.991 -8.049  1.00 27.60 ? 408 GLU A N   1 
ATOM   487  C CA  . GLU A 1 78  ? 2.221   -12.407 -8.371  1.00 31.76 ? 408 GLU A CA  1 
ATOM   488  C C   . GLU A 1 78  ? 1.618   -12.778 -9.723  1.00 33.39 ? 408 GLU A C   1 
ATOM   489  O O   . GLU A 1 78  ? 2.178   -13.578 -10.469 1.00 34.38 ? 408 GLU A O   1 
ATOM   490  C CB  . GLU A 1 78  ? 1.687   -13.272 -7.229  1.00 35.62 ? 408 GLU A CB  1 
ATOM   491  C CG  . GLU A 1 78  ? 2.491   -13.072 -5.954  1.00 39.19 ? 408 GLU A CG  1 
ATOM   492  C CD  . GLU A 1 78  ? 2.013   -13.905 -4.787  1.00 43.98 ? 408 GLU A CD  1 
ATOM   493  O OE1 . GLU A 1 78  ? 0.903   -14.465 -4.858  1.00 47.33 ? 408 GLU A OE1 1 
ATOM   494  O OE2 . GLU A 1 78  ? 2.756   -13.988 -3.788  1.00 41.10 ? 408 GLU A OE2 1 
ATOM   495  N N   . ALA A 1 79  ? 0.483   -12.170 -10.035 1.00 35.10 ? 409 ALA A N   1 
ATOM   496  C CA  . ALA A 1 79  ? -0.225  -12.417 -11.284 1.00 33.26 ? 409 ALA A CA  1 
ATOM   497  C C   . ALA A 1 79  ? 0.424   -11.667 -12.441 1.00 34.24 ? 409 ALA A C   1 
ATOM   498  O O   . ALA A 1 79  ? -0.006  -11.775 -13.586 1.00 35.57 ? 409 ALA A O   1 
ATOM   499  C CB  . ALA A 1 79  ? -1.686  -12.027 -11.147 1.00 31.77 ? 409 ALA A CB  1 
ATOM   500  N N   . ARG A 1 80  ? 1.436   -10.871 -12.119 1.00 32.36 ? 410 ARG A N   1 
ATOM   501  C CA  . ARG A 1 80  ? 2.147   -10.068 -13.107 1.00 31.65 ? 410 ARG A CA  1 
ATOM   502  C C   . ARG A 1 80  ? 1.297   -8.943  -13.691 1.00 33.40 ? 410 ARG A C   1 
ATOM   503  O O   . ARG A 1 80  ? 1.455   -8.563  -14.849 1.00 31.90 ? 410 ARG A O   1 
ATOM   504  C CB  . ARG A 1 80  ? 2.706   -10.962 -14.216 1.00 34.98 ? 410 ARG A CB  1 
ATOM   505  C CG  . ARG A 1 80  ? 3.477   -12.160 -13.689 1.00 36.02 ? 410 ARG A CG  1 
ATOM   506  C CD  . ARG A 1 80  ? 4.209   -12.897 -14.798 1.00 39.95 ? 410 ARG A CD  1 
ATOM   507  N NE  . ARG A 1 80  ? 5.302   -12.102 -15.349 1.00 44.36 ? 410 ARG A NE  1 
ATOM   508  C CZ  . ARG A 1 80  ? 6.144   -12.536 -16.280 1.00 47.24 ? 410 ARG A CZ  1 
ATOM   509  N NH1 . ARG A 1 80  ? 6.020   -13.764 -16.766 1.00 47.92 ? 410 ARG A NH1 1 
ATOM   510  N NH2 . ARG A 1 80  ? 7.108   -11.744 -16.725 1.00 45.03 ? 410 ARG A NH2 1 
ATOM   511  N N   . GLU A 1 81  ? 0.383   -8.424  -12.883 1.00 32.33 ? 411 GLU A N   1 
ATOM   512  C CA  . GLU A 1 81  ? -0.480  -7.327  -13.300 1.00 32.46 ? 411 GLU A CA  1 
ATOM   513  C C   . GLU A 1 81  ? 0.293   -6.034  -13.564 1.00 32.69 ? 411 GLU A C   1 
ATOM   514  O O   . GLU A 1 81  ? -0.004  -5.305  -14.508 1.00 40.10 ? 411 GLU A O   1 
ATOM   515  C CB  . GLU A 1 81  ? -1.599  -7.113  -12.285 1.00 36.41 ? 411 GLU A CB  1 
ATOM   516  C CG  . GLU A 1 81  ? -2.178  -8.419  -11.769 1.00 45.66 ? 411 GLU A CG  1 
ATOM   517  C CD  . GLU A 1 81  ? -3.678  -8.365  -11.572 1.00 45.48 ? 411 GLU A CD  1 
ATOM   518  O OE1 . GLU A 1 81  ? -4.226  -9.308  -10.967 1.00 35.93 ? 411 GLU A OE1 1 
ATOM   519  O OE2 . GLU A 1 81  ? -4.304  -7.383  -12.027 1.00 41.54 ? 411 GLU A OE2 1 
ATOM   520  N N   . TYR A 1 82  ? 1.288   -5.752  -12.730 1.00 25.80 ? 412 TYR A N   1 
ATOM   521  C CA  . TYR A 1 82  ? 2.073   -4.536  -12.893 1.00 24.60 ? 412 TYR A CA  1 
ATOM   522  C C   . TYR A 1 82  ? 3.161   -4.699  -13.949 1.00 26.23 ? 412 TYR A C   1 
ATOM   523  O O   . TYR A 1 82  ? 3.992   -5.597  -13.859 1.00 25.00 ? 412 TYR A O   1 
ATOM   524  C CB  . TYR A 1 82  ? 2.716   -4.136  -11.564 1.00 23.24 ? 412 TYR A CB  1 
ATOM   525  C CG  . TYR A 1 82  ? 1.750   -4.011  -10.407 1.00 21.00 ? 412 TYR A CG  1 
ATOM   526  C CD1 . TYR A 1 82  ? 0.716   -3.089  -10.436 1.00 20.48 ? 412 TYR A CD1 1 
ATOM   527  C CD2 . TYR A 1 82  ? 1.889   -4.800  -9.275  1.00 20.08 ? 412 TYR A CD2 1 
ATOM   528  C CE1 . TYR A 1 82  ? -0.161  -2.968  -9.378  1.00 19.05 ? 412 TYR A CE1 1 
ATOM   529  C CE2 . TYR A 1 82  ? 1.016   -4.685  -8.211  1.00 19.72 ? 412 TYR A CE2 1 
ATOM   530  C CZ  . TYR A 1 82  ? -0.006  -3.766  -8.269  1.00 19.79 ? 412 TYR A CZ  1 
ATOM   531  O OH  . TYR A 1 82  ? -0.877  -3.646  -7.215  1.00 20.12 ? 412 TYR A OH  1 
ATOM   532  N N   . ARG A 1 83  ? 3.165   -3.802  -14.929 1.00 24.53 ? 413 ARG A N   1 
ATOM   533  C CA  . ARG A 1 83  ? 4.170   -3.833  -16.009 1.00 28.24 ? 413 ARG A CA  1 
ATOM   534  C C   . ARG A 1 83  ? 5.499   -3.303  -15.504 1.00 28.66 ? 413 ARG A C   1 
ATOM   535  O O   . ARG A 1 83  ? 6.497   -3.709  -16.065 1.00 28.49 ? 413 ARG A O   1 
ATOM   536  C CB  . ARG A 1 83  ? 3.736   -3.048  -17.245 1.00 27.89 ? 413 ARG A CB  1 
ATOM   537  C CG  . ARG A 1 83  ? 2.645   -3.739  -18.055 1.00 29.63 ? 413 ARG A CG  1 
ATOM   538  C CD  . ARG A 1 83  ? 2.191   -2.869  -19.214 1.00 29.00 ? 413 ARG A CD  1 
ATOM   539  N NE  . ARG A 1 83  ? 1.902   -1.479  -18.832 1.00 33.67 ? 413 ARG A NE  1 
ATOM   540  C CZ  . ARG A 1 83  ? 1.804   -0.446  -19.683 1.00 34.25 ? 413 ARG A CZ  1 
ATOM   541  N NH1 . ARG A 1 83  ? 1.990   -0.624  -20.976 1.00 33.75 ? 413 ARG A NH1 1 
ATOM   542  N NH2 . ARG A 1 83  ? 1.501   0.765   -19.245 1.00 36.49 ? 413 ARG A NH2 1 
ATOM   543  N N   . ASP A 1 84  ? 5.502   -2.475  -14.453 1.00 24.85 ? 414 ASP A N   1 
ATOM   544  C CA  . ASP A 1 84  ? 6.740   -1.790  -14.020 1.00 23.24 ? 414 ASP A CA  1 
ATOM   545  C C   . ASP A 1 84  ? 6.502   -1.202  -12.624 1.00 21.30 ? 414 ASP A C   1 
ATOM   546  O O   . ASP A 1 84  ? 5.413   -1.378  -12.073 1.00 20.40 ? 414 ASP A O   1 
ATOM   547  C CB  . ASP A 1 84  ? 7.147   -0.705  -15.021 1.00 23.50 ? 414 ASP A CB  1 
ATOM   548  C CG  . ASP A 1 84  ? 6.093   0.360   -15.241 1.00 28.61 ? 414 ASP A CG  1 
ATOM   549  O OD1 . ASP A 1 84  ? 5.199   0.545   -14.364 1.00 29.34 ? 414 ASP A OD1 1 
ATOM   550  O OD2 . ASP A 1 84  ? 6.135   0.976   -16.304 1.00 35.30 ? 414 ASP A OD2 1 
ATOM   551  N N   . ALA A 1 85  ? 7.548   -0.604  -12.067 1.00 20.18 ? 415 ALA A N   1 
ATOM   552  C CA  . ALA A 1 85  ? 7.536   -0.067  -10.700 1.00 19.91 ? 415 ALA A CA  1 
ATOM   553  C C   . ALA A 1 85  ? 6.477   1.016   -10.620 1.00 19.37 ? 415 ALA A C   1 
ATOM   554  O O   . ALA A 1 85  ? 5.923   1.166   -9.497  1.00 19.56 ? 415 ALA A O   1 
ATOM   555  C CB  . ALA A 1 85  ? 8.875   0.476   -10.282 1.00 21.11 ? 415 ALA A CB  1 
ATOM   556  N N   . GLN A 1 86  ? 6.272   1.812   -11.659 1.00 19.71 ? 416 GLN A N   1 
ATOM   557  C CA  . GLN A 1 86  ? 5.301   2.891   -11.552 1.00 22.83 ? 416 GLN A CA  1 
ATOM   558  C C   . GLN A 1 86  ? 3.884   2.388   -11.314 1.00 22.65 ? 416 GLN A C   1 
ATOM   559  O O   . GLN A 1 86  ? 3.152   2.957   -10.511 1.00 20.25 ? 416 GLN A O   1 
ATOM   560  C CB  . GLN A 1 86  ? 5.387   3.842   -12.747 1.00 26.89 ? 416 GLN A CB  1 
ATOM   561  C CG  . GLN A 1 86  ? 6.632   4.717   -12.719 1.00 29.95 ? 416 GLN A CG  1 
ATOM   562  C CD  . GLN A 1 86  ? 6.787   5.474   -11.409 1.00 34.48 ? 416 GLN A CD  1 
ATOM   563  O OE1 . GLN A 1 86  ? 5.834   6.061   -10.896 1.00 30.72 ? 416 GLN A OE1 1 
ATOM   564  N NE2 . GLN A 1 86  ? 7.997   5.469   -10.868 1.00 35.04 ? 416 GLN A NE2 1 
ATOM   565  N N   . GLU A 1 87  ? 3.499   1.322   -12.006 1.00 20.74 ? 417 GLU A N   1 
ATOM   566  C CA  . GLU A 1 87  ? 2.168   0.769   -11.811 1.00 22.76 ? 417 GLU A CA  1 
ATOM   567  C C   . GLU A 1 87  ? 2.019   0.245   -10.385 1.00 23.06 ? 417 GLU A C   1 
ATOM   568  O O   . GLU A 1 87  ? 0.990   0.443   -9.749  1.00 20.88 ? 417 GLU A O   1 
ATOM   569  C CB  . GLU A 1 87  ? 1.864   -0.315  -12.848 1.00 27.03 ? 417 GLU A CB  1 
ATOM   570  C CG  . GLU A 1 87  ? 1.830   0.220   -14.270 1.00 30.34 ? 417 GLU A CG  1 
ATOM   571  C CD  . GLU A 1 87  ? 1.329   -0.789  -15.285 1.00 31.84 ? 417 GLU A CD  1 
ATOM   572  O OE1 . GLU A 1 87  ? 1.288   -0.446  -16.483 1.00 41.19 ? 417 GLU A OE1 1 
ATOM   573  O OE2 . GLU A 1 87  ? 0.977   -1.914  -14.889 1.00 29.12 ? 417 GLU A OE2 1 
ATOM   574  N N   . PHE A 1 88  ? 3.055   -0.426  -9.889  1.00 18.31 ? 418 PHE A N   1 
ATOM   575  C CA  . PHE A 1 88  ? 3.046   -0.951  -8.530  1.00 18.42 ? 418 PHE A CA  1 
ATOM   576  C C   . PHE A 1 88  ? 2.980   0.185   -7.515  1.00 18.27 ? 418 PHE A C   1 
ATOM   577  O O   . PHE A 1 88  ? 2.208   0.140   -6.568  1.00 19.75 ? 418 PHE A O   1 
ATOM   578  C CB  . PHE A 1 88  ? 4.294   -1.799  -8.289  1.00 17.94 ? 418 PHE A CB  1 
ATOM   579  C CG  . PHE A 1 88  ? 4.605   -2.041  -6.841  1.00 16.30 ? 418 PHE A CG  1 
ATOM   580  C CD1 . PHE A 1 88  ? 4.026   -3.095  -6.160  1.00 17.59 ? 418 PHE A CD1 1 
ATOM   581  C CD2 . PHE A 1 88  ? 5.499   -1.228  -6.168  1.00 17.32 ? 418 PHE A CD2 1 
ATOM   582  C CE1 . PHE A 1 88  ? 4.320   -3.326  -4.832  1.00 17.00 ? 418 PHE A CE1 1 
ATOM   583  C CE2 . PHE A 1 88  ? 5.797   -1.451  -4.840  1.00 16.50 ? 418 PHE A CE2 1 
ATOM   584  C CZ  . PHE A 1 88  ? 5.208   -2.503  -4.172  1.00 17.88 ? 418 PHE A CZ  1 
ATOM   585  N N   . GLY A 1 89  ? 3.773   1.223   -7.756  1.00 19.54 ? 419 GLY A N   1 
ATOM   586  C CA  . GLY A 1 89  ? 3.813   2.405   -6.865  1.00 18.44 ? 419 GLY A CA  1 
ATOM   587  C C   . GLY A 1 89  ? 2.471   3.099   -6.820  1.00 17.32 ? 419 GLY A C   1 
ATOM   588  O O   . GLY A 1 89  ? 2.074   3.579   -5.739  1.00 15.36 ? 419 GLY A O   1 
ATOM   589  N N   . ALA A 1 90  ? 1.749   3.127   -7.945  1.00 19.48 ? 420 ALA A N   1 
ATOM   590  C CA  . ALA A 1 90  ? 0.442   3.814   -8.041  1.00 17.86 ? 420 ALA A CA  1 
ATOM   591  C C   . ALA A 1 90  ? -0.509  3.119   -7.080  1.00 18.27 ? 420 ALA A C   1 
ATOM   592  O O   . ALA A 1 90  ? -1.259  3.820   -6.425  1.00 15.88 ? 420 ALA A O   1 
ATOM   593  C CB  . ALA A 1 90  ? -0.134  3.812   -9.447  1.00 20.46 ? 420 ALA A CB  1 
ATOM   594  N N   . ASP A 1 91  ? -0.480  1.789   -6.982  1.00 17.67 ? 421 ASP A N   1 
ATOM   595  C CA  . ASP A 1 91  ? -1.443  1.088   -6.126  1.00 16.40 ? 421 ASP A CA  1 
ATOM   596  C C   . ASP A 1 91  ? -1.027  1.278   -4.668  1.00 16.54 ? 421 ASP A C   1 
ATOM   597  O O   . ASP A 1 91  ? -1.902  1.403   -3.860  1.00 15.19 ? 421 ASP A O   1 
ATOM   598  C CB  . ASP A 1 91  ? -1.561  -0.378  -6.459  1.00 18.12 ? 421 ASP A CB  1 
ATOM   599  C CG  . ASP A 1 91  ? -2.692  -0.709  -7.411  1.00 21.50 ? 421 ASP A CG  1 
ATOM   600  O OD1 . ASP A 1 91  ? -3.516  0.190   -7.710  1.00 22.42 ? 421 ASP A OD1 1 
ATOM   601  O OD2 . ASP A 1 91  ? -2.757  -1.878  -7.813  1.00 21.90 ? 421 ASP A OD2 1 
ATOM   602  N N   . VAL A 1 92  ? 0.276   1.347   -4.377  1.00 14.74 ? 422 VAL A N   1 
ATOM   603  C CA  . VAL A 1 92  ? 0.696   1.628   -2.973  1.00 14.69 ? 422 VAL A CA  1 
ATOM   604  C C   . VAL A 1 92  ? 0.202   3.025   -2.587  1.00 14.51 ? 422 VAL A C   1 
ATOM   605  O O   . VAL A 1 92  ? -0.387  3.167   -1.506  1.00 14.43 ? 422 VAL A O   1 
ATOM   606  C CB  . VAL A 1 92  ? 2.201   1.455   -2.719  1.00 14.96 ? 422 VAL A CB  1 
ATOM   607  C CG1 . VAL A 1 92  ? 2.562   1.871   -1.315  1.00 16.09 ? 422 VAL A CG1 1 
ATOM   608  C CG2 . VAL A 1 92  ? 2.662   0.037   -2.956  1.00 14.34 ? 422 VAL A CG2 1 
ATOM   609  N N   . ARG A 1 93  ? 0.407   4.007   -3.438  1.00 14.29 ? 423 ARG A N   1 
ATOM   610  C CA  . ARG A 1 93  ? 0.015   5.402   -3.126  1.00 16.38 ? 423 ARG A CA  1 
ATOM   611  C C   . ARG A 1 93  ? -1.506  5.500   -3.094  1.00 15.57 ? 423 ARG A C   1 
ATOM   612  O O   . ARG A 1 93  ? -2.023  6.272   -2.304  1.00 16.13 ? 423 ARG A O   1 
ATOM   613  C CB  . ARG A 1 93  ? 0.717   6.353   -4.066  1.00 19.45 ? 423 ARG A CB  1 
ATOM   614  C CG  . ARG A 1 93  ? 2.217   6.256   -3.819  1.00 18.91 ? 423 ARG A CG  1 
ATOM   615  C CD  . ARG A 1 93  ? 2.827   7.488   -4.194  1.00 26.08 ? 423 ARG A CD  1 
ATOM   616  N NE  . ARG A 1 93  ? 4.267   7.412   -4.092  1.00 19.31 ? 423 ARG A NE  1 
ATOM   617  C CZ  . ARG A 1 93  ? 5.088   7.229   -5.104  1.00 19.60 ? 423 ARG A CZ  1 
ATOM   618  N NH1 . ARG A 1 93  ? 4.641   6.890   -6.295  1.00 19.28 ? 423 ARG A NH1 1 
ATOM   619  N NH2 . ARG A 1 93  ? 6.366   7.436   -4.909  1.00 18.14 ? 423 ARG A NH2 1 
ATOM   620  N N   . LEU A 1 94  ? -2.218  4.688   -3.889  1.00 15.39 ? 424 LEU A N   1 
ATOM   621  C CA  . LEU A 1 94  ? -3.702  4.686   -3.838  1.00 15.62 ? 424 LEU A CA  1 
ATOM   622  C C   . LEU A 1 94  ? -4.157  4.251   -2.443  1.00 15.37 ? 424 LEU A C   1 
ATOM   623  O O   . LEU A 1 94  ? -5.112  4.830   -1.905  1.00 14.41 ? 424 LEU A O   1 
ATOM   624  C CB  . LEU A 1 94  ? -4.217  3.720   -4.915  1.00 15.91 ? 424 LEU A CB  1 
ATOM   625  C CG  . LEU A 1 94  ? -5.722  3.457   -4.849  1.00 16.40 ? 424 LEU A CG  1 
ATOM   626  C CD1 . LEU A 1 94  ? -6.511  4.724   -5.064  1.00 18.18 ? 424 LEU A CD1 1 
ATOM   627  C CD2 . LEU A 1 94  ? -6.059  2.409   -5.854  1.00 19.08 ? 424 LEU A CD2 1 
ATOM   628  N N   . MET A 1 95  ? -3.551  3.199   -1.901  1.00 13.44 ? 425 MET A N   1 
ATOM   629  C CA  . MET A 1 95  ? -3.859  2.689   -0.546  1.00 12.84 ? 425 MET A CA  1 
ATOM   630  C C   . MET A 1 95  ? -3.700  3.837   0.464   1.00 13.08 ? 425 MET A C   1 
ATOM   631  O O   . MET A 1 95  ? -4.585  4.040   1.331   1.00 13.70 ? 425 MET A O   1 
ATOM   632  C CB  . MET A 1 95  ? -2.905  1.553   -0.202  1.00 14.72 ? 425 MET A CB  1 
ATOM   633  C CG  . MET A 1 95  ? -3.110  0.971   1.146   1.00 14.97 ? 425 MET A CG  1 
ATOM   634  S SD  . MET A 1 95  ? -2.044  -0.420  1.467   1.00 17.53 ? 425 MET A SD  1 
ATOM   635  C CE  . MET A 1 95  ? -0.496  0.424   1.786   1.00 20.08 ? 425 MET A CE  1 
ATOM   636  N N   . PHE A 1 96  ? -2.587  4.573   0.395   1.00 13.25 ? 426 PHE A N   1 
ATOM   637  C CA  . PHE A 1 96  ? -2.345  5.629   1.405   1.00 13.93 ? 426 PHE A CA  1 
ATOM   638  C C   . PHE A 1 96  ? -3.328  6.772   1.163   1.00 13.03 ? 426 PHE A C   1 
ATOM   639  O O   . PHE A 1 96  ? -3.958  7.281   2.073   1.00 14.46 ? 426 PHE A O   1 
ATOM   640  C CB  . PHE A 1 96  ? -0.919  6.147   1.387   1.00 14.96 ? 426 PHE A CB  1 
ATOM   641  C CG  . PHE A 1 96  ? 0.098   5.112   1.757   1.00 15.32 ? 426 PHE A CG  1 
ATOM   642  C CD1 . PHE A 1 96  ? -0.009  4.403   2.940   1.00 16.24 ? 426 PHE A CD1 1 
ATOM   643  C CD2 . PHE A 1 96  ? 1.222   4.948   0.957   1.00 19.31 ? 426 PHE A CD2 1 
ATOM   644  C CE1 . PHE A 1 96  ? 0.976   3.463   3.270   1.00 18.56 ? 426 PHE A CE1 1 
ATOM   645  C CE2 . PHE A 1 96  ? 2.183   4.012   1.306   1.00 18.47 ? 426 PHE A CE2 1 
ATOM   646  C CZ  . PHE A 1 96  ? 2.046   3.297   2.457   1.00 17.85 ? 426 PHE A CZ  1 
ATOM   647  N N   . SER A 1 97  ? -3.517  7.170   -0.102  1.00 13.86 ? 427 SER A N   1 
ATOM   648  C CA  . SER A 1 97  ? -4.430  8.282   -0.456  1.00 13.22 ? 427 SER A CA  1 
ATOM   649  C C   . SER A 1 97  ? -5.859  7.993   -0.007  1.00 14.72 ? 427 SER A C   1 
ATOM   650  O O   . SER A 1 97  ? -6.531  8.895   0.466   1.00 15.48 ? 427 SER A O   1 
ATOM   651  C CB  . SER A 1 97  ? -4.399  8.595   -1.932  1.00 14.44 ? 427 SER A CB  1 
ATOM   652  O OG  . SER A 1 97  ? -3.116  9.075   -2.293  1.00 15.54 ? 427 SER A OG  1 
ATOM   653  N N   . ASN A 1 98  ? -6.304  6.748   -0.122  1.00 15.07 ? 428 ASN A N   1 
ATOM   654  C CA  . ASN A 1 98  ? -7.659  6.379   0.337   1.00 14.68 ? 428 ASN A CA  1 
ATOM   655  C C   . ASN A 1 98  ? -7.746  6.651   1.841   1.00 14.64 ? 428 ASN A C   1 
ATOM   656  O O   . ASN A 1 98  ? -8.738  7.143   2.309   1.00 14.57 ? 428 ASN A O   1 
ATOM   657  C CB  . ASN A 1 98  ? -7.945  4.907   0.037   1.00 15.02 ? 428 ASN A CB  1 
ATOM   658  C CG  . ASN A 1 98  ? -8.208  4.594   -1.429  1.00 16.04 ? 428 ASN A CG  1 
ATOM   659  O OD1 . ASN A 1 98  ? -8.494  5.493   -2.255  1.00 15.73 ? 428 ASN A OD1 1 
ATOM   660  N ND2 . ASN A 1 98  ? -8.127  3.307   -1.750  1.00 16.09 ? 428 ASN A ND2 1 
ATOM   661  N N   . CYS A 1 99  ? -6.717  6.277   2.599   1.00 14.30 ? 429 CYS A N   1 
ATOM   662  C CA  . CYS A 1 99  ? -6.660  6.514   4.040   1.00 15.16 ? 429 CYS A CA  1 
ATOM   663  C C   . CYS A 1 99  ? -6.724  8.027   4.349   1.00 15.24 ? 429 CYS A C   1 
ATOM   664  O O   . CYS A 1 99  ? -7.494  8.444   5.220   1.00 16.00 ? 429 CYS A O   1 
ATOM   665  C CB  . CYS A 1 99  ? -5.387  5.884   4.560   1.00 15.84 ? 429 CYS A CB  1 
ATOM   666  S SG  . CYS A 1 99  ? -5.221  6.004   6.344   1.00 19.25 ? 429 CYS A SG  1 
ATOM   667  N N   . TYR A 1 100 ? -5.949  8.857   3.650   1.00 14.36 ? 430 TYR A N   1 
ATOM   668  C CA  . TYR A 1 100 ? -5.895  10.313  3.883   1.00 14.87 ? 430 TYR A CA  1 
ATOM   669  C C   . TYR A 1 100 ? -7.226  10.970  3.481   1.00 14.32 ? 430 TYR A C   1 
ATOM   670  O O   . TYR A 1 100 ? -7.558  12.040  3.995   1.00 16.29 ? 430 TYR A O   1 
ATOM   671  C CB  . TYR A 1 100 ? -4.732  10.949  3.099   1.00 14.01 ? 430 TYR A CB  1 
ATOM   672  C CG  . TYR A 1 100 ? -3.390  10.349  3.391   1.00 13.64 ? 430 TYR A CG  1 
ATOM   673  C CD1 . TYR A 1 100 ? -3.075  9.953   4.686   1.00 14.03 ? 430 TYR A CD1 1 
ATOM   674  C CD2 . TYR A 1 100 ? -2.403  10.268  2.431   1.00 14.06 ? 430 TYR A CD2 1 
ATOM   675  C CE1 . TYR A 1 100 ? -1.822  9.444   4.996   1.00 14.10 ? 430 TYR A CE1 1 
ATOM   676  C CE2 . TYR A 1 100 ? -1.159  9.698   2.700   1.00 15.05 ? 430 TYR A CE2 1 
ATOM   677  C CZ  . TYR A 1 100 ? -0.876  9.286   4.007   1.00 15.61 ? 430 TYR A CZ  1 
ATOM   678  O OH  . TYR A 1 100 ? 0.329   8.738   4.328   1.00 16.38 ? 430 TYR A OH  1 
ATOM   679  N N   . LYS A 1 101 ? -7.901  10.407  2.474   1.00 14.24 ? 431 LYS A N   1 
ATOM   680  C CA  . LYS A 1 101 ? -9.177  10.921  1.936   1.00 14.30 ? 431 LYS A CA  1 
ATOM   681  C C   . LYS A 1 101 ? -10.315 10.645  2.931   1.00 16.14 ? 431 LYS A C   1 
ATOM   682  O O   . LYS A 1 101 ? -11.112 11.584  3.219   1.00 15.74 ? 431 LYS A O   1 
ATOM   683  C CB  . LYS A 1 101 ? -9.529  10.298  0.594   1.00 14.10 ? 431 LYS A CB  1 
ATOM   684  C CG  . LYS A 1 101 ? -10.812 10.823  -0.037  1.00 16.57 ? 431 LYS A CG  1 
ATOM   685  C CD  . LYS A 1 101 ? -11.017 10.387  -1.438  1.00 17.61 ? 431 LYS A CD  1 
ATOM   686  C CE  . LYS A 1 101 ? -12.329 10.867  -2.029  1.00 21.13 ? 431 LYS A CE  1 
ATOM   687  N NZ  . LYS A 1 101 ? -12.387 10.456  -3.447  1.00 22.44 ? 431 LYS A NZ  1 
ATOM   688  N N   . TYR A 1 102 ? -10.432 9.404   3.394   1.00 15.21 ? 432 TYR A N   1 
ATOM   689  C CA  . TYR A 1 102 ? -11.637 8.945   4.126   1.00 16.33 ? 432 TYR A CA  1 
ATOM   690  C C   . TYR A 1 102 ? -11.567 9.396   5.570   1.00 18.10 ? 432 TYR A C   1 
ATOM   691  O O   . TYR A 1 102 ? -12.589 9.860   6.133   1.00 18.78 ? 432 TYR A O   1 
ATOM   692  C CB  . TYR A 1 102 ? -11.792 7.429   4.033   1.00 16.23 ? 432 TYR A CB  1 
ATOM   693  C CG  . TYR A 1 102 ? -12.962 7.000   4.876   1.00 15.27 ? 432 TYR A CG  1 
ATOM   694  C CD1 . TYR A 1 102 ? -14.254 7.108   4.396   1.00 18.09 ? 432 TYR A CD1 1 
ATOM   695  C CD2 . TYR A 1 102 ? -12.772 6.483   6.147   1.00 17.14 ? 432 TYR A CD2 1 
ATOM   696  C CE1 . TYR A 1 102 ? -15.335 6.770   5.200   1.00 16.75 ? 432 TYR A CE1 1 
ATOM   697  C CE2 . TYR A 1 102 ? -13.841 6.114   6.954   1.00 18.67 ? 432 TYR A CE2 1 
ATOM   698  C CZ  . TYR A 1 102 ? -15.126 6.289   6.476   1.00 19.03 ? 432 TYR A CZ  1 
ATOM   699  O OH  . TYR A 1 102 ? -16.213 5.974   7.234   1.00 18.68 ? 432 TYR A OH  1 
ATOM   700  N N   . ASN A 1 103 ? -10.386 9.309   6.177   1.00 17.60 ? 433 ASN A N   1 
ATOM   701  C CA  . ASN A 1 103 ? -10.238 9.463   7.646   1.00 19.64 ? 433 ASN A CA  1 
ATOM   702  C C   . ASN A 1 103 ? -10.032 10.923  8.001   1.00 21.61 ? 433 ASN A C   1 
ATOM   703  O O   . ASN A 1 103 ? -9.359  11.677  7.286   1.00 20.06 ? 433 ASN A O   1 
ATOM   704  C CB  . ASN A 1 103 ? -9.044  8.655   8.147   1.00 19.79 ? 433 ASN A CB  1 
ATOM   705  C CG  . ASN A 1 103 ? -9.260  7.191   7.854   1.00 19.43 ? 433 ASN A CG  1 
ATOM   706  O OD1 . ASN A 1 103 ? -10.155 6.545   8.403   1.00 24.91 ? 433 ASN A OD1 1 
ATOM   707  N ND2 . ASN A 1 103 ? -8.446  6.667   6.974   1.00 17.20 ? 433 ASN A ND2 1 
ATOM   708  N N   . PRO A 1 104 ? -10.490 11.324  9.197   1.00 22.52 ? 434 PRO A N   1 
ATOM   709  C CA  . PRO A 1 104 ? -10.077 12.615  9.744   1.00 24.46 ? 434 PRO A CA  1 
ATOM   710  C C   . PRO A 1 104 ? -8.558  12.674  9.931   1.00 21.64 ? 434 PRO A C   1 
ATOM   711  O O   . PRO A 1 104 ? -7.917  11.681  10.290  1.00 20.27 ? 434 PRO A O   1 
ATOM   712  C CB  . PRO A 1 104 ? -10.831 12.728  11.078  1.00 25.52 ? 434 PRO A CB  1 
ATOM   713  C CG  . PRO A 1 104 ? -11.710 11.492  11.199  1.00 27.00 ? 434 PRO A CG  1 
ATOM   714  C CD  . PRO A 1 104 ? -11.303 10.506  10.120  1.00 25.46 ? 434 PRO A CD  1 
ATOM   715  N N   . PRO A 1 105 ? -7.917  13.832  9.683   1.00 25.39 ? 435 PRO A N   1 
ATOM   716  C CA  . PRO A 1 105 ? -6.455  13.928  9.667   1.00 26.29 ? 435 PRO A CA  1 
ATOM   717  C C   . PRO A 1 105 ? -5.787  13.585  11.006  1.00 27.56 ? 435 PRO A C   1 
ATOM   718  O O   . PRO A 1 105 ? -4.600  13.270  10.996  1.00 27.47 ? 435 PRO A O   1 
ATOM   719  C CB  . PRO A 1 105 ? -6.180  15.375  9.255   1.00 28.31 ? 435 PRO A CB  1 
ATOM   720  C CG  . PRO A 1 105 ? -7.474  16.123  9.505   1.00 28.03 ? 435 PRO A CG  1 
ATOM   721  C CD  . PRO A 1 105 ? -8.581  15.107  9.355   1.00 27.72 ? 435 PRO A CD  1 
ATOM   722  N N   . ASP A 1 106 ? -6.549  13.619  12.108  1.00 26.30 ? 436 ASP A N   1 
ATOM   723  C CA  . ASP A 1 106 ? -6.046  13.308  13.474  1.00 30.11 ? 436 ASP A CA  1 
ATOM   724  C C   . ASP A 1 106 ? -6.306  11.844  13.845  1.00 28.69 ? 436 ASP A C   1 
ATOM   725  O O   . ASP A 1 106 ? -5.959  11.430  14.963  1.00 28.97 ? 436 ASP A O   1 
ATOM   726  C CB  . ASP A 1 106 ? -6.691  14.261  14.493  1.00 34.68 ? 436 ASP A CB  1 
ATOM   727  C CG  . ASP A 1 106 ? -8.208  14.194  14.609  1.00 41.05 ? 436 ASP A CG  1 
ATOM   728  O OD1 . ASP A 1 106 ? -8.866  13.497  13.794  1.00 43.49 ? 436 ASP A OD1 1 
ATOM   729  O OD2 . ASP A 1 106 ? -8.735  14.855  15.540  1.00 46.66 ? 436 ASP A OD2 1 
ATOM   730  N N   . HIS A 1 107 ? -6.926  11.076  12.961  1.00 27.00 ? 437 HIS A N   1 
ATOM   731  C CA  . HIS A 1 107 ? -7.210  9.685   13.277  1.00 24.91 ? 437 HIS A CA  1 
ATOM   732  C C   . HIS A 1 107 ? -5.907  8.914   13.422  1.00 22.67 ? 437 HIS A C   1 
ATOM   733  O O   . HIS A 1 107 ? -4.938  9.187   12.722  1.00 23.83 ? 437 HIS A O   1 
ATOM   734  C CB  . HIS A 1 107 ? -8.114  9.047   12.222  1.00 25.78 ? 437 HIS A CB  1 
ATOM   735  C CG  . HIS A 1 107 ? -8.813  7.811   12.698  1.00 27.62 ? 437 HIS A CG  1 
ATOM   736  N ND1 . HIS A 1 107 ? -8.193  6.583   12.763  1.00 23.67 ? 437 HIS A ND1 1 
ATOM   737  C CD2 . HIS A 1 107 ? -10.080 7.617   13.134  1.00 27.83 ? 437 HIS A CD2 1 
ATOM   738  C CE1 . HIS A 1 107 ? -9.048  5.684   13.216  1.00 28.35 ? 437 HIS A CE1 1 
ATOM   739  N NE2 . HIS A 1 107 ? -10.200 6.286   13.450  1.00 28.12 ? 437 HIS A NE2 1 
ATOM   740  N N   . GLU A 1 108 ? -5.891  7.945   14.327  1.00 24.80 ? 438 GLU A N   1 
ATOM   741  C CA  . GLU A 1 108 ? -4.688  7.163   14.572  1.00 24.65 ? 438 GLU A CA  1 
ATOM   742  C C   . GLU A 1 108 ? -4.249  6.410   13.325  1.00 21.85 ? 438 GLU A C   1 
ATOM   743  O O   . GLU A 1 108 ? -3.059  6.272   13.071  1.00 20.89 ? 438 GLU A O   1 
ATOM   744  C CB  . GLU A 1 108 ? -4.878  6.184   15.731  1.00 27.85 ? 438 GLU A CB  1 
ATOM   745  C CG  . GLU A 1 108 ? -3.683  5.263   15.925  1.00 34.83 ? 438 GLU A CG  1 
ATOM   746  C CD  . GLU A 1 108 ? -3.746  4.461   17.211  1.00 43.17 ? 438 GLU A CD  1 
ATOM   747  O OE1 . GLU A 1 108 ? -2.674  4.032   17.688  1.00 41.92 ? 438 GLU A OE1 1 
ATOM   748  O OE2 . GLU A 1 108 ? -4.860  4.260   17.741  1.00 45.16 ? 438 GLU A OE2 1 
ATOM   749  N N   . VAL A 1 109 ? -5.208  5.899   12.566  1.00 20.50 ? 439 VAL A N   1 
ATOM   750  C CA  . VAL A 1 109 ? -4.871  5.165   11.360  1.00 19.99 ? 439 VAL A CA  1 
ATOM   751  C C   . VAL A 1 109 ? -4.080  6.027   10.363  1.00 18.98 ? 439 VAL A C   1 
ATOM   752  O O   . VAL A 1 109 ? -3.292  5.505   9.642   1.00 20.62 ? 439 VAL A O   1 
ATOM   753  C CB  . VAL A 1 109 ? -6.076  4.451   10.732  1.00 22.13 ? 439 VAL A CB  1 
ATOM   754  C CG1 . VAL A 1 109 ? -7.001  5.431   10.043  1.00 26.39 ? 439 VAL A CG1 1 
ATOM   755  C CG2 . VAL A 1 109 ? -5.601  3.403   9.761   1.00 25.22 ? 439 VAL A CG2 1 
ATOM   756  N N   . VAL A 1 110 ? -4.373  7.316   10.268  1.00 18.40 ? 440 VAL A N   1 
ATOM   757  C CA  . VAL A 1 110 ? -3.619  8.223   9.412   1.00 17.63 ? 440 VAL A CA  1 
ATOM   758  C C   . VAL A 1 110 ? -2.157  8.343   9.870   1.00 19.14 ? 440 VAL A C   1 
ATOM   759  O O   . VAL A 1 110 ? -1.274  8.401   9.059   1.00 17.26 ? 440 VAL A O   1 
ATOM   760  C CB  . VAL A 1 110 ? -4.245  9.613   9.406   1.00 18.54 ? 440 VAL A CB  1 
ATOM   761  C CG1 . VAL A 1 110 ? -3.337  10.600  8.720   1.00 18.84 ? 440 VAL A CG1 1 
ATOM   762  C CG2 . VAL A 1 110 ? -5.609  9.562   8.759   1.00 19.56 ? 440 VAL A CG2 1 
ATOM   763  N N   . ALA A 1 111 ? -1.943  8.409   11.181  1.00 18.54 ? 441 ALA A N   1 
ATOM   764  C CA  . ALA A 1 111 ? -0.578  8.485   11.748  1.00 19.88 ? 441 ALA A CA  1 
ATOM   765  C C   . ALA A 1 111 ? 0.152   7.200   11.371  1.00 18.39 ? 441 ALA A C   1 
ATOM   766  O O   . ALA A 1 111 ? 1.326   7.249   10.983  1.00 17.78 ? 441 ALA A O   1 
ATOM   767  C CB  . ALA A 1 111 ? -0.589  8.643   13.231  1.00 20.92 ? 441 ALA A CB  1 
ATOM   768  N N   . MET A 1 112 ? -0.560  6.062   11.423  1.00 19.61 ? 442 MET A N   1 
ATOM   769  C CA  . MET A 1 112 ? 0.038   4.758   11.041  1.00 17.71 ? 442 MET A CA  1 
ATOM   770  C C   . MET A 1 112 ? 0.342   4.764   9.537   1.00 16.76 ? 442 MET A C   1 
ATOM   771  O O   . MET A 1 112 ? 1.455   4.346   9.141   1.00 17.07 ? 442 MET A O   1 
ATOM   772  C CB  . MET A 1 112 ? -0.895  3.620   11.461  1.00 20.48 ? 442 MET A CB  1 
ATOM   773  C CG  . MET A 1 112 ? -1.054  3.556   12.941  1.00 23.48 ? 442 MET A CG  1 
ATOM   774  S SD  . MET A 1 112 ? -2.421  2.432   13.407  1.00 28.65 ? 442 MET A SD  1 
ATOM   775  C CE  . MET A 1 112 ? -1.681  0.844   13.163  1.00 29.18 ? 442 MET A CE  1 
ATOM   776  N N   . ALA A 1 113 ? -0.577  5.204   8.686   1.00 16.50 ? 443 ALA A N   1 
ATOM   777  C CA  . ALA A 1 113 ? -0.357  5.299   7.220   1.00 16.26 ? 443 ALA A CA  1 
ATOM   778  C C   . ALA A 1 113 ? 0.929   6.110   6.959   1.00 15.49 ? 443 ALA A C   1 
ATOM   779  O O   . ALA A 1 113 ? 1.731   5.740   6.115   1.00 17.10 ? 443 ALA A O   1 
ATOM   780  C CB  . ALA A 1 113 ? -1.520  5.961   6.544   1.00 16.39 ? 443 ALA A CB  1 
ATOM   781  N N   . ARG A 1 114 ? 1.105   7.223   7.644   1.00 15.85 ? 444 ARG A N   1 
ATOM   782  C CA  . ARG A 1 114 ? 2.263   8.108   7.391   1.00 17.05 ? 444 ARG A CA  1 
ATOM   783  C C   . ARG A 1 114 ? 3.551   7.343   7.723   1.00 16.70 ? 444 ARG A C   1 
ATOM   784  O O   . ARG A 1 114 ? 4.530   7.506   6.970   1.00 17.32 ? 444 ARG A O   1 
ATOM   785  C CB  . ARG A 1 114 ? 2.213   9.424   8.173   1.00 21.61 ? 444 ARG A CB  1 
ATOM   786  C CG  . ARG A 1 114 ? 1.195   10.429  7.656   1.00 25.04 ? 444 ARG A CG  1 
ATOM   787  C CD  . ARG A 1 114 ? 1.573   11.819  8.173   1.00 32.06 ? 444 ARG A CD  1 
ATOM   788  N NE  . ARG A 1 114 ? 0.520   12.799  7.943   1.00 40.41 ? 444 ARG A NE  1 
ATOM   789  C CZ  . ARG A 1 114 ? -0.460  13.071  8.801   1.00 43.48 ? 444 ARG A CZ  1 
ATOM   790  N NH1 . ARG A 1 114 ? -0.563  12.410  9.948   1.00 50.74 ? 444 ARG A NH1 1 
ATOM   791  N NH2 . ARG A 1 114 ? -1.366  13.975  8.483   1.00 49.73 ? 444 ARG A NH2 1 
ATOM   792  N N   . LYS A 1 115 ? 3.596   6.592   8.836   1.00 16.01 ? 445 LYS A N   1 
ATOM   793  C CA  . LYS A 1 115 ? 4.791   5.791   9.193   1.00 16.37 ? 445 LYS A CA  1 
ATOM   794  C C   . LYS A 1 115 ? 5.075   4.749   8.094   1.00 17.59 ? 445 LYS A C   1 
ATOM   795  O O   . LYS A 1 115 ? 6.243   4.577   7.690   1.00 14.91 ? 445 LYS A O   1 
ATOM   796  C CB  . LYS A 1 115 ? 4.596   5.140   10.557  1.00 17.28 ? 445 LYS A CB  1 
ATOM   797  C CG  . LYS A 1 115 ? 4.517   6.104   11.738  1.00 20.47 ? 445 LYS A CG  1 
ATOM   798  C CD  . LYS A 1 115 ? 4.542   5.317   13.054  1.00 23.91 ? 445 LYS A CD  1 
ATOM   799  C CE  . LYS A 1 115 ? 4.053   6.099   14.243  1.00 32.12 ? 445 LYS A CE  1 
ATOM   800  N NZ  . LYS A 1 115 ? 4.469   5.381   15.474  1.00 37.73 ? 445 LYS A NZ  1 
ATOM   801  N N   . LEU A 1 116 ? 4.040   4.059   7.618   1.00 15.87 ? 446 LEU A N   1 
ATOM   802  C CA  . LEU A 1 116 ? 4.247   3.012   6.592   1.00 15.23 ? 446 LEU A CA  1 
ATOM   803  C C   . LEU A 1 116 ? 4.624   3.682   5.279   1.00 15.63 ? 446 LEU A C   1 
ATOM   804  O O   . LEU A 1 116 ? 5.460   3.106   4.593   1.00 16.34 ? 446 LEU A O   1 
ATOM   805  C CB  . LEU A 1 116 ? 2.980   2.169   6.452   1.00 16.58 ? 446 LEU A CB  1 
ATOM   806  C CG  . LEU A 1 116 ? 3.124   0.895   5.600   1.00 18.71 ? 446 LEU A CG  1 
ATOM   807  C CD1 . LEU A 1 116 ? 4.202   -0.042  6.148   1.00 22.89 ? 446 LEU A CD1 1 
ATOM   808  C CD2 . LEU A 1 116 ? 1.775   0.173   5.507   1.00 18.04 ? 446 LEU A CD2 1 
ATOM   809  N N   . GLN A 1 117 ? 4.059   4.838   4.955   1.00 14.01 ? 447 GLN A N   1 
ATOM   810  C CA  . GLN A 1 117 ? 4.422   5.515   3.720   1.00 15.15 ? 447 GLN A CA  1 
ATOM   811  C C   . GLN A 1 117 ? 5.897   5.913   3.750   1.00 16.37 ? 447 GLN A C   1 
ATOM   812  O O   . GLN A 1 117 ? 6.573   5.877   2.730   1.00 14.75 ? 447 GLN A O   1 
ATOM   813  C CB  . GLN A 1 117 ? 3.523   6.709   3.410   1.00 14.68 ? 447 GLN A CB  1 
ATOM   814  C CG  . GLN A 1 117 ? 3.845   7.330   2.061   1.00 16.17 ? 447 GLN A CG  1 
ATOM   815  C CD  . GLN A 1 117 ? 2.662   8.027   1.425   1.00 20.95 ? 447 GLN A CD  1 
ATOM   816  O OE1 . GLN A 1 117 ? 1.685   8.349   2.092   1.00 22.41 ? 447 GLN A OE1 1 
ATOM   817  N NE2 . GLN A 1 117 ? 2.748   8.261   0.123   1.00 20.11 ? 447 GLN A NE2 1 
ATOM   818  N N   . ASP A 1 118 ? 6.389   6.307   4.922   1.00 16.17 ? 448 ASP A N   1 
ATOM   819  C CA  . ASP A 1 118 ? 7.790   6.687   5.046   1.00 17.42 ? 448 ASP A CA  1 
ATOM   820  C C   . ASP A 1 118 ? 8.681   5.499   4.690   1.00 18.46 ? 448 ASP A C   1 
ATOM   821  O O   . ASP A 1 118 ? 9.660   5.650   3.967   1.00 18.08 ? 448 ASP A O   1 
ATOM   822  C CB  . ASP A 1 118 ? 8.115   7.124   6.477   1.00 20.92 ? 448 ASP A CB  1 
ATOM   823  C CG  . ASP A 1 118 ? 7.482   8.446   6.852   1.00 29.12 ? 448 ASP A CG  1 
ATOM   824  O OD1 . ASP A 1 118 ? 7.087   9.210   5.950   1.00 31.83 ? 448 ASP A OD1 1 
ATOM   825  O OD2 . ASP A 1 118 ? 7.392   8.727   8.063   1.00 37.06 ? 448 ASP A OD2 1 
ATOM   826  N N   . VAL A 1 119 ? 8.330   4.313   5.179   1.00 17.66 ? 449 VAL A N   1 
ATOM   827  C CA  . VAL A 1 119 ? 9.116   3.123   4.884   1.00 18.20 ? 449 VAL A CA  1 
ATOM   828  C C   . VAL A 1 119 ? 9.083   2.859   3.385   1.00 16.67 ? 449 VAL A C   1 
ATOM   829  O O   . VAL A 1 119 ? 10.108  2.620   2.758   1.00 16.08 ? 449 VAL A O   1 
ATOM   830  C CB  . VAL A 1 119 ? 8.545   1.893   5.612   1.00 19.80 ? 449 VAL A CB  1 
ATOM   831  C CG1 . VAL A 1 119 ? 9.252   0.627   5.165   1.00 21.66 ? 449 VAL A CG1 1 
ATOM   832  C CG2 . VAL A 1 119 ? 8.636   2.070   7.117   1.00 20.65 ? 449 VAL A CG2 1 
ATOM   833  N N   . PHE A 1 120 ? 7.892   2.963   2.813   1.00 14.90 ? 450 PHE A N   1 
ATOM   834  C CA  . PHE A 1 120 ? 7.685   2.755   1.380   1.00 14.45 ? 450 PHE A CA  1 
ATOM   835  C C   . PHE A 1 120 ? 8.504   3.797   0.598   1.00 14.39 ? 450 PHE A C   1 
ATOM   836  O O   . PHE A 1 120 ? 9.244   3.439   -0.315  1.00 15.84 ? 450 PHE A O   1 
ATOM   837  C CB  . PHE A 1 120 ? 6.192   2.803   1.031   1.00 14.96 ? 450 PHE A CB  1 
ATOM   838  C CG  . PHE A 1 120 ? 6.009   2.860   -0.448  1.00 14.45 ? 450 PHE A CG  1 
ATOM   839  C CD1 . PHE A 1 120 ? 6.214   1.738   -1.221  1.00 13.29 ? 450 PHE A CD1 1 
ATOM   840  C CD2 . PHE A 1 120 ? 5.707   4.055   -1.092  1.00 15.27 ? 450 PHE A CD2 1 
ATOM   841  C CE1 . PHE A 1 120 ? 6.141   1.808   -2.598  1.00 14.62 ? 450 PHE A CE1 1 
ATOM   842  C CE2 . PHE A 1 120 ? 5.574   4.106   -2.458  1.00 17.90 ? 450 PHE A CE2 1 
ATOM   843  C CZ  . PHE A 1 120 ? 5.791   2.977   -3.213  1.00 15.90 ? 450 PHE A CZ  1 
ATOM   844  N N   . GLU A 1 121 ? 8.292   5.096   0.860   1.00 14.40 ? 451 GLU A N   1 
ATOM   845  C CA  . GLU A 1 121 ? 8.925   6.129   0.002   1.00 14.08 ? 451 GLU A CA  1 
ATOM   846  C C   . GLU A 1 121 ? 10.445  6.000   0.059   1.00 13.72 ? 451 GLU A C   1 
ATOM   847  O O   . GLU A 1 121 ? 11.096  6.240   -0.999  1.00 13.84 ? 451 GLU A O   1 
ATOM   848  C CB  . GLU A 1 121 ? 8.476   7.529   0.393   1.00 15.72 ? 451 GLU A CB  1 
ATOM   849  C CG  . GLU A 1 121 ? 6.983   7.749   0.154   1.00 16.35 ? 451 GLU A CG  1 
ATOM   850  C CD  . GLU A 1 121 ? 6.498   7.776   -1.297  1.00 16.93 ? 451 GLU A CD  1 
ATOM   851  O OE1 . GLU A 1 121 ? 7.334   7.867   -2.214  1.00 15.46 ? 451 GLU A OE1 1 
ATOM   852  O OE2 . GLU A 1 121 ? 5.284   7.637   -1.509  1.00 17.56 ? 451 GLU A OE2 1 
ATOM   853  N N   . MET A 1 122 ? 10.992  5.803   1.252   1.00 16.30 ? 452 MET A N   1 
ATOM   854  C CA  . MET A 1 122 ? 12.479  5.806   1.404   1.00 17.77 ? 452 MET A CA  1 
ATOM   855  C C   . MET A 1 122 ? 13.073  4.654   0.592   1.00 19.12 ? 452 MET A C   1 
ATOM   856  O O   . MET A 1 122 ? 14.073  4.863   -0.078  1.00 16.64 ? 452 MET A O   1 
ATOM   857  C CB  . MET A 1 122 ? 12.906  5.753   2.868   1.00 18.76 ? 452 MET A CB  1 
ATOM   858  C CG  . MET A 1 122 ? 12.415  6.928   3.675   1.00 22.31 ? 452 MET A CG  1 
ATOM   859  S SD  . MET A 1 122 ? 13.099  8.538   3.181   1.00 31.96 ? 452 MET A SD  1 
ATOM   860  C CE  . MET A 1 122 ? 14.784  7.963   3.143   1.00 23.70 ? 452 MET A CE  1 
ATOM   861  N N   . ARG A 1 123 ? 12.435  3.476   0.564   1.00 16.73 ? 453 ARG A N   1 
ATOM   862  C CA  . ARG A 1 123 ? 12.984  2.331   -0.189  1.00 17.01 ? 453 ARG A CA  1 
ATOM   863  C C   . ARG A 1 123 ? 12.634  2.412   -1.682  1.00 15.27 ? 453 ARG A C   1 
ATOM   864  O O   . ARG A 1 123 ? 13.480  2.128   -2.528  1.00 16.42 ? 453 ARG A O   1 
ATOM   865  C CB  . ARG A 1 123 ? 12.516  1.017   0.436   1.00 17.11 ? 453 ARG A CB  1 
ATOM   866  C CG  . ARG A 1 123 ? 13.407  -0.111  -0.053  1.00 18.64 ? 453 ARG A CG  1 
ATOM   867  C CD  . ARG A 1 123 ? 13.203  -1.379  0.730   1.00 17.67 ? 453 ARG A CD  1 
ATOM   868  N NE  . ARG A 1 123 ? 13.755  -2.450  -0.050  1.00 19.35 ? 453 ARG A NE  1 
ATOM   869  C CZ  . ARG A 1 123 ? 13.567  -3.726  0.261   1.00 19.18 ? 453 ARG A CZ  1 
ATOM   870  N NH1 . ARG A 1 123 ? 12.980  -4.032  1.397   1.00 17.82 ? 453 ARG A NH1 1 
ATOM   871  N NH2 . ARG A 1 123 ? 14.092  -4.675  -0.484  1.00 20.43 ? 453 ARG A NH2 1 
ATOM   872  N N   . PHE A 1 124 ? 11.422  2.841   -2.037  1.00 14.22 ? 454 PHE A N   1 
ATOM   873  C CA  . PHE A 1 124 ? 10.981  3.010   -3.436  1.00 14.84 ? 454 PHE A CA  1 
ATOM   874  C C   . PHE A 1 124 ? 11.869  4.059   -4.119  1.00 15.75 ? 454 PHE A C   1 
ATOM   875  O O   . PHE A 1 124 ? 12.146  3.912   -5.299  1.00 17.47 ? 454 PHE A O   1 
ATOM   876  C CB  . PHE A 1 124 ? 9.536   3.478   -3.487  1.00 16.26 ? 454 PHE A CB  1 
ATOM   877  C CG  . PHE A 1 124 ? 8.903   3.418   -4.844  1.00 16.35 ? 454 PHE A CG  1 
ATOM   878  C CD1 . PHE A 1 124 ? 8.587   2.193   -5.399  1.00 17.44 ? 454 PHE A CD1 1 
ATOM   879  C CD2 . PHE A 1 124 ? 8.505   4.572   -5.494  1.00 19.51 ? 454 PHE A CD2 1 
ATOM   880  C CE1 . PHE A 1 124 ? 7.942   2.147   -6.616  1.00 18.70 ? 454 PHE A CE1 1 
ATOM   881  C CE2 . PHE A 1 124 ? 7.853   4.514   -6.722  1.00 18.89 ? 454 PHE A CE2 1 
ATOM   882  C CZ  . PHE A 1 124 ? 7.582   3.293   -7.283  1.00 18.62 ? 454 PHE A CZ  1 
ATOM   883  N N   . ALA A 1 125 ? 12.395  5.018   -3.367  1.00 15.23 ? 455 ALA A N   1 
ATOM   884  C CA  . ALA A 1 125 ? 13.336  6.024   -3.931  1.00 16.15 ? 455 ALA A CA  1 
ATOM   885  C C   . ALA A 1 125 ? 14.666  5.393   -4.364  1.00 19.78 ? 455 ALA A C   1 
ATOM   886  O O   . ALA A 1 125 ? 15.358  6.017   -5.226  1.00 21.83 ? 455 ALA A O   1 
ATOM   887  C CB  . ALA A 1 125 ? 13.549  7.136   -2.969  1.00 16.49 ? 455 ALA A CB  1 
ATOM   888  N N   . LYS A 1 126 ? 14.960  4.163   -3.928  1.00 17.86 ? 456 LYS A N   1 
ATOM   889  C CA  . LYS A 1 126 ? 16.234  3.476   -4.305  1.00 19.41 ? 456 LYS A CA  1 
ATOM   890  C C   . LYS A 1 126 ? 15.995  2.564   -5.518  1.00 21.39 ? 456 LYS A C   1 
ATOM   891  O O   . LYS A 1 126 ? 16.864  1.770   -5.833  1.00 22.95 ? 456 LYS A O   1 
ATOM   892  C CB  . LYS A 1 126 ? 16.777  2.742   -3.077  1.00 22.94 ? 456 LYS A CB  1 
ATOM   893  C CG  . LYS A 1 126 ? 17.147  3.619   -1.872  1.00 24.45 ? 456 LYS A CG  1 
ATOM   894  C CD  . LYS A 1 126 ? 17.294  2.781   -0.613  1.00 30.38 ? 456 LYS A CD  1 
ATOM   895  C CE  . LYS A 1 126 ? 18.170  3.314   0.503   1.00 34.85 ? 456 LYS A CE  1 
ATOM   896  N NZ  . LYS A 1 126 ? 18.582  4.724   0.316   1.00 34.85 ? 456 LYS A NZ  1 
ATOM   897  N N   . MET A 1 127 ? 14.832  2.646   -6.148  1.00 19.80 ? 457 MET A N   1 
ATOM   898  C CA  . MET A 1 127 ? 14.543  1.810   -7.305  1.00 20.92 ? 457 MET A CA  1 
ATOM   899  C C   . MET A 1 127 ? 15.710  1.886   -8.285  1.00 26.11 ? 457 MET A C   1 
ATOM   900  O O   . MET A 1 127 ? 16.245  2.965   -8.513  1.00 21.93 ? 457 MET A O   1 
ATOM   901  C CB  . MET A 1 127 ? 13.257  2.288   -7.978  1.00 20.01 ? 457 MET A CB  1 
ATOM   902  C CG  . MET A 1 127 ? 12.753  1.401   -9.104  1.00 19.81 ? 457 MET A CG  1 
ATOM   903  S SD  . MET A 1 127 ? 12.076  -0.164  -8.529  1.00 20.65 ? 457 MET A SD  1 
ATOM   904  C CE  . MET A 1 127 ? 10.879  0.405   -7.326  1.00 20.53 ? 457 MET A CE  1 
ATOM   905  N N   . PRO A 1 128 ? 16.109  0.743   -8.869  1.00 24.25 ? 458 PRO A N   1 
ATOM   906  C CA  . PRO A 1 128 ? 17.225  0.806   -9.820  1.00 28.51 ? 458 PRO A CA  1 
ATOM   907  C C   . PRO A 1 128 ? 16.852  1.715   -10.984 1.00 27.32 ? 458 PRO A C   1 
ATOM   908  O O   . PRO A 1 128 ? 15.749  1.606   -11.509 1.00 26.37 ? 458 PRO A O   1 
ATOM   909  C CB  . PRO A 1 128 ? 17.372  -0.646  -10.300 1.00 28.10 ? 458 PRO A CB  1 
ATOM   910  C CG  . PRO A 1 128 ? 16.218  -1.402  -9.729  1.00 28.98 ? 458 PRO A CG  1 
ATOM   911  C CD  . PRO A 1 128 ? 15.733  -0.638  -8.540  1.00 25.94 ? 458 PRO A CD  1 
ATOM   912  N N   . ASP A 1 129 ? 17.763  2.606   -11.367 1.00 30.83 ? 459 ASP A N   1 
ATOM   913  C CA  . ASP A 1 129 ? 17.500  3.573   -12.433 1.00 36.69 ? 459 ASP A CA  1 
ATOM   914  C C   . ASP A 1 129 ? 18.066  3.290   -13.826 1.00 37.99 ? 459 ASP A C   1 
ATOM   915  O O   . ASP A 1 129 ? 17.862  4.089   -14.736 1.00 39.87 ? 459 ASP A O   1 
ATOM   916  C CB  . ASP A 1 129 ? 17.902  4.983   -11.984 1.00 36.46 ? 459 ASP A CB  1 
ATOM   917  C CG  . ASP A 1 129 ? 19.334  5.056   -11.490 1.00 43.55 ? 459 ASP A CG  1 
ATOM   918  O OD1 . ASP A 1 129 ? 20.084  4.076   -11.671 1.00 42.79 ? 459 ASP A OD1 1 
ATOM   919  O OD2 . ASP A 1 129 ? 19.709  6.099   -10.922 1.00 44.03 ? 459 ASP A OD2 1 
ATOM   920  N N   . GLU A 1 130 ? 18.766  2.175   -13.995 1.00 40.23 ? 460 GLU A N   1 
ATOM   921  C CA  . GLU A 1 130 ? 19.329  1.832   -15.301 1.00 46.55 ? 460 GLU A CA  1 
ATOM   922  C C   . GLU A 1 130 ? 19.608  0.339   -15.434 1.00 49.54 ? 460 GLU A C   1 
ATOM   923  O O   . GLU A 1 130 ? 19.338  -0.438  -14.520 1.00 51.40 ? 460 GLU A O   1 
ATOM   924  C CB  . GLU A 1 130 ? 20.604  2.634   -15.585 1.00 46.50 ? 460 GLU A CB  1 
ATOM   925  C CG  . GLU A 1 130 ? 21.789  2.263   -14.714 1.00 45.90 ? 460 GLU A CG  1 
ATOM   926  C CD  . GLU A 1 130 ? 23.056  2.990   -15.119 1.00 48.99 ? 460 GLU A CD  1 
ATOM   927  O OE1 . GLU A 1 130 ? 22.968  3.924   -15.939 1.00 54.75 ? 460 GLU A OE1 1 
ATOM   928  O OE2 . GLU A 1 130 ? 24.139  2.627   -14.624 1.00 41.75 ? 460 GLU A OE2 1 
HETATM 929  C C07 . 7QZ B 2 .   ? -7.036  1.606   6.034   1.00 19.68 ? 501 7QZ A C07 1 
HETATM 930  C C08 . 7QZ B 2 .   ? -8.930  -0.666  10.387  1.00 21.43 ? 501 7QZ A C08 1 
HETATM 931  C C09 . 7QZ B 2 .   ? -8.939  -2.051  10.024  1.00 20.93 ? 501 7QZ A C09 1 
HETATM 932  C C10 . 7QZ B 2 .   ? -9.020  -3.137  10.917  1.00 22.16 ? 501 7QZ A C10 1 
HETATM 933  C C11 . 7QZ B 2 .   ? -9.105  -2.880  12.330  1.00 24.12 ? 501 7QZ A C11 1 
HETATM 934  C C12 . 7QZ B 2 .   ? -9.104  -1.516  12.734  1.00 24.96 ? 501 7QZ A C12 1 
HETATM 935  C C13 . 7QZ B 2 .   ? -9.022  -0.467  11.765  1.00 23.44 ? 501 7QZ A C13 1 
HETATM 936  C C15 . 7QZ B 2 .   ? -9.251  -2.790  14.630  1.00 26.70 ? 501 7QZ A C15 1 
HETATM 937  C C16 . 7QZ B 2 .   ? -9.200  -3.658  13.552  1.00 23.34 ? 501 7QZ A C16 1 
HETATM 938  C C17 . 7QZ B 2 .   ? -9.243  -0.264  15.045  1.00 29.45 ? 501 7QZ A C17 1 
HETATM 939  C C18 . 7QZ B 2 .   ? -9.325  -0.794  16.489  1.00 30.60 ? 501 7QZ A C18 1 
HETATM 940  C C19 . 7QZ B 2 .   ? -7.997  0.702   14.885  1.00 27.21 ? 501 7QZ A C19 1 
HETATM 941  C C21 . 7QZ B 2 .   ? -5.833  1.065   14.050  1.00 30.17 ? 501 7QZ A C21 1 
HETATM 942  C C01 . 7QZ B 2 .   ? -8.821  2.740   7.451   1.00 17.45 ? 501 7QZ A C01 1 
HETATM 943  C C02 . 7QZ B 2 .   ? -9.747  2.771   8.606   1.00 18.01 ? 501 7QZ A C02 1 
HETATM 944  C C03 . 7QZ B 2 .   ? -9.708  1.697   9.472   1.00 18.42 ? 501 7QZ A C03 1 
HETATM 945  C C04 . 7QZ B 2 .   ? -8.846  0.512   9.312   1.00 19.05 ? 501 7QZ A C04 1 
HETATM 946  C C05 . 7QZ B 2 .   ? -8.005  0.523   8.196   1.00 18.96 ? 501 7QZ A C05 1 
HETATM 947  N N06 . 7QZ B 2 .   ? -7.964  1.599   7.259   1.00 19.75 ? 501 7QZ A N06 1 
HETATM 948  N N14 . 7QZ B 2 .   ? -9.178  -1.463  14.164  1.00 25.75 ? 501 7QZ A N14 1 
HETATM 949  N N20 . 7QZ B 2 .   ? -6.916  0.257   14.198  1.00 29.27 ? 501 7QZ A N20 1 
HETATM 950  C C22 . 7QZ B 2 .   ? -5.757  2.364   14.571  1.00 30.45 ? 501 7QZ A C22 1 
HETATM 951  C C23 . 7QZ B 2 .   ? -6.866  2.824   15.276  1.00 32.65 ? 501 7QZ A C23 1 
HETATM 952  C C24 . 7QZ B 2 .   ? -7.989  2.000   15.436  1.00 25.24 ? 501 7QZ A C24 1 
HETATM 953  C C25 . 7QZ B 2 .   ? -10.563 0.553   14.756  1.00 33.13 ? 501 7QZ A C25 1 
HETATM 954  C C26 . 7QZ B 2 .   ? -11.834 0.122   15.188  1.00 38.06 ? 501 7QZ A C26 1 
HETATM 955  C C27 . 7QZ B 2 .   ? -12.970 0.885   14.887  1.00 41.24 ? 501 7QZ A C27 1 
HETATM 956  C C28 . 7QZ B 2 .   ? -12.846 2.062   14.158  1.00 36.96 ? 501 7QZ A C28 1 
HETATM 957  C C29 . 7QZ B 2 .   ? -11.555 2.430   13.754  1.00 39.45 ? 501 7QZ A C29 1 
HETATM 958  N N30 . 7QZ B 2 .   ? -10.450 1.698   14.040  1.00 36.58 ? 501 7QZ A N30 1 
HETATM 959  N N31 . 7QZ B 2 .   ? -9.008  -4.469  10.341  1.00 23.31 ? 501 7QZ A N31 1 
HETATM 960  S S32 . 7QZ B 2 .   ? -9.472  -4.803  8.775   1.00 24.80 ? 501 7QZ A S32 1 
HETATM 961  C C33 . 7QZ B 2 .   ? -7.994  -4.593  7.692   1.00 23.32 ? 501 7QZ A C33 1 
HETATM 962  C C34 . 7QZ B 2 .   ? -6.794  -5.407  8.222   1.00 26.26 ? 501 7QZ A C34 1 
HETATM 963  F F35 . 7QZ B 2 .   ? -5.709  -5.253  7.454   1.00 24.21 ? 501 7QZ A F35 1 
HETATM 964  F F36 . 7QZ B 2 .   ? -6.365  -5.111  9.460   1.00 24.94 ? 501 7QZ A F36 1 
HETATM 965  F F37 . 7QZ B 2 .   ? -7.011  -6.736  8.295   1.00 24.96 ? 501 7QZ A F37 1 
HETATM 966  O O38 . 7QZ B 2 .   ? -10.403 -3.870  8.281   1.00 28.28 ? 501 7QZ A O38 1 
HETATM 967  O O39 . 7QZ B 2 .   ? -9.861  -6.148  8.661   1.00 28.66 ? 501 7QZ A O39 1 
HETATM 968  N N40 . 7QZ B 2 .   ? -10.551 3.950   8.751   1.00 19.31 ? 501 7QZ A N40 1 
HETATM 969  C C41 . 7QZ B 2 .   ? -11.414 4.265   9.853   1.00 21.82 ? 501 7QZ A C41 1 
HETATM 970  N N42 . 7QZ B 2 .   ? -12.168 5.463   9.943   1.00 19.78 ? 501 7QZ A N42 1 
HETATM 971  C C43 . 7QZ B 2 .   ? -13.038 5.849   11.005  1.00 23.77 ? 501 7QZ A C43 1 
HETATM 972  C C44 . 7QZ B 2 .   ? -13.683 5.010   11.945  1.00 28.65 ? 501 7QZ A C44 1 
HETATM 973  C C45 . 7QZ B 2 .   ? -14.506 5.525   12.961  1.00 27.26 ? 501 7QZ A C45 1 
HETATM 974  C C46 . 7QZ B 2 .   ? -14.714 6.904   13.078  1.00 27.26 ? 501 7QZ A C46 1 
HETATM 975  C C47 . 7QZ B 2 .   ? -14.094 7.762   12.183  1.00 29.26 ? 501 7QZ A C47 1 
HETATM 976  C C48 . 7QZ B 2 .   ? -13.270 7.214   11.177  1.00 28.45 ? 501 7QZ A C48 1 
HETATM 977  F F49 . 7QZ B 2 .   ? -12.677 8.026   10.322  1.00 31.14 ? 501 7QZ A F49 1 
HETATM 978  O O50 . 7QZ B 2 .   ? -11.557 3.468   10.756  1.00 23.71 ? 501 7QZ A O50 1 
HETATM 979  O O51 . 7QZ B 2 .   ? -8.770  3.643   6.636   1.00 18.81 ? 501 7QZ A O51 1 
HETATM 980  O O   . HOH C 3 .   ? 22.349  4.616   -11.445 1.00 37.26 ? 601 HOH A O   1 
HETATM 981  O O   . HOH C 3 .   ? -18.081 -5.753  13.746  1.00 38.30 ? 602 HOH A O   1 
HETATM 982  O O   . HOH C 3 .   ? 5.508   -9.170  -10.568 1.00 33.39 ? 603 HOH A O   1 
HETATM 983  O O   . HOH C 3 .   ? 13.199  0.337   5.824   1.00 27.65 ? 604 HOH A O   1 
HETATM 984  O O   . HOH C 3 .   ? 15.832  5.496   -8.610  1.00 26.56 ? 605 HOH A O   1 
HETATM 985  O O   . HOH C 3 .   ? 4.311   -5.190  8.827   1.00 16.79 ? 606 HOH A O   1 
HETATM 986  O O   . HOH C 3 .   ? -3.409  11.268  12.574  1.00 30.86 ? 607 HOH A O   1 
HETATM 987  O O   . HOH C 3 .   ? -10.735 -7.485  5.257   1.00 30.43 ? 608 HOH A O   1 
HETATM 988  O O   . HOH C 3 .   ? -8.671  3.805   3.906   1.00 17.20 ? 609 HOH A O   1 
HETATM 989  O O   . HOH C 3 .   ? -8.509  -6.531  11.850  1.00 30.86 ? 610 HOH A O   1 
HETATM 990  O O   . HOH C 3 .   ? -22.574 6.981   -3.528  1.00 26.75 ? 611 HOH A O   1 
HETATM 991  O O   . HOH C 3 .   ? -2.386  11.493  -1.625  1.00 18.55 ? 612 HOH A O   1 
HETATM 992  O O   . HOH C 3 .   ? -5.638  -0.421  -9.112  1.00 27.30 ? 613 HOH A O   1 
HETATM 993  O O   . HOH C 3 .   ? 10.854  -9.685  -11.600 1.00 34.01 ? 614 HOH A O   1 
HETATM 994  O O   . HOH C 3 .   ? 3.771   -7.338  -11.865 1.00 26.59 ? 615 HOH A O   1 
HETATM 995  O O   . HOH C 3 .   ? 7.430   -9.950  5.508   1.00 26.49 ? 616 HOH A O   1 
HETATM 996  O O   . HOH C 3 .   ? 3.429   5.519   -9.829  1.00 26.40 ? 617 HOH A O   1 
HETATM 997  O O   . HOH C 3 .   ? -20.828 2.779   1.157   1.00 28.29 ? 618 HOH A O   1 
HETATM 998  O O   . HOH C 3 .   ? -7.193  13.033  6.464   1.00 33.63 ? 619 HOH A O   1 
HETATM 999  O O   . HOH C 3 .   ? -6.911  -1.745  4.853   1.00 20.94 ? 620 HOH A O   1 
HETATM 1000 O O   . HOH C 3 .   ? -1.838  -13.783 -7.724  1.00 35.23 ? 621 HOH A O   1 
HETATM 1001 O O   . HOH C 3 .   ? 13.958  7.039   -7.307  1.00 30.87 ? 622 HOH A O   1 
HETATM 1002 O O   . HOH C 3 .   ? 2.836   -10.200 7.751   1.00 32.46 ? 623 HOH A O   1 
HETATM 1003 O O   . HOH C 3 .   ? -1.555  0.807   -10.655 1.00 30.57 ? 624 HOH A O   1 
HETATM 1004 O O   . HOH C 3 .   ? -8.743  -3.088  -0.777  1.00 20.35 ? 625 HOH A O   1 
HETATM 1005 O O   . HOH C 3 .   ? -3.910  -7.086  9.926   1.00 22.83 ? 626 HOH A O   1 
HETATM 1006 O O   . HOH C 3 .   ? 2.828   9.397   11.829  1.00 23.88 ? 627 HOH A O   1 
HETATM 1007 O O   . HOH C 3 .   ? -20.422 8.554   -4.098  1.00 30.30 ? 628 HOH A O   1 
HETATM 1008 O O   . HOH C 3 .   ? -6.393  2.644   2.879   1.00 20.89 ? 629 HOH A O   1 
HETATM 1009 O O   . HOH C 3 .   ? -8.624  1.257   0.855   1.00 17.62 ? 630 HOH A O   1 
HETATM 1010 O O   . HOH C 3 .   ? -3.411  2.661   -8.967  1.00 27.02 ? 631 HOH A O   1 
HETATM 1011 O O   . HOH C 3 .   ? -10.181 5.529   -4.460  1.00 19.58 ? 632 HOH A O   1 
HETATM 1012 O O   . HOH C 3 .   ? 12.532  2.360   4.123   1.00 19.33 ? 633 HOH A O   1 
HETATM 1013 O O   . HOH C 3 .   ? -7.471  7.845   -3.378  1.00 29.60 ? 634 HOH A O   1 
HETATM 1014 O O   . HOH C 3 .   ? -2.092  6.485   -6.790  1.00 24.28 ? 635 HOH A O   1 
HETATM 1015 O O   . HOH C 3 .   ? -7.957  7.810   16.264  1.00 28.70 ? 636 HOH A O   1 
HETATM 1016 O O   . HOH C 3 .   ? -2.176  8.609   -4.929  1.00 23.71 ? 637 HOH A O   1 
HETATM 1017 O O   . HOH C 3 .   ? 5.502   8.144   -8.997  1.00 30.59 ? 638 HOH A O   1 
HETATM 1018 O O   . HOH C 3 .   ? -12.444 -2.197  1.357   1.00 25.62 ? 639 HOH A O   1 
HETATM 1019 O O   . HOH C 3 .   ? 6.370   -2.655  14.661  1.00 24.05 ? 640 HOH A O   1 
HETATM 1020 O O   . HOH C 3 .   ? -6.292  0.012   2.996   1.00 22.41 ? 641 HOH A O   1 
HETATM 1021 O O   . HOH C 3 .   ? 11.612  5.705   -7.480  1.00 26.81 ? 642 HOH A O   1 
HETATM 1022 O O   . HOH C 3 .   ? 5.483   -11.793 4.618   1.00 27.86 ? 643 HOH A O   1 
HETATM 1023 O O   . HOH C 3 .   ? 7.428   10.526  -3.342  1.00 16.80 ? 644 HOH A O   1 
HETATM 1024 O O   . HOH C 3 .   ? 2.183   6.767   -7.822  1.00 19.75 ? 645 HOH A O   1 
HETATM 1025 O O   . HOH C 3 .   ? -2.156  -11.710 -1.022  1.00 36.15 ? 646 HOH A O   1 
HETATM 1026 O O   . HOH C 3 .   ? 24.522  5.075   -13.072 1.00 29.98 ? 647 HOH A O   1 
HETATM 1027 O O   . HOH C 3 .   ? 8.837   2.205   -13.666 1.00 29.63 ? 648 HOH A O   1 
HETATM 1028 O O   . HOH C 3 .   ? -9.324  -0.582  -6.628  1.00 35.85 ? 649 HOH A O   1 
HETATM 1029 O O   . HOH C 3 .   ? -19.427 1.423   2.500   1.00 25.69 ? 650 HOH A O   1 
HETATM 1030 O O   . HOH C 3 .   ? -11.970 7.722   -4.506  1.00 22.60 ? 651 HOH A O   1 
HETATM 1031 O O   . HOH C 3 .   ? -9.566  -1.523  1.274   1.00 20.93 ? 652 HOH A O   1 
HETATM 1032 O O   . HOH C 3 .   ? 25.156  4.798   -17.808 1.00 29.96 ? 653 HOH A O   1 
HETATM 1033 O O   . HOH C 3 .   ? 17.936  6.333   2.844   1.00 34.10 ? 654 HOH A O   1 
HETATM 1034 O O   . HOH C 3 .   ? -19.284 3.186   12.683  1.00 32.78 ? 655 HOH A O   1 
HETATM 1035 O O   . HOH C 3 .   ? 15.024  2.610   2.727   1.00 30.20 ? 656 HOH A O   1 
HETATM 1036 O O   . HOH C 3 .   ? 12.619  1.563   8.331   1.00 39.42 ? 657 HOH A O   1 
HETATM 1037 O O   . HOH C 3 .   ? 12.573  4.136   6.264   1.00 32.36 ? 658 HOH A O   1 
HETATM 1038 O O   . HOH C 3 .   ? -10.703 -4.398  -2.231  1.00 30.99 ? 659 HOH A O   1 
HETATM 1039 O O   . HOH C 3 .   ? -9.053  6.410   -6.684  1.00 34.13 ? 660 HOH A O   1 
HETATM 1040 O O   . HOH C 3 .   ? 16.094  0.309   2.471   1.00 36.40 ? 661 HOH A O   1 
HETATM 1041 O O   . HOH C 3 .   ? -5.889  -7.602  11.796  1.00 27.97 ? 662 HOH A O   1 
HETATM 1042 O O   . HOH C 3 .   ? -2.260  -8.597  11.487  1.00 30.75 ? 663 HOH A O   1 
# 
